data_4YGA
#
_entry.id   4YGA
#
_cell.length_a   76.920
_cell.length_b   91.067
_cell.length_c   106.641
_cell.angle_alpha   88.71
_cell.angle_beta   108.27
_cell.angle_gamma   90.26
#
_symmetry.space_group_name_H-M   'P 1'
#
loop_
_entity.id
_entity.type
_entity.pdbx_description
1 polymer 'Calmodulin-domain protein kinase 1'
2 polymer VHH-1B7
3 non-polymer 'CALCIUM ION'
#
loop_
_entity_poly.entity_id
_entity_poly.type
_entity_poly.pdbx_seq_one_letter_code
_entity_poly.pdbx_strand_id
1 'polypeptide(L)'
;MMGQQESTLGGAAGEPRSRGHAAGTSGGPGDHLHATPGMFVQHSTAIFSDRYKGQRVLGKGSFGEVILCKDKITGQECAV
KVISKRQVKQKTDKESLLREVQLLKQLDHPNIMKLYEFFEDKGYFYLVGEVYTGGELFDEIISRKRFSEVDAARIIRQVL
SGITYMHKNKIVHRDLKPENLLLESKSKDANIRIIDFGLSTHFEASKKMKDKIGTAYYIAPEVLHGTYDEKCDVWSTGVI
LYILLSGCPPFNGANEYDILKKVEKGKYTFELPQWKKVSESAKDLIRKMLTYVPSMRISARDALDHEWIQTYTKEQISVD
VPSLDNAILNIRQFQGTQKLAQAALLYMGSKLTSQDETKELTAIFHKMDKNGDGQLDRAELIEGYKELMRMKGQDASMLD
ASAVEHEVDQVLDAVDFDKNGYIEYSEFVTVAMDRKTLLSRERLERAFRMFDSDNSGKISSTELATIFGVSDVDSETWKS
VLSEVDKNNDGEVDFDEFQQMLLKLCGNLEHHHHHH
;
A,C,E,G
2 'polypeptide(L)'
;MQVQLVETGGGLVQPGESLRLSCVASGFTLDHSAVGWFRQVPGKEREKLLCINANGVSLDYADSIKGRFTISRDNAKNTV
YLQMNDLKPEDTATYSCAATREFCSAYVFLYEHWGQGTQVTVSSGGGLPETGGLEHHHHHH
;
B,D,F,H
#
loop_
_chem_comp.id
_chem_comp.type
_chem_comp.name
_chem_comp.formula
CA non-polymer 'CALCIUM ION' 'Ca 2'
#
# COMPACT_ATOMS: atom_id res chain seq x y z
N ALA A 46 -36.43 23.05 -21.12
CA ALA A 46 -35.79 21.77 -21.43
C ALA A 46 -36.44 21.11 -22.64
N ILE A 47 -35.99 21.51 -23.83
CA ILE A 47 -36.54 20.98 -25.07
C ILE A 47 -35.40 20.53 -26.00
N PHE A 48 -35.64 19.47 -26.76
CA PHE A 48 -34.61 18.84 -27.57
C PHE A 48 -34.30 19.58 -28.87
N SER A 49 -35.34 19.85 -29.66
CA SER A 49 -35.18 20.40 -31.00
C SER A 49 -34.41 21.73 -31.01
N ASP A 50 -34.61 22.54 -29.98
CA ASP A 50 -33.91 23.82 -29.88
C ASP A 50 -32.49 23.64 -29.38
N ARG A 51 -32.24 22.52 -28.70
CA ARG A 51 -30.94 22.24 -28.12
C ARG A 51 -30.02 21.46 -29.05
N TYR A 52 -30.58 20.47 -29.75
CA TYR A 52 -29.78 19.63 -30.62
C TYR A 52 -30.43 19.48 -32.00
N LYS A 53 -29.64 19.11 -32.99
CA LYS A 53 -30.15 18.87 -34.33
C LYS A 53 -29.86 17.45 -34.77
N GLY A 54 -30.88 16.77 -35.29
CA GLY A 54 -30.73 15.38 -35.70
C GLY A 54 -30.30 15.24 -37.15
N GLN A 55 -29.54 14.19 -37.43
CA GLN A 55 -29.08 13.91 -38.79
C GLN A 55 -29.39 12.48 -39.21
N ARG A 56 -28.46 11.57 -38.97
CA ARG A 56 -28.58 10.20 -39.46
C ARG A 56 -28.46 9.18 -38.33
N VAL A 57 -29.07 8.02 -38.52
CA VAL A 57 -29.03 6.94 -37.55
C VAL A 57 -27.62 6.37 -37.46
N LEU A 58 -27.19 6.03 -36.25
CA LEU A 58 -25.81 5.58 -36.02
C LEU A 58 -25.73 4.09 -35.71
N GLY A 59 -26.34 3.67 -34.60
CA GLY A 59 -26.26 2.28 -34.18
C GLY A 59 -27.53 1.73 -33.58
N LYS A 60 -27.54 0.43 -33.31
CA LYS A 60 -28.71 -0.25 -32.76
C LYS A 60 -28.54 -0.58 -31.28
N GLY A 61 -29.49 -0.13 -30.47
CA GLY A 61 -29.48 -0.39 -29.04
C GLY A 61 -30.72 -1.15 -28.61
N SER A 62 -30.61 -1.93 -27.54
CA SER A 62 -31.71 -2.74 -27.04
C SER A 62 -32.91 -1.91 -26.60
N PHE A 63 -32.64 -0.84 -25.87
CA PHE A 63 -33.70 0.02 -25.34
C PHE A 63 -34.17 1.05 -26.37
N GLY A 64 -33.22 1.57 -27.15
CA GLY A 64 -33.54 2.58 -28.12
C GLY A 64 -32.54 2.65 -29.26
N GLU A 65 -32.77 3.57 -30.21
CA GLU A 65 -31.88 3.67 -31.37
C GLU A 65 -30.92 4.86 -31.28
N VAL A 66 -29.67 4.62 -31.63
CA VAL A 66 -28.64 5.66 -31.56
C VAL A 66 -28.66 6.48 -32.85
N ILE A 67 -28.58 7.80 -32.69
CA ILE A 67 -28.57 8.72 -33.83
C ILE A 67 -27.49 9.77 -33.63
N LEU A 68 -26.75 10.07 -34.69
CA LEU A 68 -25.76 11.13 -34.63
C LEU A 68 -26.46 12.48 -34.71
N CYS A 69 -26.04 13.41 -33.85
CA CYS A 69 -26.68 14.71 -33.76
C CYS A 69 -25.65 15.83 -33.72
N LYS A 70 -26.07 17.01 -34.17
CA LYS A 70 -25.23 18.19 -34.11
C LYS A 70 -25.87 19.22 -33.18
N ASP A 71 -25.05 19.98 -32.47
CA ASP A 71 -25.55 20.95 -31.51
C ASP A 71 -25.71 22.33 -32.14
N LYS A 72 -26.69 23.07 -31.64
CA LYS A 72 -27.03 24.38 -32.17
C LYS A 72 -25.98 25.40 -31.77
N ILE A 73 -25.96 25.73 -30.48
CA ILE A 73 -25.14 26.83 -29.98
C ILE A 73 -23.67 26.48 -29.76
N THR A 74 -23.41 25.30 -29.19
CA THR A 74 -22.04 24.89 -28.92
C THR A 74 -21.34 24.38 -30.19
N GLY A 75 -22.14 23.92 -31.15
CA GLY A 75 -21.61 23.46 -32.42
C GLY A 75 -20.73 22.23 -32.29
N GLN A 76 -21.22 21.23 -31.55
CA GLN A 76 -20.49 19.99 -31.35
C GLN A 76 -21.36 18.80 -31.75
N GLU A 77 -20.71 17.70 -32.13
CA GLU A 77 -21.45 16.48 -32.46
C GLU A 77 -21.60 15.58 -31.24
N CYS A 78 -22.80 15.05 -31.04
CA CYS A 78 -23.09 14.15 -29.94
C CYS A 78 -23.89 12.95 -30.42
N ALA A 79 -24.06 11.96 -29.56
CA ALA A 79 -24.84 10.77 -29.89
C ALA A 79 -26.08 10.70 -29.00
N VAL A 80 -27.25 10.56 -29.63
CA VAL A 80 -28.50 10.51 -28.88
C VAL A 80 -29.18 9.14 -28.97
N LYS A 81 -29.49 8.57 -27.81
CA LYS A 81 -30.28 7.34 -27.76
C LYS A 81 -31.75 7.70 -27.66
N VAL A 82 -32.53 7.26 -28.65
CA VAL A 82 -33.95 7.57 -28.65
C VAL A 82 -34.75 6.36 -28.20
N ILE A 83 -35.47 6.54 -27.10
CA ILE A 83 -36.22 5.49 -26.44
C ILE A 83 -37.71 5.78 -26.60
N SER A 84 -38.52 4.78 -26.95
CA SER A 84 -39.95 5.02 -27.16
C SER A 84 -40.81 4.58 -25.98
N LYS A 85 -41.61 5.49 -25.44
CA LYS A 85 -42.51 5.19 -24.33
C LYS A 85 -43.52 4.10 -24.71
N ARG A 86 -43.93 4.09 -25.98
CA ARG A 86 -44.85 3.09 -26.45
C ARG A 86 -44.18 1.73 -26.62
N GLN A 87 -42.94 1.71 -27.10
CA GLN A 87 -42.26 0.46 -27.41
C GLN A 87 -41.75 -0.22 -26.13
N VAL A 88 -41.21 0.56 -25.20
CA VAL A 88 -40.62 0.02 -23.98
C VAL A 88 -41.33 0.45 -22.69
N LYS A 89 -41.34 -0.44 -21.70
CA LYS A 89 -41.94 -0.14 -20.40
C LYS A 89 -40.94 0.47 -19.41
N GLN A 90 -41.43 1.41 -18.61
CA GLN A 90 -40.64 2.02 -17.55
C GLN A 90 -40.91 1.36 -16.20
N LYS A 91 -39.89 0.76 -15.60
CA LYS A 91 -40.08 0.00 -14.37
C LYS A 91 -40.33 0.91 -13.17
N THR A 92 -39.52 1.95 -13.03
CA THR A 92 -39.65 2.86 -11.90
C THR A 92 -40.50 4.06 -12.27
N ASP A 93 -40.92 4.81 -11.26
CA ASP A 93 -41.64 6.05 -11.48
C ASP A 93 -40.74 7.11 -12.11
N LYS A 94 -41.36 8.14 -12.67
CA LYS A 94 -40.68 9.16 -13.45
C LYS A 94 -39.61 9.91 -12.65
N GLU A 95 -39.95 10.34 -11.45
CA GLU A 95 -39.04 11.13 -10.62
C GLU A 95 -37.76 10.35 -10.29
N SER A 96 -37.90 9.05 -10.09
CA SER A 96 -36.75 8.19 -9.81
C SER A 96 -35.81 8.15 -11.00
N LEU A 97 -36.39 8.02 -12.19
CA LEU A 97 -35.62 8.00 -13.42
C LEU A 97 -34.87 9.30 -13.60
N LEU A 98 -35.57 10.41 -13.41
CA LEU A 98 -34.97 11.73 -13.54
C LEU A 98 -33.84 11.94 -12.53
N ARG A 99 -34.01 11.43 -11.31
CA ARG A 99 -32.98 11.53 -10.29
C ARG A 99 -31.74 10.74 -10.69
N GLU A 100 -31.96 9.51 -11.14
CA GLU A 100 -30.86 8.65 -11.58
C GLU A 100 -30.10 9.30 -12.73
N VAL A 101 -30.84 9.87 -13.67
CA VAL A 101 -30.24 10.56 -14.79
C VAL A 101 -29.41 11.77 -14.33
N GLN A 102 -29.94 12.52 -13.35
CA GLN A 102 -29.20 13.67 -12.82
C GLN A 102 -27.88 13.23 -12.21
N LEU A 103 -27.94 12.17 -11.39
CA LEU A 103 -26.74 11.60 -10.79
C LEU A 103 -25.75 11.18 -11.87
N LEU A 104 -26.26 10.58 -12.94
CA LEU A 104 -25.43 10.17 -14.07
C LEU A 104 -24.74 11.36 -14.73
N LYS A 105 -25.49 12.45 -14.89
CA LYS A 105 -24.96 13.67 -15.49
C LYS A 105 -23.88 14.27 -14.60
N GLN A 106 -23.95 13.96 -13.30
CA GLN A 106 -22.93 14.46 -12.37
C GLN A 106 -21.61 13.69 -12.48
N LEU A 107 -21.65 12.49 -13.05
CA LEU A 107 -20.51 11.58 -13.04
C LEU A 107 -19.55 11.71 -14.21
N ASP A 108 -18.29 11.33 -13.99
CA ASP A 108 -17.26 11.36 -15.04
C ASP A 108 -16.14 10.33 -14.78
N HIS A 109 -15.90 9.47 -15.76
CA HIS A 109 -14.80 8.51 -15.71
C HIS A 109 -14.39 8.13 -17.13
N PRO A 110 -13.07 7.96 -17.37
CA PRO A 110 -12.54 7.65 -18.70
C PRO A 110 -13.09 6.37 -19.32
N ASN A 111 -13.66 5.47 -18.52
CA ASN A 111 -14.13 4.19 -19.04
C ASN A 111 -15.66 4.05 -19.05
N ILE A 112 -16.37 5.16 -18.90
CA ILE A 112 -17.82 5.14 -19.00
C ILE A 112 -18.31 6.20 -19.97
N MET A 113 -19.48 5.96 -20.57
CA MET A 113 -20.05 6.92 -21.50
C MET A 113 -20.57 8.14 -20.75
N LYS A 114 -19.94 9.29 -21.00
CA LYS A 114 -20.36 10.54 -20.38
C LYS A 114 -21.75 10.95 -20.87
N LEU A 115 -22.63 11.27 -19.93
CA LEU A 115 -24.00 11.64 -20.28
C LEU A 115 -24.18 13.14 -20.10
N TYR A 116 -24.41 13.84 -21.21
CA TYR A 116 -24.53 15.29 -21.21
C TYR A 116 -25.92 15.76 -20.81
N GLU A 117 -26.92 15.40 -21.60
CA GLU A 117 -28.27 15.90 -21.39
C GLU A 117 -29.29 14.78 -21.46
N PHE A 118 -30.50 15.10 -21.03
CA PHE A 118 -31.61 14.16 -21.09
C PHE A 118 -32.86 14.93 -21.46
N PHE A 119 -33.61 14.43 -22.44
CA PHE A 119 -34.79 15.14 -22.89
C PHE A 119 -36.00 14.22 -22.88
N GLU A 120 -37.10 14.77 -22.38
CA GLU A 120 -38.35 14.04 -22.31
C GLU A 120 -39.33 14.69 -23.27
N ASP A 121 -39.73 13.92 -24.27
CA ASP A 121 -40.70 14.40 -25.25
C ASP A 121 -42.04 13.74 -24.94
N LYS A 122 -43.11 14.36 -25.39
CA LYS A 122 -44.46 13.84 -25.16
C LYS A 122 -44.56 12.39 -25.63
N GLY A 123 -43.86 12.08 -26.71
CA GLY A 123 -43.85 10.73 -27.24
C GLY A 123 -42.62 9.89 -26.87
N TYR A 124 -41.45 10.54 -26.80
CA TYR A 124 -40.19 9.81 -26.70
C TYR A 124 -39.23 10.34 -25.64
N PHE A 125 -38.20 9.54 -25.34
CA PHE A 125 -37.08 9.92 -24.50
C PHE A 125 -35.81 10.10 -25.32
N TYR A 126 -35.06 11.15 -25.04
CA TYR A 126 -33.80 11.37 -25.73
C TYR A 126 -32.66 11.43 -24.72
N LEU A 127 -31.73 10.50 -24.83
CA LEU A 127 -30.60 10.42 -23.90
C LEU A 127 -29.30 10.78 -24.62
N VAL A 128 -28.78 11.97 -24.31
CA VAL A 128 -27.66 12.53 -25.05
C VAL A 128 -26.30 12.32 -24.37
N GLY A 129 -25.35 11.80 -25.14
CA GLY A 129 -24.00 11.57 -24.63
C GLY A 129 -22.97 11.83 -25.71
N GLU A 130 -21.71 11.56 -25.42
CA GLU A 130 -20.62 11.79 -26.38
C GLU A 130 -20.61 10.74 -27.49
N VAL A 131 -19.95 11.06 -28.61
CA VAL A 131 -19.92 10.17 -29.77
C VAL A 131 -18.87 9.07 -29.71
N TYR A 132 -19.13 7.99 -30.45
CA TYR A 132 -18.21 6.87 -30.55
C TYR A 132 -18.12 6.37 -31.99
N THR A 133 -16.90 6.35 -32.52
CA THR A 133 -16.68 5.98 -33.92
C THR A 133 -15.96 4.64 -34.04
N GLY A 134 -15.28 4.22 -32.98
CA GLY A 134 -14.44 3.03 -33.02
C GLY A 134 -15.19 1.71 -33.13
N GLY A 135 -16.46 1.70 -32.76
CA GLY A 135 -17.26 0.50 -32.83
C GLY A 135 -17.01 -0.46 -31.68
N GLU A 136 -17.71 -1.60 -31.71
CA GLU A 136 -17.63 -2.59 -30.65
C GLU A 136 -16.25 -3.25 -30.56
N LEU A 137 -15.89 -3.67 -29.36
CA LEU A 137 -14.54 -4.16 -29.05
C LEU A 137 -14.15 -5.44 -29.79
N PHE A 138 -15.04 -6.43 -29.77
CA PHE A 138 -14.76 -7.75 -30.33
C PHE A 138 -14.42 -7.68 -31.82
N ASP A 139 -15.06 -6.75 -32.53
CA ASP A 139 -14.78 -6.53 -33.94
C ASP A 139 -13.33 -6.08 -34.12
N GLU A 140 -12.90 -5.17 -33.25
CA GLU A 140 -11.52 -4.69 -33.29
C GLU A 140 -10.55 -5.81 -32.93
N ILE A 141 -10.98 -6.70 -32.03
CA ILE A 141 -10.14 -7.83 -31.63
C ILE A 141 -9.91 -8.76 -32.81
N ILE A 142 -11.00 -9.15 -33.48
CA ILE A 142 -10.89 -10.07 -34.60
C ILE A 142 -10.24 -9.40 -35.81
N SER A 143 -10.24 -8.07 -35.83
CA SER A 143 -9.57 -7.34 -36.91
C SER A 143 -8.05 -7.58 -36.87
N ARG A 144 -7.48 -7.68 -35.67
CA ARG A 144 -6.04 -7.86 -35.51
C ARG A 144 -5.57 -9.32 -35.61
N LYS A 145 -4.27 -9.50 -35.86
CA LYS A 145 -3.68 -10.82 -36.03
C LYS A 145 -3.30 -11.53 -34.72
N ARG A 146 -2.76 -10.79 -33.77
CA ARG A 146 -2.31 -11.37 -32.49
C ARG A 146 -3.13 -10.91 -31.29
N PHE A 147 -3.54 -11.89 -30.47
CA PHE A 147 -4.28 -11.61 -29.26
C PHE A 147 -3.75 -12.48 -28.10
N SER A 148 -3.14 -11.83 -27.12
CA SER A 148 -2.53 -12.54 -26.00
C SER A 148 -3.27 -12.24 -24.70
N GLU A 149 -2.88 -12.92 -23.62
CA GLU A 149 -3.48 -12.70 -22.32
C GLU A 149 -3.24 -11.28 -21.80
N VAL A 150 -2.18 -10.65 -22.30
CA VAL A 150 -1.87 -9.27 -21.95
C VAL A 150 -2.95 -8.30 -22.42
N ASP A 151 -3.33 -8.43 -23.69
CA ASP A 151 -4.35 -7.58 -24.28
C ASP A 151 -5.68 -7.71 -23.53
N ALA A 152 -6.06 -8.96 -23.28
CA ALA A 152 -7.28 -9.25 -22.53
C ALA A 152 -7.20 -8.67 -21.12
N ALA A 153 -6.01 -8.73 -20.53
CA ALA A 153 -5.78 -8.18 -19.20
C ALA A 153 -5.97 -6.66 -19.18
N ARG A 154 -5.49 -5.99 -20.22
CA ARG A 154 -5.68 -4.55 -20.34
C ARG A 154 -7.15 -4.21 -20.50
N ILE A 155 -7.82 -4.93 -21.40
CA ILE A 155 -9.25 -4.74 -21.66
C ILE A 155 -10.06 -4.86 -20.37
N ILE A 156 -9.89 -6.00 -19.69
CA ILE A 156 -10.59 -6.26 -18.44
C ILE A 156 -10.20 -5.24 -17.37
N ARG A 157 -8.96 -4.75 -17.41
CA ARG A 157 -8.56 -3.72 -16.46
C ARG A 157 -9.37 -2.45 -16.66
N GLN A 158 -9.49 -2.03 -17.91
CA GLN A 158 -10.29 -0.85 -18.24
C GLN A 158 -11.74 -1.03 -17.80
N VAL A 159 -12.31 -2.17 -18.17
CA VAL A 159 -13.69 -2.49 -17.82
C VAL A 159 -13.91 -2.43 -16.32
N LEU A 160 -13.08 -3.14 -15.56
CA LEU A 160 -13.18 -3.19 -14.11
C LEU A 160 -12.92 -1.86 -13.44
N SER A 161 -12.09 -1.03 -14.07
CA SER A 161 -11.86 0.33 -13.57
C SER A 161 -13.14 1.13 -13.65
N GLY A 162 -13.75 1.12 -14.84
CA GLY A 162 -15.03 1.80 -15.03
C GLY A 162 -16.09 1.30 -14.06
N ILE A 163 -16.18 -0.03 -13.96
CA ILE A 163 -17.14 -0.67 -13.07
C ILE A 163 -16.92 -0.25 -11.63
N THR A 164 -15.66 -0.22 -11.21
CA THR A 164 -15.30 0.18 -9.85
C THR A 164 -15.73 1.62 -9.58
N TYR A 165 -15.48 2.51 -10.54
CA TYR A 165 -15.91 3.90 -10.39
C TYR A 165 -17.43 3.98 -10.23
N MET A 166 -18.15 3.28 -11.10
CA MET A 166 -19.62 3.34 -11.08
C MET A 166 -20.20 2.75 -9.80
N HIS A 167 -19.57 1.70 -9.28
CA HIS A 167 -19.98 1.08 -8.02
C HIS A 167 -19.68 2.01 -6.85
N LYS A 168 -18.61 2.78 -6.98
CA LYS A 168 -18.26 3.77 -5.97
C LYS A 168 -19.40 4.80 -5.84
N ASN A 169 -20.08 5.05 -6.95
CA ASN A 169 -21.23 5.94 -6.93
C ASN A 169 -22.56 5.19 -6.88
N LYS A 170 -22.49 3.93 -6.44
CA LYS A 170 -23.69 3.12 -6.16
C LYS A 170 -24.59 2.95 -7.38
N ILE A 171 -23.99 2.63 -8.53
CA ILE A 171 -24.77 2.42 -9.76
C ILE A 171 -24.51 1.04 -10.35
N VAL A 172 -25.57 0.37 -10.77
CA VAL A 172 -25.48 -0.99 -11.29
C VAL A 172 -25.95 -1.08 -12.75
N HIS A 173 -25.18 -1.78 -13.57
CA HIS A 173 -25.50 -1.96 -14.99
C HIS A 173 -26.52 -3.07 -15.23
N ARG A 174 -26.38 -4.17 -14.48
CA ARG A 174 -27.17 -5.40 -14.66
C ARG A 174 -26.96 -6.06 -16.01
N ASP A 175 -27.29 -5.34 -17.09
CA ASP A 175 -27.18 -5.88 -18.43
C ASP A 175 -25.85 -5.49 -19.06
N LEU A 176 -24.84 -6.30 -18.84
CA LEU A 176 -23.50 -6.01 -19.33
C LEU A 176 -23.12 -6.99 -20.44
N LYS A 177 -22.77 -6.44 -21.60
CA LYS A 177 -22.50 -7.21 -22.81
C LYS A 177 -21.29 -6.63 -23.50
N PRO A 178 -20.63 -7.43 -24.37
CA PRO A 178 -19.55 -6.89 -25.19
C PRO A 178 -20.01 -5.75 -26.09
N GLU A 179 -21.27 -5.80 -26.54
CA GLU A 179 -21.82 -4.74 -27.38
C GLU A 179 -21.81 -3.40 -26.64
N ASN A 180 -22.02 -3.43 -25.32
CA ASN A 180 -22.03 -2.21 -24.52
C ASN A 180 -20.63 -1.64 -24.34
N LEU A 181 -19.62 -2.44 -24.68
CA LEU A 181 -18.24 -1.99 -24.67
C LEU A 181 -17.89 -1.40 -26.03
N LEU A 182 -17.68 -0.09 -26.09
CA LEU A 182 -17.34 0.55 -27.35
C LEU A 182 -15.95 1.16 -27.32
N LEU A 183 -15.44 1.50 -28.50
CA LEU A 183 -14.19 2.23 -28.59
C LEU A 183 -14.49 3.64 -29.07
N GLU A 184 -13.97 4.62 -28.34
CA GLU A 184 -14.27 6.02 -28.62
C GLU A 184 -13.71 6.46 -29.97
N SER A 185 -12.59 5.87 -30.39
CA SER A 185 -11.97 6.22 -31.66
C SER A 185 -11.47 4.98 -32.37
N LYS A 186 -11.25 5.11 -33.67
CA LYS A 186 -10.73 4.00 -34.46
C LYS A 186 -9.23 3.79 -34.26
N SER A 187 -8.57 4.76 -33.64
CA SER A 187 -7.14 4.64 -33.36
C SER A 187 -6.85 3.39 -32.55
N LYS A 188 -5.78 2.69 -32.91
CA LYS A 188 -5.40 1.45 -32.24
C LYS A 188 -5.00 1.69 -30.78
N ASP A 189 -5.36 0.72 -29.93
CA ASP A 189 -5.03 0.72 -28.50
C ASP A 189 -5.66 1.88 -27.73
N ALA A 190 -6.72 2.46 -28.28
CA ALA A 190 -7.50 3.46 -27.57
C ALA A 190 -8.28 2.75 -26.47
N ASN A 191 -8.64 3.46 -25.41
CA ASN A 191 -9.31 2.80 -24.29
C ASN A 191 -10.81 2.62 -24.53
N ILE A 192 -11.40 1.71 -23.76
CA ILE A 192 -12.80 1.35 -23.91
C ILE A 192 -13.74 2.22 -23.07
N ARG A 193 -14.93 2.49 -23.62
CA ARG A 193 -15.99 3.15 -22.86
C ARG A 193 -17.27 2.32 -22.86
N ILE A 194 -17.80 2.10 -21.66
CA ILE A 194 -19.03 1.34 -21.47
C ILE A 194 -20.26 2.24 -21.61
N ILE A 195 -21.30 1.71 -22.23
CA ILE A 195 -22.51 2.49 -22.51
C ILE A 195 -23.75 1.85 -21.88
N ASP A 196 -24.80 2.64 -21.76
CA ASP A 196 -26.11 2.20 -21.23
C ASP A 196 -26.00 1.80 -19.75
N PHE A 197 -25.05 2.42 -19.05
CA PHE A 197 -24.84 2.16 -17.64
C PHE A 197 -25.99 2.69 -16.77
N GLY A 198 -26.62 1.81 -16.00
CA GLY A 198 -27.64 2.20 -15.05
C GLY A 198 -29.01 2.50 -15.65
N LEU A 199 -29.18 2.17 -16.92
CA LEU A 199 -30.45 2.38 -17.61
C LEU A 199 -31.40 1.18 -17.46
N SER A 200 -30.82 0.00 -17.29
CA SER A 200 -31.58 -1.25 -17.23
C SER A 200 -32.55 -1.31 -16.05
N THR A 201 -32.19 -0.63 -14.96
CA THR A 201 -33.02 -0.64 -13.75
C THR A 201 -34.36 0.05 -14.01
N HIS A 202 -34.39 0.98 -14.94
CA HIS A 202 -35.59 1.75 -15.22
C HIS A 202 -36.39 1.23 -16.42
N PHE A 203 -35.71 0.62 -17.38
CA PHE A 203 -36.37 0.16 -18.60
C PHE A 203 -36.28 -1.35 -18.80
N GLU A 204 -37.35 -1.95 -19.33
CA GLU A 204 -37.32 -3.34 -19.75
C GLU A 204 -37.79 -3.46 -21.20
N ALA A 205 -36.91 -3.95 -22.07
CA ALA A 205 -37.20 -4.00 -23.50
C ALA A 205 -38.22 -5.07 -23.85
N SER A 206 -38.79 -4.97 -25.04
CA SER A 206 -39.74 -5.96 -25.54
C SER A 206 -39.44 -6.32 -26.98
N LYS A 207 -38.49 -7.24 -27.17
CA LYS A 207 -38.09 -7.66 -28.51
C LYS A 207 -37.79 -9.16 -28.56
N LYS A 212 -34.56 -11.91 -28.50
CA LYS A 212 -34.14 -11.65 -27.13
C LYS A 212 -33.04 -12.63 -26.70
N ILE A 213 -32.33 -13.17 -27.68
CA ILE A 213 -31.22 -14.08 -27.42
C ILE A 213 -29.84 -13.45 -27.65
N GLY A 214 -29.11 -13.24 -26.57
CA GLY A 214 -27.77 -12.69 -26.61
C GLY A 214 -27.51 -11.82 -25.40
N THR A 215 -28.42 -11.94 -24.44
CA THR A 215 -28.28 -11.32 -23.13
C THR A 215 -28.23 -12.42 -22.08
N ALA A 216 -28.61 -13.63 -22.51
CA ALA A 216 -28.66 -14.79 -21.63
C ALA A 216 -27.26 -15.32 -21.29
N TYR A 217 -26.31 -15.07 -22.19
CA TYR A 217 -24.93 -15.49 -21.96
C TYR A 217 -24.35 -14.82 -20.72
N TYR A 218 -24.68 -13.54 -20.54
CA TYR A 218 -23.99 -12.69 -19.59
C TYR A 218 -24.80 -12.35 -18.36
N ILE A 219 -26.08 -12.72 -18.34
CA ILE A 219 -26.94 -12.37 -17.22
C ILE A 219 -26.56 -13.21 -16.00
N ALA A 220 -26.69 -12.61 -14.81
CA ALA A 220 -26.28 -13.27 -13.58
C ALA A 220 -27.44 -14.07 -12.97
N PRO A 221 -27.11 -15.17 -12.28
CA PRO A 221 -28.14 -16.04 -11.67
C PRO A 221 -29.07 -15.28 -10.73
N GLU A 222 -28.52 -14.39 -9.91
CA GLU A 222 -29.35 -13.64 -8.96
C GLU A 222 -30.32 -12.72 -9.70
N VAL A 223 -29.87 -12.17 -10.82
CA VAL A 223 -30.73 -11.36 -11.67
C VAL A 223 -31.87 -12.21 -12.21
N LEU A 224 -31.56 -13.44 -12.59
CA LEU A 224 -32.56 -14.38 -13.09
C LEU A 224 -33.56 -14.78 -12.01
N HIS A 225 -33.11 -14.82 -10.75
CA HIS A 225 -33.97 -15.25 -9.67
C HIS A 225 -34.73 -14.09 -9.02
N GLY A 226 -34.33 -12.86 -9.36
CA GLY A 226 -35.03 -11.70 -8.84
C GLY A 226 -34.09 -10.59 -8.38
N THR A 227 -34.21 -10.24 -7.10
CA THR A 227 -33.39 -9.17 -6.51
C THR A 227 -31.90 -9.46 -6.65
N TYR A 228 -31.11 -8.39 -6.76
CA TYR A 228 -29.68 -8.51 -6.99
C TYR A 228 -28.93 -7.25 -6.56
N ASP A 229 -27.60 -7.33 -6.52
CA ASP A 229 -26.78 -6.17 -6.26
C ASP A 229 -25.75 -5.95 -7.37
N GLU A 230 -24.75 -5.12 -7.11
CA GLU A 230 -23.78 -4.73 -8.12
C GLU A 230 -22.89 -5.87 -8.60
N LYS A 231 -22.70 -6.86 -7.74
CA LYS A 231 -21.80 -7.98 -8.02
C LYS A 231 -22.21 -8.77 -9.26
N CYS A 232 -23.48 -8.67 -9.63
CA CYS A 232 -23.97 -9.31 -10.84
C CYS A 232 -23.13 -8.87 -12.04
N ASP A 233 -22.81 -7.58 -12.08
CA ASP A 233 -21.96 -7.03 -13.13
C ASP A 233 -20.66 -7.81 -13.21
N VAL A 234 -20.05 -8.05 -12.06
CA VAL A 234 -18.81 -8.81 -12.00
C VAL A 234 -18.99 -10.14 -12.72
N TRP A 235 -20.06 -10.85 -12.37
CA TRP A 235 -20.38 -12.14 -12.99
C TRP A 235 -20.37 -11.96 -14.49
N SER A 236 -21.09 -10.94 -14.96
CA SER A 236 -21.19 -10.66 -16.38
C SER A 236 -19.79 -10.48 -16.95
N THR A 237 -18.99 -9.63 -16.30
CA THR A 237 -17.64 -9.37 -16.74
C THR A 237 -16.88 -10.68 -16.85
N GLY A 238 -17.05 -11.52 -15.83
CA GLY A 238 -16.43 -12.82 -15.80
C GLY A 238 -16.72 -13.57 -17.08
N VAL A 239 -18.00 -13.65 -17.44
CA VAL A 239 -18.41 -14.35 -18.65
C VAL A 239 -17.64 -13.81 -19.85
N ILE A 240 -17.61 -12.48 -19.97
CA ILE A 240 -16.89 -11.87 -21.08
C ILE A 240 -15.44 -12.33 -21.08
N LEU A 241 -14.81 -12.25 -19.91
CA LEU A 241 -13.42 -12.65 -19.79
C LEU A 241 -13.25 -14.07 -20.27
N TYR A 242 -14.18 -14.93 -19.87
CA TYR A 242 -14.13 -16.33 -20.27
C TYR A 242 -14.05 -16.40 -21.78
N ILE A 243 -15.01 -15.73 -22.44
CA ILE A 243 -15.06 -15.72 -23.88
C ILE A 243 -13.75 -15.18 -24.43
N LEU A 244 -13.26 -14.11 -23.81
CA LEU A 244 -12.04 -13.45 -24.27
C LEU A 244 -10.86 -14.41 -24.35
N LEU A 245 -10.91 -15.47 -23.55
CA LEU A 245 -9.80 -16.41 -23.51
C LEU A 245 -10.09 -17.70 -24.29
N SER A 246 -11.35 -17.94 -24.62
CA SER A 246 -11.71 -19.19 -25.27
C SER A 246 -12.53 -19.00 -26.55
N GLY A 247 -13.18 -17.84 -26.67
CA GLY A 247 -14.02 -17.55 -27.82
C GLY A 247 -15.36 -18.25 -27.77
N CYS A 248 -15.66 -18.88 -26.64
CA CYS A 248 -16.93 -19.57 -26.45
C CYS A 248 -17.53 -19.17 -25.11
N PRO A 249 -18.86 -19.06 -25.04
CA PRO A 249 -19.57 -18.76 -23.80
C PRO A 249 -19.46 -19.90 -22.79
N PRO A 250 -19.22 -19.57 -21.51
CA PRO A 250 -19.11 -20.61 -20.47
C PRO A 250 -20.43 -21.34 -20.29
N PHE A 251 -21.54 -20.61 -20.36
CA PHE A 251 -22.86 -21.23 -20.33
C PHE A 251 -23.53 -21.08 -21.69
N ASN A 252 -23.55 -22.17 -22.46
CA ASN A 252 -23.97 -22.11 -23.85
C ASN A 252 -25.15 -23.05 -24.15
N GLY A 253 -25.94 -22.69 -25.15
CA GLY A 253 -27.10 -23.45 -25.55
C GLY A 253 -27.55 -23.05 -26.94
N ALA A 254 -28.44 -23.85 -27.53
CA ALA A 254 -28.95 -23.56 -28.86
C ALA A 254 -29.84 -22.32 -28.87
N ASN A 255 -30.66 -22.18 -27.83
CA ASN A 255 -31.58 -21.05 -27.72
C ASN A 255 -31.54 -20.42 -26.34
N GLU A 256 -32.31 -19.34 -26.15
CA GLU A 256 -32.37 -18.62 -24.88
C GLU A 256 -32.71 -19.53 -23.71
N TYR A 257 -33.64 -20.45 -23.93
CA TYR A 257 -34.10 -21.34 -22.87
C TYR A 257 -32.97 -22.25 -22.37
N ASP A 258 -32.24 -22.83 -23.31
CA ASP A 258 -31.14 -23.73 -22.97
C ASP A 258 -30.00 -22.99 -22.25
N ILE A 259 -29.61 -21.84 -22.80
CA ILE A 259 -28.56 -21.01 -22.19
C ILE A 259 -28.95 -20.61 -20.77
N LEU A 260 -30.19 -20.18 -20.59
CA LEU A 260 -30.68 -19.76 -19.29
C LEU A 260 -30.73 -20.95 -18.33
N LYS A 261 -31.05 -22.13 -18.86
CA LYS A 261 -31.02 -23.35 -18.06
C LYS A 261 -29.60 -23.60 -17.56
N LYS A 262 -28.63 -23.45 -18.46
CA LYS A 262 -27.23 -23.68 -18.12
C LYS A 262 -26.71 -22.71 -17.06
N VAL A 263 -27.01 -21.42 -17.24
CA VAL A 263 -26.56 -20.42 -16.26
C VAL A 263 -27.27 -20.57 -14.93
N GLU A 264 -28.57 -20.91 -14.97
CA GLU A 264 -29.34 -21.12 -13.75
C GLU A 264 -28.79 -22.31 -12.97
N LYS A 265 -28.39 -23.35 -13.69
CA LYS A 265 -27.74 -24.51 -13.07
C LYS A 265 -26.39 -24.09 -12.48
N GLY A 266 -25.78 -23.07 -13.08
CA GLY A 266 -24.56 -22.47 -12.57
C GLY A 266 -23.26 -23.23 -12.85
N LYS A 267 -23.38 -24.45 -13.34
CA LYS A 267 -22.20 -25.28 -13.59
C LYS A 267 -21.54 -24.98 -14.94
N TYR A 268 -20.21 -25.02 -14.97
CA TYR A 268 -19.44 -24.81 -16.19
C TYR A 268 -18.06 -25.46 -16.04
N THR A 269 -17.34 -25.63 -17.14
CA THR A 269 -16.03 -26.28 -17.10
C THR A 269 -14.96 -25.55 -17.91
N PHE A 270 -13.75 -26.10 -17.88
CA PHE A 270 -12.63 -25.60 -18.68
C PHE A 270 -12.06 -26.70 -19.58
N GLU A 271 -12.91 -27.63 -19.99
CA GLU A 271 -12.49 -28.82 -20.73
C GLU A 271 -12.02 -28.52 -22.16
N LEU A 272 -12.47 -27.41 -22.73
CA LEU A 272 -12.11 -27.03 -24.09
C LEU A 272 -10.60 -26.91 -24.28
N PRO A 273 -10.07 -27.49 -25.36
CA PRO A 273 -8.63 -27.60 -25.67
C PRO A 273 -7.87 -26.28 -25.57
N GLN A 274 -8.46 -25.18 -26.03
CA GLN A 274 -7.77 -23.89 -26.03
C GLN A 274 -7.42 -23.43 -24.62
N TRP A 275 -8.15 -23.93 -23.62
CA TRP A 275 -7.85 -23.59 -22.23
C TRP A 275 -6.49 -24.12 -21.80
N LYS A 276 -5.98 -25.11 -22.53
CA LYS A 276 -4.64 -25.62 -22.28
C LYS A 276 -3.59 -24.55 -22.58
N LYS A 277 -3.97 -23.57 -23.40
CA LYS A 277 -3.09 -22.46 -23.76
C LYS A 277 -3.15 -21.35 -22.73
N VAL A 278 -4.10 -21.47 -21.79
CA VAL A 278 -4.36 -20.42 -20.80
C VAL A 278 -3.76 -20.71 -19.43
N SER A 279 -3.21 -19.67 -18.80
CA SER A 279 -2.63 -19.80 -17.47
C SER A 279 -3.67 -20.13 -16.40
N GLU A 280 -3.22 -20.73 -15.30
CA GLU A 280 -4.12 -21.17 -14.23
C GLU A 280 -4.71 -20.01 -13.42
N SER A 281 -3.95 -18.93 -13.28
CA SER A 281 -4.38 -17.77 -12.50
C SER A 281 -5.65 -17.16 -13.10
N ALA A 282 -5.70 -17.11 -14.42
CA ALA A 282 -6.87 -16.59 -15.13
C ALA A 282 -8.10 -17.43 -14.82
N LYS A 283 -7.93 -18.74 -14.84
CA LYS A 283 -9.02 -19.66 -14.53
C LYS A 283 -9.49 -19.47 -13.09
N ASP A 284 -8.54 -19.21 -12.20
CA ASP A 284 -8.86 -18.96 -10.80
C ASP A 284 -9.70 -17.68 -10.66
N LEU A 285 -9.26 -16.62 -11.32
CA LEU A 285 -9.99 -15.35 -11.30
C LEU A 285 -11.39 -15.50 -11.87
N ILE A 286 -11.52 -16.27 -12.94
CA ILE A 286 -12.81 -16.57 -13.53
C ILE A 286 -13.69 -17.30 -12.52
N ARG A 287 -13.10 -18.26 -11.82
CA ARG A 287 -13.80 -19.02 -10.79
C ARG A 287 -14.33 -18.11 -9.68
N LYS A 288 -13.49 -17.17 -9.24
CA LYS A 288 -13.92 -16.23 -8.20
C LYS A 288 -15.02 -15.30 -8.71
N MET A 289 -14.93 -14.90 -9.98
CA MET A 289 -15.96 -14.07 -10.59
C MET A 289 -17.25 -14.84 -10.82
N LEU A 290 -17.13 -16.10 -11.24
CA LEU A 290 -18.30 -16.91 -11.51
C LEU A 290 -18.74 -17.82 -10.35
N THR A 291 -18.92 -17.24 -9.17
CA THR A 291 -19.49 -17.97 -8.04
C THR A 291 -20.96 -17.64 -7.93
N TYR A 292 -21.78 -18.67 -7.72
CA TYR A 292 -23.23 -18.52 -7.75
C TYR A 292 -23.74 -17.54 -6.69
N VAL A 293 -23.24 -17.68 -5.46
CA VAL A 293 -23.63 -16.81 -4.36
C VAL A 293 -22.86 -15.49 -4.38
N PRO A 294 -23.57 -14.36 -4.50
CA PRO A 294 -22.99 -13.02 -4.64
C PRO A 294 -22.03 -12.61 -3.52
N SER A 295 -22.38 -12.84 -2.26
CA SER A 295 -21.52 -12.43 -1.15
C SER A 295 -20.15 -13.10 -1.24
N MET A 296 -20.13 -14.35 -1.67
CA MET A 296 -18.88 -15.08 -1.85
C MET A 296 -18.15 -14.61 -3.11
N ARG A 297 -18.88 -13.96 -4.02
CA ARG A 297 -18.29 -13.50 -5.27
C ARG A 297 -17.36 -12.32 -5.05
N ILE A 298 -16.27 -12.29 -5.81
CA ILE A 298 -15.27 -11.23 -5.73
C ILE A 298 -15.85 -9.90 -6.23
N SER A 299 -15.48 -8.81 -5.57
CA SER A 299 -15.91 -7.49 -5.99
C SER A 299 -15.07 -7.00 -7.16
N ALA A 300 -15.52 -5.93 -7.81
CA ALA A 300 -14.81 -5.36 -8.95
C ALA A 300 -13.46 -4.77 -8.52
N ARG A 301 -13.47 -4.09 -7.38
CA ARG A 301 -12.27 -3.44 -6.87
C ARG A 301 -11.22 -4.47 -6.47
N ASP A 302 -11.66 -5.54 -5.82
CA ASP A 302 -10.78 -6.65 -5.46
C ASP A 302 -10.22 -7.34 -6.70
N ALA A 303 -11.08 -7.52 -7.70
CA ALA A 303 -10.70 -8.17 -8.95
C ALA A 303 -9.68 -7.34 -9.72
N LEU A 304 -9.78 -6.02 -9.59
CA LEU A 304 -8.83 -5.12 -10.26
C LEU A 304 -7.42 -5.32 -9.71
N ASP A 305 -7.32 -5.77 -8.45
CA ASP A 305 -6.03 -5.97 -7.80
C ASP A 305 -5.61 -7.44 -7.80
N HIS A 306 -6.33 -8.26 -8.55
CA HIS A 306 -6.08 -9.70 -8.63
C HIS A 306 -4.70 -10.00 -9.21
N GLU A 307 -4.20 -11.19 -8.96
CA GLU A 307 -2.86 -11.59 -9.41
C GLU A 307 -2.75 -11.59 -10.94
N TRP A 308 -3.79 -12.08 -11.62
CA TRP A 308 -3.78 -12.20 -13.06
C TRP A 308 -3.66 -10.85 -13.76
N ILE A 309 -4.55 -9.93 -13.39
CA ILE A 309 -4.56 -8.59 -13.96
C ILE A 309 -3.30 -7.80 -13.56
N GLN A 310 -2.83 -8.02 -12.34
CA GLN A 310 -1.63 -7.35 -11.84
C GLN A 310 -0.40 -7.72 -12.64
N THR A 311 -0.15 -9.03 -12.77
CA THR A 311 1.04 -9.53 -13.45
C THR A 311 1.06 -9.24 -14.95
N TYR A 312 -0.07 -9.43 -15.62
CA TYR A 312 -0.12 -9.38 -17.08
C TYR A 312 -0.24 -7.96 -17.63
N THR A 313 -0.12 -6.97 -16.76
CA THR A 313 -0.16 -5.58 -17.18
C THR A 313 1.16 -4.88 -16.88
N LYS A 314 2.07 -4.88 -17.85
CA LYS A 314 3.33 -4.17 -17.71
C LYS A 314 3.16 -2.66 -17.93
N PRO A 322 2.38 -15.49 -25.49
CA PRO A 322 1.93 -16.37 -26.57
C PRO A 322 0.71 -15.79 -27.28
N SER A 323 0.09 -16.56 -28.17
CA SER A 323 -1.12 -16.11 -28.84
C SER A 323 -2.26 -17.12 -28.79
N LEU A 324 -3.44 -16.65 -28.44
CA LEU A 324 -4.62 -17.51 -28.37
C LEU A 324 -5.35 -17.48 -29.71
N ASP A 325 -4.74 -18.09 -30.72
CA ASP A 325 -5.24 -18.04 -32.09
C ASP A 325 -6.60 -18.71 -32.24
N ASN A 326 -6.74 -19.87 -31.61
CA ASN A 326 -8.01 -20.60 -31.64
C ASN A 326 -9.10 -19.79 -30.98
N ALA A 327 -8.74 -19.07 -29.92
CA ALA A 327 -9.67 -18.24 -29.19
C ALA A 327 -10.22 -17.11 -30.06
N ILE A 328 -9.33 -16.36 -30.71
CA ILE A 328 -9.75 -15.24 -31.55
C ILE A 328 -10.53 -15.76 -32.78
N LEU A 329 -10.18 -16.97 -33.22
CA LEU A 329 -10.93 -17.61 -34.28
C LEU A 329 -12.37 -17.84 -33.83
N ASN A 330 -12.51 -18.41 -32.63
CA ASN A 330 -13.83 -18.66 -32.04
C ASN A 330 -14.60 -17.38 -31.73
N ILE A 331 -13.87 -16.29 -31.50
CA ILE A 331 -14.51 -14.98 -31.32
C ILE A 331 -15.07 -14.49 -32.64
N ARG A 332 -14.31 -14.69 -33.72
CA ARG A 332 -14.80 -14.34 -35.05
C ARG A 332 -16.03 -15.15 -35.41
N GLN A 333 -16.03 -16.44 -35.05
CA GLN A 333 -17.18 -17.30 -35.29
C GLN A 333 -18.37 -16.83 -34.44
N PHE A 334 -18.08 -16.48 -33.19
CA PHE A 334 -19.06 -15.96 -32.25
C PHE A 334 -19.74 -14.76 -32.89
N GLN A 335 -19.01 -13.64 -32.97
CA GLN A 335 -19.41 -12.45 -33.74
C GLN A 335 -20.17 -12.70 -35.07
N GLY A 336 -20.42 -11.63 -35.80
CA GLY A 336 -20.98 -11.75 -37.13
C GLY A 336 -20.08 -12.61 -38.00
N THR A 337 -20.65 -13.61 -38.66
CA THR A 337 -19.87 -14.61 -39.39
C THR A 337 -18.97 -14.04 -40.49
N GLN A 338 -18.18 -13.03 -40.15
CA GLN A 338 -17.27 -12.37 -41.09
C GLN A 338 -16.28 -13.35 -41.70
N LYS A 339 -16.81 -14.38 -42.36
CA LYS A 339 -16.02 -15.55 -42.75
C LYS A 339 -16.38 -16.10 -44.12
N LEU A 340 -15.93 -17.33 -44.34
CA LEU A 340 -16.39 -18.18 -45.43
C LEU A 340 -17.82 -18.65 -45.16
N ALA A 341 -18.26 -18.45 -43.92
CA ALA A 341 -19.59 -18.86 -43.47
C ALA A 341 -20.72 -18.20 -44.23
N GLN A 342 -20.63 -16.89 -44.44
CA GLN A 342 -21.65 -16.16 -45.19
C GLN A 342 -21.76 -16.66 -46.62
N ALA A 343 -20.62 -16.74 -47.30
CA ALA A 343 -20.58 -17.21 -48.68
C ALA A 343 -21.14 -18.63 -48.79
N ALA A 344 -20.81 -19.47 -47.80
CA ALA A 344 -21.26 -20.85 -47.79
C ALA A 344 -22.77 -20.94 -47.58
N LEU A 345 -23.29 -20.11 -46.68
CA LEU A 345 -24.72 -20.08 -46.41
C LEU A 345 -25.50 -19.60 -47.62
N LEU A 346 -24.98 -18.55 -48.27
CA LEU A 346 -25.63 -18.01 -49.46
C LEU A 346 -25.63 -19.03 -50.59
N TYR A 347 -24.48 -19.67 -50.79
CA TYR A 347 -24.34 -20.71 -51.80
C TYR A 347 -25.31 -21.86 -51.55
N MET A 348 -25.40 -22.31 -50.31
CA MET A 348 -26.31 -23.38 -49.93
C MET A 348 -27.76 -23.01 -50.15
N GLY A 349 -28.09 -21.76 -49.80
CA GLY A 349 -29.45 -21.27 -49.94
C GLY A 349 -29.90 -21.16 -51.38
N SER A 350 -29.00 -20.68 -52.24
CA SER A 350 -29.35 -20.41 -53.63
C SER A 350 -29.22 -21.63 -54.55
N LYS A 351 -28.24 -22.50 -54.26
CA LYS A 351 -27.89 -23.56 -55.20
C LYS A 351 -28.23 -24.98 -54.73
N LEU A 352 -28.50 -25.15 -53.44
CA LEU A 352 -28.68 -26.50 -52.90
C LEU A 352 -30.06 -26.75 -52.30
N THR A 353 -31.08 -26.20 -52.96
CA THR A 353 -32.46 -26.44 -52.55
C THR A 353 -33.12 -27.44 -53.50
N SER A 354 -34.05 -28.24 -52.97
CA SER A 354 -34.81 -29.17 -53.81
C SER A 354 -35.79 -28.41 -54.71
N GLN A 355 -36.38 -29.12 -55.67
CA GLN A 355 -37.28 -28.49 -56.63
C GLN A 355 -38.49 -27.83 -55.96
N ASP A 356 -39.05 -28.51 -54.96
CA ASP A 356 -40.19 -27.95 -54.21
C ASP A 356 -39.78 -26.67 -53.50
N GLU A 357 -38.62 -26.71 -52.85
CA GLU A 357 -38.09 -25.56 -52.13
C GLU A 357 -37.84 -24.39 -53.09
N THR A 358 -37.18 -24.68 -54.21
CA THR A 358 -36.89 -23.66 -55.20
C THR A 358 -38.17 -23.04 -55.75
N LYS A 359 -39.16 -23.88 -56.02
CA LYS A 359 -40.45 -23.43 -56.53
C LYS A 359 -41.16 -22.50 -55.55
N GLU A 360 -41.29 -22.95 -54.30
CA GLU A 360 -41.98 -22.16 -53.29
C GLU A 360 -41.27 -20.84 -53.00
N LEU A 361 -39.95 -20.91 -52.85
CA LEU A 361 -39.16 -19.73 -52.55
C LEU A 361 -39.17 -18.71 -53.69
N THR A 362 -39.03 -19.20 -54.92
CA THR A 362 -39.05 -18.33 -56.08
C THR A 362 -40.42 -17.68 -56.24
N ALA A 363 -41.47 -18.47 -56.00
CA ALA A 363 -42.84 -17.96 -56.07
C ALA A 363 -43.08 -16.84 -55.05
N ILE A 364 -42.75 -17.10 -53.79
CA ILE A 364 -42.93 -16.12 -52.74
C ILE A 364 -42.12 -14.86 -53.01
N PHE A 365 -40.88 -15.06 -53.45
CA PHE A 365 -39.98 -13.95 -53.73
C PHE A 365 -40.53 -13.09 -54.85
N HIS A 366 -41.11 -13.75 -55.87
CA HIS A 366 -41.76 -13.03 -56.96
C HIS A 366 -42.95 -12.24 -56.46
N LYS A 367 -43.72 -12.85 -55.55
CA LYS A 367 -44.87 -12.17 -54.97
C LYS A 367 -44.45 -10.92 -54.20
N MET A 368 -43.30 -10.99 -53.54
CA MET A 368 -42.81 -9.86 -52.74
C MET A 368 -42.04 -8.82 -53.54
N ASP A 369 -41.45 -9.23 -54.65
CA ASP A 369 -40.70 -8.31 -55.50
C ASP A 369 -41.63 -7.54 -56.42
N LYS A 370 -42.11 -6.40 -55.95
CA LYS A 370 -43.15 -5.64 -56.63
C LYS A 370 -42.69 -5.01 -57.95
N ASN A 371 -41.50 -4.40 -57.95
CA ASN A 371 -40.99 -3.77 -59.15
C ASN A 371 -40.24 -4.77 -60.04
N GLY A 372 -40.02 -5.96 -59.51
CA GLY A 372 -39.44 -7.05 -60.27
C GLY A 372 -37.95 -6.92 -60.60
N ASP A 373 -37.25 -6.08 -59.85
CA ASP A 373 -35.82 -5.87 -60.09
C ASP A 373 -34.96 -7.05 -59.65
N GLY A 374 -35.54 -7.94 -58.86
CA GLY A 374 -34.80 -9.09 -58.35
C GLY A 374 -34.28 -8.86 -56.95
N GLN A 375 -34.70 -7.76 -56.35
CA GLN A 375 -34.31 -7.41 -54.99
C GLN A 375 -35.53 -7.10 -54.13
N LEU A 376 -35.43 -7.39 -52.84
CA LEU A 376 -36.43 -6.93 -51.88
C LEU A 376 -35.85 -5.76 -51.08
N ASP A 377 -36.60 -4.66 -51.02
CA ASP A 377 -36.15 -3.50 -50.25
C ASP A 377 -37.03 -3.30 -49.03
N ARG A 378 -36.83 -2.21 -48.31
CA ARG A 378 -37.56 -1.93 -47.08
C ARG A 378 -39.08 -1.92 -47.30
N ALA A 379 -39.54 -1.20 -48.31
CA ALA A 379 -40.97 -1.07 -48.57
C ALA A 379 -41.61 -2.42 -48.91
N GLU A 380 -41.00 -3.13 -49.85
CA GLU A 380 -41.50 -4.42 -50.28
C GLU A 380 -41.45 -5.44 -49.15
N LEU A 381 -40.39 -5.36 -48.33
CA LEU A 381 -40.27 -6.23 -47.17
C LEU A 381 -41.40 -5.96 -46.17
N ILE A 382 -41.74 -4.67 -46.00
CA ILE A 382 -42.81 -4.27 -45.10
C ILE A 382 -44.15 -4.79 -45.59
N GLU A 383 -44.45 -4.55 -46.87
CA GLU A 383 -45.72 -4.93 -47.45
C GLU A 383 -45.87 -6.44 -47.53
N GLY A 384 -44.76 -7.15 -47.68
CA GLY A 384 -44.77 -8.59 -47.81
C GLY A 384 -44.51 -9.37 -46.54
N TYR A 385 -44.20 -8.67 -45.45
CA TYR A 385 -43.79 -9.34 -44.21
C TYR A 385 -44.87 -10.23 -43.59
N LYS A 386 -46.03 -9.64 -43.33
CA LYS A 386 -47.12 -10.36 -42.68
C LYS A 386 -47.53 -11.60 -43.46
N GLU A 387 -47.47 -11.49 -44.79
CA GLU A 387 -47.83 -12.60 -45.65
C GLU A 387 -46.72 -13.66 -45.72
N LEU A 388 -45.48 -13.23 -45.65
CA LEU A 388 -44.35 -14.15 -45.59
C LEU A 388 -44.38 -14.99 -44.32
N MET A 389 -44.65 -14.32 -43.19
CA MET A 389 -44.77 -15.00 -41.92
C MET A 389 -46.03 -15.87 -41.89
N ARG A 390 -47.07 -15.42 -42.59
CA ARG A 390 -48.28 -16.20 -42.75
C ARG A 390 -47.97 -17.48 -43.53
N MET A 391 -47.04 -17.38 -44.46
CA MET A 391 -46.57 -18.53 -45.22
C MET A 391 -45.71 -19.48 -44.40
N LYS A 392 -44.91 -18.92 -43.52
CA LYS A 392 -44.03 -19.70 -42.66
C LYS A 392 -44.68 -20.11 -41.36
N GLY A 393 -45.97 -20.42 -41.39
CA GLY A 393 -46.69 -20.82 -40.19
C GLY A 393 -46.82 -19.69 -39.19
N GLN A 394 -45.73 -19.33 -38.55
CA GLN A 394 -45.74 -18.24 -37.57
C GLN A 394 -46.47 -17.03 -38.13
N SER A 397 -49.15 -13.64 -37.98
CA SER A 397 -48.91 -12.41 -37.23
C SER A 397 -49.81 -11.27 -37.73
N MET A 398 -51.01 -11.63 -38.17
CA MET A 398 -51.96 -10.65 -38.68
C MET A 398 -52.03 -9.43 -37.77
N LEU A 399 -52.31 -9.66 -36.49
CA LEU A 399 -52.41 -8.58 -35.51
C LEU A 399 -51.03 -8.06 -35.13
N ASP A 400 -50.40 -7.33 -36.05
CA ASP A 400 -49.07 -6.77 -35.81
C ASP A 400 -49.06 -5.26 -36.08
N ALA A 401 -48.63 -4.50 -35.07
CA ALA A 401 -48.56 -3.04 -35.19
C ALA A 401 -47.50 -2.61 -36.21
N SER A 402 -47.84 -1.62 -37.02
CA SER A 402 -46.99 -1.18 -38.12
C SER A 402 -45.54 -0.88 -37.69
N ALA A 403 -45.38 -0.35 -36.48
CA ALA A 403 -44.06 0.02 -35.97
C ALA A 403 -43.17 -1.19 -35.70
N VAL A 404 -43.72 -2.22 -35.07
CA VAL A 404 -42.94 -3.42 -34.77
C VAL A 404 -42.72 -4.21 -36.06
N GLU A 405 -43.62 -4.03 -37.03
CA GLU A 405 -43.45 -4.63 -38.34
C GLU A 405 -42.24 -4.01 -39.02
N HIS A 406 -42.17 -2.68 -38.96
CA HIS A 406 -41.02 -1.96 -39.50
C HIS A 406 -39.74 -2.36 -38.76
N GLU A 407 -39.85 -2.57 -37.46
CA GLU A 407 -38.70 -2.95 -36.63
C GLU A 407 -38.14 -4.32 -37.01
N VAL A 408 -39.01 -5.32 -37.09
CA VAL A 408 -38.58 -6.66 -37.47
C VAL A 408 -38.04 -6.64 -38.90
N ASP A 409 -38.69 -5.85 -39.75
CA ASP A 409 -38.22 -5.66 -41.12
C ASP A 409 -36.82 -5.07 -41.12
N GLN A 410 -36.52 -4.25 -40.11
CA GLN A 410 -35.19 -3.66 -39.95
C GLN A 410 -34.18 -4.70 -39.50
N VAL A 411 -34.58 -5.59 -38.61
CA VAL A 411 -33.74 -6.71 -38.18
C VAL A 411 -33.36 -7.59 -39.39
N LEU A 412 -34.37 -7.88 -40.20
CA LEU A 412 -34.13 -8.62 -41.42
C LEU A 412 -33.23 -7.79 -42.33
N ASP A 413 -33.38 -6.48 -42.32
CA ASP A 413 -32.43 -5.63 -43.02
C ASP A 413 -31.03 -5.72 -42.39
N ALA A 414 -30.96 -6.21 -41.16
CA ALA A 414 -29.67 -6.52 -40.54
C ALA A 414 -29.22 -7.94 -40.88
N VAL A 415 -30.04 -8.69 -41.62
CA VAL A 415 -29.53 -9.95 -42.16
C VAL A 415 -29.10 -9.72 -43.62
N ASP A 416 -29.02 -8.45 -44.00
CA ASP A 416 -28.56 -8.04 -45.33
C ASP A 416 -27.03 -8.06 -45.40
N PHE A 417 -26.48 -9.21 -45.76
CA PHE A 417 -25.05 -9.49 -45.66
C PHE A 417 -24.13 -8.48 -46.37
N ASP A 418 -24.37 -8.23 -47.65
CA ASP A 418 -23.53 -7.32 -48.42
C ASP A 418 -23.77 -5.85 -48.05
N LYS A 419 -24.85 -5.61 -47.32
CA LYS A 419 -25.24 -4.28 -46.84
C LYS A 419 -25.47 -3.28 -47.97
N ASN A 420 -25.96 -3.75 -49.11
CA ASN A 420 -26.31 -2.85 -50.21
C ASN A 420 -27.62 -2.13 -49.96
N GLY A 421 -28.41 -2.62 -49.02
CA GLY A 421 -29.70 -2.02 -48.70
C GLY A 421 -30.86 -2.83 -49.23
N TYR A 422 -30.53 -3.93 -49.91
CA TYR A 422 -31.54 -4.81 -50.49
C TYR A 422 -31.35 -6.24 -50.04
N ILE A 423 -32.43 -7.00 -50.02
CA ILE A 423 -32.35 -8.44 -49.74
C ILE A 423 -32.58 -9.23 -51.03
N GLU A 424 -31.54 -9.92 -51.48
CA GLU A 424 -31.61 -10.71 -52.71
C GLU A 424 -32.42 -11.98 -52.48
N TYR A 425 -32.46 -12.83 -53.49
CA TYR A 425 -33.11 -14.12 -53.37
C TYR A 425 -32.36 -15.03 -52.39
N SER A 426 -31.04 -15.07 -52.53
CA SER A 426 -30.20 -15.93 -51.71
C SER A 426 -30.27 -15.57 -50.23
N GLU A 427 -30.11 -14.29 -49.92
CA GLU A 427 -30.28 -13.79 -48.56
C GLU A 427 -31.68 -14.08 -48.06
N PHE A 428 -32.66 -13.94 -48.95
CA PHE A 428 -34.06 -14.20 -48.63
C PHE A 428 -34.31 -15.65 -48.22
N VAL A 429 -33.59 -16.58 -48.85
CA VAL A 429 -33.76 -18.00 -48.55
C VAL A 429 -33.36 -18.30 -47.10
N THR A 430 -32.34 -17.61 -46.61
CA THR A 430 -31.93 -17.69 -45.21
C THR A 430 -33.10 -17.30 -44.28
N VAL A 431 -33.86 -16.29 -44.69
CA VAL A 431 -35.01 -15.83 -43.91
C VAL A 431 -36.21 -16.77 -43.99
N ALA A 432 -36.64 -17.06 -45.21
CA ALA A 432 -37.88 -17.81 -45.42
C ALA A 432 -37.76 -19.25 -44.93
N MET A 433 -36.56 -19.82 -45.05
CA MET A 433 -36.30 -21.16 -44.54
C MET A 433 -35.67 -21.08 -43.16
N ASP A 434 -36.28 -21.74 -42.18
CA ASP A 434 -35.73 -21.77 -40.84
C ASP A 434 -34.39 -22.50 -40.85
N ARG A 435 -33.50 -22.12 -39.93
CA ARG A 435 -32.14 -22.65 -39.90
C ARG A 435 -32.11 -24.17 -39.74
N LYS A 436 -33.15 -24.71 -39.12
CA LYS A 436 -33.27 -26.16 -38.92
C LYS A 436 -33.30 -26.91 -40.25
N THR A 437 -33.98 -26.34 -41.25
CA THR A 437 -34.09 -26.99 -42.55
C THR A 437 -32.91 -26.67 -43.46
N LEU A 438 -32.59 -25.38 -43.59
CA LEU A 438 -31.50 -24.92 -44.45
C LEU A 438 -30.17 -25.54 -44.02
N LEU A 439 -29.99 -25.73 -42.72
CA LEU A 439 -28.76 -26.31 -42.22
C LEU A 439 -29.01 -27.66 -41.54
N SER A 440 -29.79 -28.50 -42.20
CA SER A 440 -30.04 -29.86 -41.75
C SER A 440 -28.79 -30.70 -41.99
N ARG A 441 -28.75 -31.89 -41.40
CA ARG A 441 -27.61 -32.78 -41.57
C ARG A 441 -27.44 -33.19 -43.04
N GLU A 442 -28.57 -33.42 -43.70
CA GLU A 442 -28.56 -33.84 -45.10
C GLU A 442 -27.99 -32.77 -46.04
N ARG A 443 -28.48 -31.55 -45.92
CA ARG A 443 -28.04 -30.47 -46.80
C ARG A 443 -26.58 -30.11 -46.51
N LEU A 444 -26.18 -30.19 -45.25
CA LEU A 444 -24.80 -29.94 -44.87
C LEU A 444 -23.87 -30.99 -45.45
N GLU A 445 -24.28 -32.25 -45.37
CA GLU A 445 -23.49 -33.36 -45.92
C GLU A 445 -23.36 -33.25 -47.44
N ARG A 446 -24.49 -32.97 -48.10
CA ARG A 446 -24.51 -32.81 -49.55
C ARG A 446 -23.62 -31.65 -49.98
N ALA A 447 -23.73 -30.54 -49.25
CA ALA A 447 -22.92 -29.36 -49.51
C ALA A 447 -21.44 -29.68 -49.40
N PHE A 448 -21.05 -30.25 -48.27
CA PHE A 448 -19.65 -30.60 -48.03
C PHE A 448 -19.14 -31.55 -49.09
N ARG A 449 -19.99 -32.48 -49.51
CA ARG A 449 -19.63 -33.42 -50.58
C ARG A 449 -19.40 -32.68 -51.89
N MET A 450 -20.22 -31.66 -52.15
CA MET A 450 -20.07 -30.85 -53.35
C MET A 450 -18.76 -30.06 -53.33
N PHE A 451 -18.44 -29.48 -52.18
CA PHE A 451 -17.21 -28.70 -52.02
C PHE A 451 -15.99 -29.62 -52.12
N ASP A 452 -16.09 -30.78 -51.50
CA ASP A 452 -14.99 -31.74 -51.47
C ASP A 452 -15.03 -32.61 -52.72
N SER A 453 -14.39 -32.13 -53.79
CA SER A 453 -14.46 -32.79 -55.09
C SER A 453 -13.72 -34.13 -55.11
N ASP A 454 -12.49 -34.14 -54.61
CA ASP A 454 -11.67 -35.35 -54.61
C ASP A 454 -12.02 -36.31 -53.47
N ASN A 455 -13.01 -35.94 -52.66
CA ASN A 455 -13.52 -36.80 -51.59
C ASN A 455 -12.51 -37.24 -50.54
N SER A 456 -11.52 -36.39 -50.27
CA SER A 456 -10.49 -36.69 -49.27
C SER A 456 -11.08 -36.61 -47.86
N GLY A 457 -12.20 -35.91 -47.73
CA GLY A 457 -12.81 -35.69 -46.43
C GLY A 457 -12.53 -34.30 -45.90
N LYS A 458 -11.75 -33.54 -46.66
CA LYS A 458 -11.45 -32.16 -46.31
C LYS A 458 -11.60 -31.23 -47.51
N ILE A 459 -11.90 -29.97 -47.25
CA ILE A 459 -12.03 -28.98 -48.32
C ILE A 459 -10.74 -28.18 -48.43
N SER A 460 -10.10 -28.26 -49.59
CA SER A 460 -8.86 -27.54 -49.80
C SER A 460 -9.12 -26.09 -50.18
N SER A 461 -8.06 -25.28 -50.21
CA SER A 461 -8.16 -23.89 -50.61
C SER A 461 -8.52 -23.82 -52.09
N THR A 462 -7.92 -24.72 -52.86
CA THR A 462 -8.15 -24.79 -54.30
C THR A 462 -9.57 -25.20 -54.64
N GLU A 463 -10.18 -26.05 -53.80
CA GLU A 463 -11.56 -26.47 -54.00
C GLU A 463 -12.53 -25.33 -53.73
N LEU A 464 -12.25 -24.55 -52.68
CA LEU A 464 -13.03 -23.35 -52.39
C LEU A 464 -12.93 -22.38 -53.55
N ALA A 465 -11.70 -22.17 -54.02
CA ALA A 465 -11.46 -21.32 -55.17
C ALA A 465 -12.17 -21.84 -56.42
N THR A 466 -12.37 -23.15 -56.48
CA THR A 466 -13.03 -23.77 -57.62
C THR A 466 -14.56 -23.59 -57.58
N ILE A 467 -15.15 -23.77 -56.41
CA ILE A 467 -16.61 -23.69 -56.30
C ILE A 467 -17.17 -22.29 -56.58
N PHE A 468 -16.70 -21.29 -55.83
CA PHE A 468 -17.14 -19.91 -56.01
C PHE A 468 -15.97 -18.93 -56.10
N GLY A 469 -15.15 -19.05 -57.15
CA GLY A 469 -13.86 -18.39 -57.19
C GLY A 469 -13.45 -17.59 -58.41
N VAL A 470 -12.76 -16.48 -58.16
CA VAL A 470 -12.10 -15.70 -59.20
C VAL A 470 -10.76 -16.40 -59.50
N SER A 471 -10.51 -17.44 -58.72
CA SER A 471 -9.36 -18.33 -58.86
C SER A 471 -8.03 -17.67 -58.53
N ASP A 472 -8.00 -16.89 -57.45
CA ASP A 472 -6.74 -16.38 -56.92
C ASP A 472 -6.38 -17.21 -55.69
N VAL A 473 -5.81 -18.38 -55.90
CA VAL A 473 -5.53 -19.29 -54.78
C VAL A 473 -4.47 -18.67 -53.86
N ASP A 474 -3.46 -18.07 -54.48
CA ASP A 474 -2.48 -17.26 -53.76
C ASP A 474 -3.13 -15.99 -53.20
N SER A 475 -2.50 -14.85 -53.48
CA SER A 475 -3.06 -13.53 -53.20
C SER A 475 -3.52 -13.32 -51.75
N GLU A 476 -3.20 -14.30 -50.91
CA GLU A 476 -3.70 -14.43 -49.55
C GLU A 476 -5.22 -14.23 -49.39
N THR A 477 -5.96 -14.29 -50.49
CA THR A 477 -7.41 -14.22 -50.41
C THR A 477 -7.99 -15.49 -49.79
N TRP A 478 -7.89 -16.58 -50.55
CA TRP A 478 -8.39 -17.88 -50.13
C TRP A 478 -7.67 -18.43 -48.92
N LYS A 479 -6.40 -18.09 -48.76
CA LYS A 479 -5.65 -18.51 -47.58
C LYS A 479 -6.18 -17.88 -46.29
N SER A 480 -6.47 -16.58 -46.36
CA SER A 480 -7.04 -15.87 -45.22
C SER A 480 -8.46 -16.32 -44.94
N VAL A 481 -9.24 -16.49 -46.01
CA VAL A 481 -10.62 -16.94 -45.87
C VAL A 481 -10.67 -18.36 -45.29
N LEU A 482 -9.71 -19.19 -45.68
CA LEU A 482 -9.62 -20.57 -45.19
C LEU A 482 -9.19 -20.60 -43.72
N SER A 483 -8.17 -19.82 -43.39
CA SER A 483 -7.59 -19.82 -42.05
C SER A 483 -8.61 -19.43 -40.98
N GLU A 484 -9.57 -18.59 -41.35
CA GLU A 484 -10.61 -18.15 -40.44
C GLU A 484 -11.52 -19.31 -39.99
N VAL A 485 -11.48 -20.41 -40.74
CA VAL A 485 -12.33 -21.56 -40.46
C VAL A 485 -11.46 -22.76 -40.07
N ASP A 486 -10.19 -22.72 -40.45
CA ASP A 486 -9.28 -23.82 -40.21
C ASP A 486 -8.86 -23.91 -38.75
N LYS A 487 -9.59 -24.72 -37.99
CA LYS A 487 -9.39 -24.85 -36.55
C LYS A 487 -8.07 -25.52 -36.16
N ASN A 488 -7.84 -26.71 -36.70
CA ASN A 488 -6.66 -27.50 -36.33
C ASN A 488 -5.44 -27.19 -37.19
N ASN A 489 -5.60 -26.19 -38.06
CA ASN A 489 -4.50 -25.67 -38.88
C ASN A 489 -3.83 -26.69 -39.80
N ASP A 490 -4.61 -27.63 -40.32
CA ASP A 490 -4.07 -28.59 -41.29
C ASP A 490 -4.04 -27.96 -42.69
N GLY A 491 -4.75 -26.85 -42.86
CA GLY A 491 -4.79 -26.15 -44.12
C GLY A 491 -6.02 -26.50 -44.92
N GLU A 492 -6.88 -27.33 -44.34
CA GLU A 492 -8.10 -27.78 -45.01
C GLU A 492 -9.31 -27.71 -44.07
N VAL A 493 -10.49 -27.96 -44.63
CA VAL A 493 -11.72 -27.95 -43.83
C VAL A 493 -12.41 -29.31 -43.83
N ASP A 494 -12.35 -30.03 -42.70
CA ASP A 494 -13.08 -31.28 -42.58
C ASP A 494 -14.55 -30.98 -42.30
N PHE A 495 -15.39 -32.00 -42.32
CA PHE A 495 -16.82 -31.81 -42.15
C PHE A 495 -17.18 -31.20 -40.80
N ASP A 496 -16.41 -31.53 -39.78
CA ASP A 496 -16.62 -31.00 -38.44
C ASP A 496 -16.50 -29.48 -38.44
N GLU A 497 -15.44 -28.96 -39.03
CA GLU A 497 -15.20 -27.51 -39.09
C GLU A 497 -16.20 -26.79 -39.98
N PHE A 498 -16.63 -27.44 -41.06
CA PHE A 498 -17.62 -26.91 -41.97
C PHE A 498 -18.94 -26.73 -41.21
N GLN A 499 -19.36 -27.80 -40.55
CA GLN A 499 -20.57 -27.82 -39.74
C GLN A 499 -20.53 -26.79 -38.61
N GLN A 500 -19.40 -26.76 -37.90
CA GLN A 500 -19.20 -25.79 -36.82
C GLN A 500 -19.27 -24.35 -37.34
N MET A 501 -18.77 -24.17 -38.55
CA MET A 501 -18.76 -22.85 -39.18
C MET A 501 -20.17 -22.39 -39.48
N LEU A 502 -20.95 -23.28 -40.09
CA LEU A 502 -22.32 -22.92 -40.46
C LEU A 502 -23.31 -22.98 -39.31
N LEU A 503 -22.97 -23.68 -38.24
CA LEU A 503 -23.88 -23.80 -37.10
C LEU A 503 -23.37 -23.11 -35.83
N LYS A 504 -22.32 -22.32 -35.98
CA LYS A 504 -21.72 -21.56 -34.87
C LYS A 504 -21.32 -22.40 -33.66
N LEU A 505 -21.12 -23.69 -33.88
CA LEU A 505 -20.88 -24.62 -32.77
C LEU A 505 -19.42 -24.57 -32.32
N CYS A 506 -19.13 -25.18 -31.18
CA CYS A 506 -17.76 -25.22 -30.65
C CYS A 506 -17.23 -26.65 -30.65
N MET B 1 -24.79 -28.92 -76.92
CA MET B 1 -23.39 -29.22 -76.64
C MET B 1 -23.12 -29.18 -75.14
N GLN B 2 -21.88 -28.89 -74.78
CA GLN B 2 -21.56 -28.61 -73.38
C GLN B 2 -22.15 -27.25 -73.02
N VAL B 3 -21.91 -26.77 -71.81
CA VAL B 3 -22.60 -25.56 -71.37
C VAL B 3 -21.68 -24.39 -71.07
N GLN B 4 -21.87 -23.31 -71.84
CA GLN B 4 -21.03 -22.13 -71.70
C GLN B 4 -21.66 -20.89 -72.34
N LEU B 5 -21.11 -19.74 -71.99
CA LEU B 5 -21.51 -18.46 -72.59
C LEU B 5 -20.38 -17.94 -73.45
N VAL B 6 -20.72 -17.47 -74.65
CA VAL B 6 -19.72 -16.94 -75.57
C VAL B 6 -19.96 -15.47 -75.83
N GLU B 7 -18.90 -14.68 -75.78
CA GLU B 7 -19.02 -13.24 -75.97
C GLU B 7 -18.45 -12.81 -77.31
N THR B 8 -19.12 -11.85 -77.95
CA THR B 8 -18.64 -11.26 -79.19
C THR B 8 -18.87 -9.76 -79.18
N GLY B 9 -18.19 -9.06 -80.09
CA GLY B 9 -18.35 -7.62 -80.20
C GLY B 9 -17.17 -6.86 -79.63
N GLY B 10 -16.16 -7.60 -79.18
CA GLY B 10 -14.96 -7.01 -78.64
C GLY B 10 -14.11 -6.36 -79.72
N GLY B 11 -13.57 -5.18 -79.41
CA GLY B 11 -12.75 -4.46 -80.37
C GLY B 11 -12.05 -3.23 -79.84
N LEU B 12 -11.34 -2.55 -80.74
CA LEU B 12 -10.69 -1.29 -80.44
C LEU B 12 -11.53 -0.13 -80.98
N VAL B 13 -11.78 0.85 -80.12
CA VAL B 13 -12.59 2.01 -80.48
C VAL B 13 -12.05 3.29 -79.87
N GLN B 14 -12.30 4.41 -80.53
CA GLN B 14 -11.89 5.71 -80.01
C GLN B 14 -12.74 6.08 -78.81
N PRO B 15 -12.22 6.98 -77.95
CA PRO B 15 -13.02 7.45 -76.82
C PRO B 15 -14.30 8.17 -77.27
N GLY B 16 -15.36 8.05 -76.49
CA GLY B 16 -16.62 8.71 -76.80
C GLY B 16 -17.46 8.00 -77.86
N GLU B 17 -16.93 6.92 -78.42
CA GLU B 17 -17.67 6.14 -79.42
C GLU B 17 -18.68 5.22 -78.74
N SER B 18 -19.30 4.36 -79.54
CA SER B 18 -20.30 3.43 -79.04
C SER B 18 -20.03 2.01 -79.54
N LEU B 19 -20.32 1.02 -78.70
CA LEU B 19 -20.08 -0.37 -79.08
C LEU B 19 -21.17 -1.28 -78.54
N ARG B 20 -21.42 -2.39 -79.23
CA ARG B 20 -22.46 -3.32 -78.80
C ARG B 20 -21.88 -4.72 -78.59
N LEU B 21 -22.06 -5.25 -77.38
CA LEU B 21 -21.53 -6.57 -77.06
C LEU B 21 -22.63 -7.61 -76.98
N SER B 22 -22.31 -8.84 -77.37
CA SER B 22 -23.28 -9.93 -77.38
C SER B 22 -22.82 -11.13 -76.58
N CYS B 23 -23.76 -11.76 -75.88
CA CYS B 23 -23.48 -12.99 -75.15
C CYS B 23 -24.48 -14.05 -75.56
N VAL B 24 -23.98 -15.14 -76.12
CA VAL B 24 -24.83 -16.23 -76.58
C VAL B 24 -24.64 -17.44 -75.69
N ALA B 25 -25.74 -18.14 -75.40
CA ALA B 25 -25.69 -19.32 -74.57
C ALA B 25 -25.68 -20.60 -75.38
N SER B 26 -24.61 -21.38 -75.23
CA SER B 26 -24.54 -22.68 -75.90
C SER B 26 -24.60 -23.82 -74.89
N GLY B 27 -25.51 -24.76 -75.13
CA GLY B 27 -25.70 -25.88 -74.23
C GLY B 27 -26.89 -25.70 -73.31
N PHE B 28 -27.40 -24.48 -73.23
CA PHE B 28 -28.56 -24.18 -72.40
C PHE B 28 -29.27 -22.93 -72.89
N THR B 29 -30.49 -22.72 -72.38
CA THR B 29 -31.28 -21.56 -72.75
C THR B 29 -31.28 -20.51 -71.65
N LEU B 30 -31.46 -19.25 -72.04
CA LEU B 30 -31.48 -18.14 -71.09
C LEU B 30 -32.86 -17.90 -70.52
N ASP B 31 -33.80 -18.79 -70.81
CA ASP B 31 -35.21 -18.62 -70.44
C ASP B 31 -35.40 -18.38 -68.94
N HIS B 32 -34.65 -19.12 -68.13
CA HIS B 32 -34.76 -19.01 -66.68
C HIS B 32 -33.49 -18.44 -66.07
N SER B 33 -32.69 -17.80 -66.89
CA SER B 33 -31.42 -17.26 -66.42
C SER B 33 -31.41 -15.74 -66.34
N ALA B 34 -30.89 -15.24 -65.23
CA ALA B 34 -30.55 -13.84 -65.09
C ALA B 34 -29.08 -13.68 -65.48
N VAL B 35 -28.81 -12.81 -66.44
CA VAL B 35 -27.47 -12.65 -66.97
C VAL B 35 -26.92 -11.28 -66.62
N GLY B 36 -25.67 -11.25 -66.17
CA GLY B 36 -25.05 -10.00 -65.81
C GLY B 36 -23.73 -9.80 -66.54
N TRP B 37 -23.44 -8.53 -66.84
CA TRP B 37 -22.17 -8.15 -67.43
C TRP B 37 -21.22 -7.66 -66.36
N PHE B 38 -19.98 -8.13 -66.48
CA PHE B 38 -18.89 -7.80 -65.57
C PHE B 38 -17.67 -7.39 -66.39
N ARG B 39 -16.88 -6.46 -65.87
CA ARG B 39 -15.62 -6.11 -66.52
C ARG B 39 -14.44 -6.38 -65.60
N GLN B 40 -13.42 -7.02 -66.15
CA GLN B 40 -12.21 -7.29 -65.41
C GLN B 40 -11.02 -6.63 -66.09
N VAL B 41 -10.32 -5.80 -65.31
CA VAL B 41 -9.04 -5.25 -65.72
C VAL B 41 -7.96 -6.16 -65.18
N PRO B 42 -6.85 -6.30 -65.92
CA PRO B 42 -5.76 -7.22 -65.53
C PRO B 42 -5.24 -6.95 -64.12
N GLY B 43 -5.14 -8.01 -63.32
CA GLY B 43 -4.64 -7.92 -61.97
C GLY B 43 -5.65 -7.38 -60.97
N LYS B 44 -6.91 -7.33 -61.36
CA LYS B 44 -7.96 -6.82 -60.48
C LYS B 44 -9.13 -7.80 -60.48
N GLU B 45 -9.84 -7.87 -59.36
CA GLU B 45 -10.96 -8.81 -59.21
C GLU B 45 -12.13 -8.38 -60.08
N ARG B 46 -12.97 -9.35 -60.45
CA ARG B 46 -14.09 -9.08 -61.34
C ARG B 46 -15.05 -8.06 -60.73
N GLU B 47 -15.49 -7.12 -61.57
CA GLU B 47 -16.33 -6.03 -61.13
C GLU B 47 -17.73 -6.17 -61.71
N LYS B 48 -18.74 -6.10 -60.85
CA LYS B 48 -20.11 -6.13 -61.33
C LYS B 48 -20.35 -4.87 -62.15
N LEU B 49 -20.95 -5.02 -63.32
CA LEU B 49 -21.29 -3.87 -64.14
C LEU B 49 -22.79 -3.68 -64.19
N LEU B 50 -23.47 -4.66 -64.77
CA LEU B 50 -24.91 -4.55 -64.93
C LEU B 50 -25.52 -5.92 -64.84
N CYS B 51 -26.83 -5.99 -64.63
CA CYS B 51 -27.50 -7.28 -64.66
C CYS B 51 -28.93 -7.16 -65.15
N ILE B 52 -29.36 -8.13 -65.95
CA ILE B 52 -30.75 -8.23 -66.33
C ILE B 52 -31.31 -9.57 -65.85
N ASN B 53 -32.48 -9.53 -65.23
CA ASN B 53 -33.15 -10.74 -64.77
C ASN B 53 -33.71 -11.50 -65.96
N ALA B 54 -34.76 -12.28 -65.73
CA ALA B 54 -35.54 -12.83 -66.82
C ALA B 54 -36.28 -11.71 -67.53
N ASN B 55 -36.32 -10.53 -66.90
CA ASN B 55 -37.05 -9.39 -67.42
C ASN B 55 -36.41 -8.04 -67.08
N GLY B 56 -36.30 -7.73 -65.79
CA GLY B 56 -35.91 -6.39 -65.34
C GLY B 56 -34.42 -6.13 -65.23
N VAL B 57 -34.05 -4.85 -65.22
CA VAL B 57 -32.66 -4.42 -65.25
C VAL B 57 -32.16 -3.82 -63.94
N SER B 58 -30.97 -4.22 -63.51
CA SER B 58 -30.32 -3.64 -62.34
C SER B 58 -28.92 -3.09 -62.65
N LEU B 59 -28.62 -1.91 -62.14
CA LEU B 59 -27.32 -1.26 -62.34
C LEU B 59 -26.35 -1.61 -61.21
N ASP B 60 -25.85 -2.84 -61.21
CA ASP B 60 -25.00 -3.35 -60.15
C ASP B 60 -23.72 -2.55 -59.88
N TYR B 61 -23.07 -2.09 -60.95
CA TYR B 61 -21.81 -1.35 -60.82
C TYR B 61 -21.95 -0.07 -60.04
N ALA B 62 -20.81 0.56 -59.75
CA ALA B 62 -20.82 1.91 -59.21
C ALA B 62 -21.41 2.79 -60.30
N ASP B 63 -21.83 3.99 -59.93
CA ASP B 63 -22.56 4.85 -60.87
C ASP B 63 -21.65 5.43 -61.97
N SER B 64 -20.45 4.88 -62.08
CA SER B 64 -19.50 5.28 -63.11
C SER B 64 -19.97 4.90 -64.51
N ILE B 65 -20.75 3.83 -64.60
CA ILE B 65 -21.25 3.34 -65.88
C ILE B 65 -22.74 3.62 -66.00
N LYS B 66 -23.31 4.20 -64.95
CA LYS B 66 -24.74 4.52 -64.91
C LYS B 66 -25.12 5.54 -65.99
N GLY B 67 -26.15 5.21 -66.75
CA GLY B 67 -26.64 6.09 -67.79
C GLY B 67 -25.90 5.97 -69.11
N ARG B 68 -24.84 5.18 -69.13
CA ARG B 68 -24.03 5.01 -70.33
C ARG B 68 -24.15 3.59 -70.90
N PHE B 69 -24.40 2.62 -70.01
CA PHE B 69 -24.52 1.23 -70.41
C PHE B 69 -25.95 0.72 -70.29
N THR B 70 -26.40 -0.04 -71.29
CA THR B 70 -27.72 -0.64 -71.23
C THR B 70 -27.63 -2.15 -71.46
N ILE B 71 -28.40 -2.92 -70.71
CA ILE B 71 -28.40 -4.36 -70.92
C ILE B 71 -29.73 -4.79 -71.57
N SER B 72 -29.62 -5.65 -72.57
CA SER B 72 -30.77 -6.06 -73.37
C SER B 72 -30.89 -7.58 -73.41
N ARG B 73 -32.07 -8.07 -73.79
CA ARG B 73 -32.35 -9.50 -73.70
C ARG B 73 -33.24 -10.01 -74.83
N ASP B 74 -32.79 -11.07 -75.48
CA ASP B 74 -33.59 -11.73 -76.51
C ASP B 74 -33.47 -13.25 -76.34
N ASN B 75 -34.47 -13.84 -75.69
CA ASN B 75 -34.48 -15.27 -75.43
C ASN B 75 -34.54 -16.11 -76.70
N ALA B 76 -35.33 -15.66 -77.68
CA ALA B 76 -35.50 -16.38 -78.94
C ALA B 76 -34.18 -16.51 -79.68
N LYS B 77 -33.38 -15.45 -79.63
CA LYS B 77 -32.06 -15.47 -80.24
C LYS B 77 -31.00 -15.92 -79.25
N ASN B 78 -31.45 -16.30 -78.05
CA ASN B 78 -30.57 -16.86 -77.02
C ASN B 78 -29.43 -15.92 -76.66
N THR B 79 -29.69 -14.61 -76.71
CA THR B 79 -28.62 -13.63 -76.63
C THR B 79 -28.92 -12.50 -75.65
N VAL B 80 -27.88 -12.05 -74.95
CA VAL B 80 -27.95 -10.88 -74.07
C VAL B 80 -27.02 -9.78 -74.60
N TYR B 81 -27.52 -8.56 -74.69
CA TYR B 81 -26.74 -7.48 -75.29
C TYR B 81 -26.26 -6.45 -74.26
N LEU B 82 -25.15 -5.80 -74.56
CA LEU B 82 -24.67 -4.68 -73.77
C LEU B 82 -24.34 -3.49 -74.68
N GLN B 83 -25.15 -2.44 -74.58
CA GLN B 83 -24.94 -1.23 -75.36
C GLN B 83 -24.10 -0.23 -74.57
N MET B 84 -22.90 0.03 -75.08
CA MET B 84 -21.93 0.89 -74.43
C MET B 84 -21.82 2.23 -75.14
N ASN B 85 -22.14 3.31 -74.43
CA ASN B 85 -22.08 4.65 -74.98
C ASN B 85 -21.16 5.58 -74.18
N ASP B 86 -20.61 6.58 -74.87
CA ASP B 86 -19.70 7.56 -74.28
C ASP B 86 -18.52 6.87 -73.60
N LEU B 87 -17.81 6.04 -74.36
CA LEU B 87 -16.68 5.29 -73.84
C LEU B 87 -15.54 6.19 -73.40
N LYS B 88 -14.92 5.81 -72.29
CA LYS B 88 -13.83 6.57 -71.70
C LYS B 88 -12.58 5.70 -71.64
N PRO B 89 -11.40 6.31 -71.47
CA PRO B 89 -10.19 5.50 -71.27
C PRO B 89 -10.28 4.68 -69.98
N GLU B 90 -11.25 5.00 -69.14
CA GLU B 90 -11.54 4.24 -67.94
C GLU B 90 -12.18 2.88 -68.23
N ASP B 91 -12.88 2.78 -69.36
CA ASP B 91 -13.71 1.63 -69.66
C ASP B 91 -12.98 0.43 -70.26
N THR B 92 -11.76 0.66 -70.76
CA THR B 92 -11.02 -0.41 -71.45
C THR B 92 -10.65 -1.56 -70.52
N ALA B 93 -11.13 -2.76 -70.85
CA ALA B 93 -10.89 -3.97 -70.06
C ALA B 93 -11.47 -5.19 -70.78
N THR B 94 -11.46 -6.32 -70.09
CA THR B 94 -12.11 -7.51 -70.65
C THR B 94 -13.54 -7.59 -70.13
N TYR B 95 -14.50 -7.67 -71.06
CA TYR B 95 -15.89 -7.71 -70.67
C TYR B 95 -16.49 -9.09 -70.87
N SER B 96 -17.07 -9.64 -69.82
CA SER B 96 -17.64 -10.97 -69.89
C SER B 96 -19.00 -10.99 -69.21
N CYS B 97 -19.75 -12.06 -69.41
CA CYS B 97 -21.07 -12.16 -68.82
C CYS B 97 -21.28 -13.51 -68.15
N ALA B 98 -22.14 -13.54 -67.14
CA ALA B 98 -22.38 -14.77 -66.40
C ALA B 98 -23.87 -14.90 -66.07
N ALA B 99 -24.27 -16.09 -65.63
CA ALA B 99 -25.69 -16.35 -65.40
C ALA B 99 -25.94 -17.00 -64.04
N THR B 100 -27.01 -16.56 -63.39
CA THR B 100 -27.50 -17.18 -62.17
C THR B 100 -28.99 -17.42 -62.35
N ARG B 101 -29.59 -18.31 -61.57
CA ARG B 101 -30.98 -18.67 -61.81
C ARG B 101 -31.97 -17.58 -61.43
N GLU B 102 -32.81 -17.19 -62.41
CA GLU B 102 -33.97 -16.31 -62.20
C GLU B 102 -33.64 -14.87 -61.79
N PHE B 103 -32.98 -14.70 -60.66
CA PHE B 103 -32.78 -13.38 -60.08
C PHE B 103 -31.30 -12.98 -60.04
N CYS B 104 -31.04 -11.71 -60.36
CA CYS B 104 -29.66 -11.22 -60.43
C CYS B 104 -29.09 -11.04 -59.03
N SER B 105 -27.98 -11.70 -58.77
CA SER B 105 -27.31 -11.54 -57.49
C SER B 105 -26.41 -10.31 -57.50
N ALA B 106 -25.73 -10.08 -56.40
CA ALA B 106 -24.78 -8.98 -56.29
C ALA B 106 -23.51 -9.52 -55.67
N TYR B 107 -23.49 -10.83 -55.48
CA TYR B 107 -22.27 -11.52 -55.11
C TYR B 107 -21.75 -12.20 -56.36
N VAL B 108 -20.49 -11.92 -56.69
CA VAL B 108 -19.87 -12.46 -57.89
C VAL B 108 -19.86 -13.99 -57.86
N PHE B 109 -19.68 -14.55 -56.66
CA PHE B 109 -19.48 -15.99 -56.52
C PHE B 109 -20.73 -16.84 -56.73
N LEU B 110 -21.93 -16.26 -56.69
CA LEU B 110 -23.14 -17.02 -56.99
C LEU B 110 -23.37 -17.21 -58.48
N TYR B 111 -22.55 -16.58 -59.32
CA TYR B 111 -22.71 -16.70 -60.76
C TYR B 111 -22.02 -17.94 -61.30
N GLU B 112 -22.48 -18.41 -62.46
CA GLU B 112 -21.92 -19.60 -63.08
C GLU B 112 -21.74 -19.42 -64.58
N HIS B 113 -21.14 -20.41 -65.21
CA HIS B 113 -21.02 -20.48 -66.67
C HIS B 113 -20.30 -19.27 -67.25
N TRP B 114 -19.24 -18.84 -66.58
CA TRP B 114 -18.47 -17.69 -67.04
C TRP B 114 -17.92 -17.91 -68.44
N GLY B 115 -17.72 -16.81 -69.17
CA GLY B 115 -17.19 -16.87 -70.52
C GLY B 115 -15.78 -16.30 -70.59
N GLN B 116 -15.09 -16.59 -71.69
CA GLN B 116 -13.75 -16.08 -71.90
C GLN B 116 -13.76 -14.57 -72.06
N GLY B 117 -14.91 -14.04 -72.48
CA GLY B 117 -15.09 -12.60 -72.59
C GLY B 117 -14.52 -12.02 -73.86
N THR B 118 -14.74 -10.72 -74.05
CA THR B 118 -14.22 -10.01 -75.20
C THR B 118 -13.39 -8.82 -74.77
N GLN B 119 -12.29 -8.59 -75.49
CA GLN B 119 -11.45 -7.45 -75.21
C GLN B 119 -12.10 -6.17 -75.71
N VAL B 120 -12.24 -5.19 -74.82
CA VAL B 120 -12.70 -3.87 -75.22
C VAL B 120 -11.62 -2.85 -74.93
N THR B 121 -11.16 -2.17 -75.97
CA THR B 121 -10.05 -1.24 -75.82
C THR B 121 -10.38 0.16 -76.29
N VAL B 122 -10.19 1.13 -75.40
CA VAL B 122 -10.41 2.52 -75.72
C VAL B 122 -9.07 3.21 -75.94
N SER B 123 -8.96 3.95 -77.04
CA SER B 123 -7.71 4.59 -77.44
C SER B 123 -7.17 5.54 -76.38
N SER B 124 -5.85 5.69 -76.35
CA SER B 124 -5.20 6.56 -75.37
C SER B 124 -4.58 7.77 -76.04
N ALA C 46 -16.21 0.75 4.17
CA ALA C 46 -17.13 1.84 4.46
C ALA C 46 -17.89 1.60 5.76
N ILE C 47 -17.26 1.95 6.88
CA ILE C 47 -17.84 1.75 8.20
C ILE C 47 -17.78 3.02 9.05
N PHE C 48 -18.79 3.23 9.89
CA PHE C 48 -18.92 4.46 10.67
C PHE C 48 -18.03 4.50 11.90
N SER C 49 -18.09 3.46 12.72
CA SER C 49 -17.41 3.44 14.01
C SER C 49 -15.90 3.67 13.86
N ASP C 50 -15.34 3.17 12.78
CA ASP C 50 -13.91 3.34 12.50
C ASP C 50 -13.60 4.72 11.94
N ARG C 51 -14.60 5.36 11.35
CA ARG C 51 -14.38 6.64 10.66
C ARG C 51 -14.64 7.88 11.54
N TYR C 52 -15.66 7.82 12.39
CA TYR C 52 -16.01 8.97 13.22
C TYR C 52 -16.15 8.62 14.69
N LYS C 53 -16.06 9.64 15.54
CA LYS C 53 -16.23 9.50 16.98
C LYS C 53 -17.37 10.37 17.48
N GLY C 54 -18.27 9.78 18.27
CA GLY C 54 -19.44 10.48 18.77
C GLY C 54 -19.25 11.20 20.09
N GLN C 55 -20.00 12.28 20.30
CA GLN C 55 -19.90 13.05 21.53
C GLN C 55 -21.25 13.23 22.23
N ARG C 56 -21.94 14.33 21.94
CA ARG C 56 -23.17 14.66 22.66
C ARG C 56 -24.35 14.94 21.74
N VAL C 57 -25.56 14.72 22.26
CA VAL C 57 -26.79 14.96 21.52
C VAL C 57 -26.99 16.45 21.30
N LEU C 58 -27.48 16.81 20.10
CA LEU C 58 -27.61 18.21 19.73
C LEU C 58 -29.08 18.63 19.68
N GLY C 59 -29.84 18.00 18.80
CA GLY C 59 -31.24 18.34 18.62
C GLY C 59 -32.10 17.12 18.35
N LYS C 60 -33.42 17.33 18.31
CA LYS C 60 -34.34 16.24 18.06
C LYS C 60 -34.90 16.34 16.65
N GLY C 61 -34.78 15.26 15.88
CA GLY C 61 -35.25 15.24 14.51
C GLY C 61 -36.32 14.19 14.28
N SER C 62 -37.17 14.44 13.29
CA SER C 62 -38.28 13.55 12.97
C SER C 62 -37.81 12.16 12.56
N PHE C 63 -36.78 12.11 11.74
CA PHE C 63 -36.29 10.82 11.24
C PHE C 63 -35.32 10.16 12.23
N GLY C 64 -34.47 10.98 12.86
CA GLY C 64 -33.50 10.45 13.80
C GLY C 64 -32.98 11.50 14.76
N GLU C 65 -32.10 11.12 15.68
CA GLU C 65 -31.58 12.12 16.60
C GLU C 65 -30.15 12.52 16.25
N VAL C 66 -29.89 13.81 16.40
CA VAL C 66 -28.62 14.42 16.05
C VAL C 66 -27.57 14.27 17.15
N ILE C 67 -26.35 13.96 16.73
CA ILE C 67 -25.21 13.84 17.64
C ILE C 67 -24.02 14.59 17.06
N LEU C 68 -23.34 15.36 17.91
CA LEU C 68 -22.11 16.03 17.50
C LEU C 68 -20.96 15.03 17.48
N CYS C 69 -20.15 15.06 16.43
CA CYS C 69 -19.08 14.08 16.29
C CYS C 69 -17.75 14.70 15.87
N LYS C 70 -16.64 14.07 16.27
CA LYS C 70 -15.31 14.51 15.85
C LYS C 70 -14.58 13.41 15.05
N ASP C 71 -13.84 13.81 14.03
CA ASP C 71 -13.06 12.87 13.23
C ASP C 71 -11.62 12.86 13.71
N LYS C 72 -10.95 11.71 13.60
CA LYS C 72 -9.58 11.57 14.10
C LYS C 72 -8.54 12.24 13.19
N ILE C 73 -8.34 11.67 12.00
CA ILE C 73 -7.23 12.08 11.14
C ILE C 73 -7.53 13.37 10.39
N THR C 74 -8.76 13.53 9.91
CA THR C 74 -9.12 14.74 9.18
C THR C 74 -9.34 15.87 10.18
N GLY C 75 -9.68 15.50 11.41
CA GLY C 75 -9.81 16.45 12.50
C GLY C 75 -10.90 17.50 12.36
N GLN C 76 -12.11 17.08 12.00
CA GLN C 76 -13.21 18.03 11.85
C GLN C 76 -14.42 17.63 12.68
N GLU C 77 -15.19 18.63 13.11
CA GLU C 77 -16.45 18.36 13.79
C GLU C 77 -17.60 18.34 12.79
N CYS C 78 -18.46 17.34 12.93
CA CYS C 78 -19.62 17.21 12.06
C CYS C 78 -20.86 16.88 12.87
N ALA C 79 -22.01 16.91 12.20
CA ALA C 79 -23.27 16.55 12.83
C ALA C 79 -23.79 15.28 12.18
N VAL C 80 -24.09 14.28 12.99
CA VAL C 80 -24.58 13.02 12.46
C VAL C 80 -26.04 12.79 12.85
N LYS C 81 -26.86 12.51 11.85
CA LYS C 81 -28.23 12.12 12.08
C LYS C 81 -28.28 10.61 12.25
N VAL C 82 -28.71 10.16 13.42
CA VAL C 82 -28.77 8.74 13.70
C VAL C 82 -30.21 8.28 13.58
N ILE C 83 -30.45 7.37 12.64
CA ILE C 83 -31.79 6.94 12.29
C ILE C 83 -31.96 5.47 12.69
N SER C 84 -33.10 5.15 13.28
CA SER C 84 -33.34 3.78 13.74
C SER C 84 -34.15 2.98 12.73
N LYS C 85 -33.60 1.85 12.30
CA LYS C 85 -34.28 0.96 11.36
C LYS C 85 -35.59 0.45 11.95
N ARG C 86 -35.62 0.30 13.26
CA ARG C 86 -36.83 -0.14 13.96
C ARG C 86 -37.91 0.94 13.99
N GLN C 87 -37.48 2.18 14.24
CA GLN C 87 -38.42 3.31 14.36
C GLN C 87 -38.91 3.84 13.02
N VAL C 88 -38.06 3.85 11.99
CA VAL C 88 -38.48 4.43 10.73
C VAL C 88 -38.62 3.37 9.67
N LYS C 89 -39.60 3.55 8.80
CA LYS C 89 -39.83 2.64 7.69
C LYS C 89 -39.06 3.13 6.48
N GLN C 90 -38.53 2.19 5.71
CA GLN C 90 -37.86 2.53 4.45
C GLN C 90 -38.88 2.38 3.33
N LYS C 91 -39.21 3.50 2.70
CA LYS C 91 -40.27 3.52 1.68
C LYS C 91 -39.78 2.86 0.40
N THR C 92 -38.58 3.24 -0.03
CA THR C 92 -37.98 2.72 -1.25
C THR C 92 -37.01 1.58 -0.92
N ASP C 93 -36.56 0.87 -1.96
CA ASP C 93 -35.54 -0.16 -1.82
C ASP C 93 -34.20 0.47 -1.42
N LYS C 94 -33.28 -0.35 -0.91
CA LYS C 94 -32.02 0.13 -0.35
C LYS C 94 -31.20 0.91 -1.38
N GLU C 95 -31.04 0.32 -2.57
CA GLU C 95 -30.21 0.91 -3.62
C GLU C 95 -30.71 2.28 -4.06
N SER C 96 -32.03 2.47 -4.07
CA SER C 96 -32.60 3.76 -4.44
C SER C 96 -32.19 4.81 -3.42
N LEU C 97 -32.24 4.42 -2.15
CA LEU C 97 -31.85 5.30 -1.06
C LEU C 97 -30.37 5.67 -1.18
N LEU C 98 -29.53 4.67 -1.40
CA LEU C 98 -28.09 4.91 -1.54
C LEU C 98 -27.75 5.80 -2.73
N ARG C 99 -28.45 5.61 -3.84
CA ARG C 99 -28.24 6.42 -5.03
C ARG C 99 -28.65 7.88 -4.78
N GLU C 100 -29.83 8.05 -4.21
CA GLU C 100 -30.33 9.38 -3.89
C GLU C 100 -29.38 10.11 -2.94
N VAL C 101 -28.91 9.38 -1.94
CA VAL C 101 -27.95 9.92 -0.99
C VAL C 101 -26.65 10.32 -1.68
N GLN C 102 -26.18 9.49 -2.61
CA GLN C 102 -24.95 9.78 -3.33
C GLN C 102 -25.09 11.09 -4.12
N LEU C 103 -26.22 11.22 -4.82
CA LEU C 103 -26.54 12.44 -5.54
C LEU C 103 -26.57 13.63 -4.59
N LEU C 104 -27.15 13.42 -3.41
CA LEU C 104 -27.22 14.45 -2.39
C LEU C 104 -25.83 14.91 -1.97
N LYS C 105 -24.92 13.94 -1.83
CA LYS C 105 -23.54 14.23 -1.48
C LYS C 105 -22.85 15.00 -2.59
N GLN C 106 -23.32 14.82 -3.82
CA GLN C 106 -22.71 15.52 -4.96
C GLN C 106 -23.15 16.98 -5.09
N LEU C 107 -24.27 17.34 -4.48
CA LEU C 107 -24.87 18.66 -4.70
C LEU C 107 -24.35 19.71 -3.72
N ASP C 108 -24.38 20.97 -4.14
CA ASP C 108 -23.91 22.07 -3.30
C ASP C 108 -24.61 23.40 -3.60
N HIS C 109 -25.14 24.03 -2.55
CA HIS C 109 -25.75 25.35 -2.66
C HIS C 109 -25.63 26.05 -1.30
N PRO C 110 -25.37 27.36 -1.32
CA PRO C 110 -25.15 28.13 -0.08
C PRO C 110 -26.31 28.08 0.92
N ASN C 111 -27.51 27.74 0.46
CA ASN C 111 -28.68 27.76 1.33
C ASN C 111 -29.22 26.36 1.66
N ILE C 112 -28.41 25.34 1.46
CA ILE C 112 -28.79 23.98 1.84
C ILE C 112 -27.71 23.35 2.72
N MET C 113 -28.12 22.39 3.54
CA MET C 113 -27.19 21.70 4.42
C MET C 113 -26.24 20.82 3.61
N LYS C 114 -24.95 21.15 3.66
CA LYS C 114 -23.96 20.34 2.97
C LYS C 114 -23.87 18.97 3.61
N LEU C 115 -23.95 17.94 2.77
CA LEU C 115 -23.94 16.57 3.24
C LEU C 115 -22.59 15.92 2.96
N TYR C 116 -21.89 15.56 4.03
CA TYR C 116 -20.56 15.00 3.88
C TYR C 116 -20.59 13.53 3.51
N GLU C 117 -21.08 12.70 4.42
CA GLU C 117 -21.03 11.25 4.22
C GLU C 117 -22.30 10.52 4.63
N PHE C 118 -22.35 9.23 4.30
CA PHE C 118 -23.44 8.36 4.71
C PHE C 118 -22.90 6.98 5.07
N PHE C 119 -23.28 6.47 6.23
CA PHE C 119 -22.79 5.18 6.68
C PHE C 119 -23.95 4.28 7.11
N GLU C 120 -23.87 3.01 6.74
CA GLU C 120 -24.91 2.05 7.04
C GLU C 120 -24.50 0.99 8.08
N ASP C 121 -25.22 0.99 9.20
CA ASP C 121 -25.01 -0.02 10.23
C ASP C 121 -26.17 -1.02 10.16
N LYS C 122 -25.93 -2.24 10.64
CA LYS C 122 -26.95 -3.28 10.63
C LYS C 122 -28.21 -2.83 11.36
N GLY C 123 -28.03 -2.03 12.40
CA GLY C 123 -29.15 -1.52 13.19
C GLY C 123 -29.60 -0.13 12.81
N TYR C 124 -28.66 0.74 12.45
CA TYR C 124 -28.97 2.16 12.28
C TYR C 124 -28.43 2.75 10.98
N PHE C 125 -28.94 3.93 10.63
CA PHE C 125 -28.44 4.71 9.51
C PHE C 125 -27.76 5.99 10.01
N TYR C 126 -26.60 6.32 9.45
CA TYR C 126 -25.90 7.54 9.87
C TYR C 126 -25.71 8.54 8.73
N LEU C 127 -26.26 9.74 8.91
CA LEU C 127 -26.17 10.79 7.90
C LEU C 127 -25.28 11.94 8.37
N VAL C 128 -24.08 12.03 7.81
CA VAL C 128 -23.08 12.99 8.28
C VAL C 128 -23.04 14.28 7.46
N GLY C 129 -23.18 15.41 8.14
CA GLY C 129 -23.19 16.72 7.51
C GLY C 129 -22.52 17.80 8.36
N GLU C 130 -22.63 19.05 7.92
CA GLU C 130 -22.01 20.18 8.62
C GLU C 130 -22.70 20.56 9.93
N VAL C 131 -21.99 21.29 10.78
CA VAL C 131 -22.47 21.72 12.09
C VAL C 131 -23.29 23.01 12.04
N TYR C 132 -24.13 23.21 13.06
CA TYR C 132 -24.96 24.41 13.15
C TYR C 132 -24.91 25.03 14.54
N THR C 133 -24.55 26.31 14.61
CA THR C 133 -24.44 26.99 15.90
C THR C 133 -25.52 28.05 16.07
N GLY C 134 -26.07 28.51 14.95
CA GLY C 134 -27.04 29.60 14.95
C GLY C 134 -28.41 29.26 15.51
N GLY C 135 -28.75 27.98 15.53
CA GLY C 135 -30.04 27.54 16.02
C GLY C 135 -31.15 27.76 15.00
N GLU C 136 -32.37 27.40 15.37
CA GLU C 136 -33.51 27.52 14.45
C GLU C 136 -33.81 28.97 14.14
N LEU C 137 -34.36 29.21 12.94
CA LEU C 137 -34.54 30.55 12.42
C LEU C 137 -35.53 31.42 13.20
N PHE C 138 -36.71 30.88 13.48
CA PHE C 138 -37.77 31.65 14.13
C PHE C 138 -37.36 32.17 15.52
N ASP C 139 -36.57 31.39 16.24
CA ASP C 139 -36.07 31.80 17.54
C ASP C 139 -35.20 33.05 17.41
N GLU C 140 -34.31 33.04 16.41
CA GLU C 140 -33.46 34.18 16.15
C GLU C 140 -34.28 35.38 15.68
N ILE C 141 -35.35 35.09 14.96
CA ILE C 141 -36.24 36.15 14.47
C ILE C 141 -36.90 36.87 15.63
N ILE C 142 -37.50 36.13 16.56
CA ILE C 142 -38.17 36.74 17.70
C ILE C 142 -37.13 37.32 18.66
N SER C 143 -35.90 36.83 18.55
CA SER C 143 -34.79 37.34 19.33
C SER C 143 -34.47 38.79 18.98
N ARG C 144 -34.70 39.16 17.73
CA ARG C 144 -34.36 40.50 17.26
C ARG C 144 -35.39 41.52 17.70
N LYS C 145 -34.98 42.78 17.73
CA LYS C 145 -35.86 43.87 18.16
C LYS C 145 -36.73 44.32 17.01
N ARG C 146 -36.15 44.38 15.81
CA ARG C 146 -36.85 44.90 14.65
C ARG C 146 -37.03 43.80 13.60
N PHE C 147 -38.26 43.64 13.10
CA PHE C 147 -38.53 42.67 12.05
C PHE C 147 -39.45 43.27 11.00
N SER C 148 -38.90 43.51 9.82
CA SER C 148 -39.62 44.15 8.73
C SER C 148 -39.81 43.21 7.55
N GLU C 149 -40.57 43.66 6.56
CA GLU C 149 -40.77 42.89 5.33
C GLU C 149 -39.47 42.68 4.58
N VAL C 150 -38.49 43.56 4.82
CA VAL C 150 -37.18 43.42 4.21
C VAL C 150 -36.48 42.14 4.68
N ASP C 151 -36.47 41.95 6.00
CA ASP C 151 -35.86 40.78 6.61
C ASP C 151 -36.52 39.50 6.11
N ALA C 152 -37.85 39.50 6.13
CA ALA C 152 -38.64 38.37 5.64
C ALA C 152 -38.36 38.09 4.17
N ALA C 153 -38.21 39.15 3.39
CA ALA C 153 -37.92 39.03 1.97
C ALA C 153 -36.56 38.37 1.76
N ARG C 154 -35.58 38.75 2.58
CA ARG C 154 -34.25 38.14 2.51
C ARG C 154 -34.32 36.66 2.87
N ILE C 155 -34.98 36.37 3.98
CA ILE C 155 -35.17 35.00 4.44
C ILE C 155 -35.80 34.08 3.39
N ILE C 156 -36.97 34.51 2.92
CA ILE C 156 -37.71 33.77 1.90
C ILE C 156 -36.89 33.68 0.61
N ARG C 157 -36.09 34.72 0.34
CA ARG C 157 -35.22 34.69 -0.83
C ARG C 157 -34.21 33.56 -0.75
N GLN C 158 -33.53 33.47 0.39
CA GLN C 158 -32.57 32.39 0.61
C GLN C 158 -33.23 31.02 0.51
N VAL C 159 -34.35 30.86 1.21
CA VAL C 159 -35.09 29.60 1.17
C VAL C 159 -35.44 29.20 -0.26
N LEU C 160 -36.05 30.12 -1.00
CA LEU C 160 -36.47 29.88 -2.38
C LEU C 160 -35.28 29.64 -3.30
N SER C 161 -34.13 30.22 -2.97
CA SER C 161 -32.90 29.97 -3.72
C SER C 161 -32.47 28.52 -3.55
N GLY C 162 -32.40 28.08 -2.31
CA GLY C 162 -32.05 26.70 -2.01
C GLY C 162 -33.00 25.73 -2.68
N ILE C 163 -34.30 25.99 -2.54
CA ILE C 163 -35.33 25.15 -3.14
C ILE C 163 -35.23 25.11 -4.65
N THR C 164 -35.01 26.26 -5.27
CA THR C 164 -34.89 26.34 -6.73
C THR C 164 -33.71 25.50 -7.20
N TYR C 165 -32.59 25.61 -6.48
CA TYR C 165 -31.41 24.82 -6.80
C TYR C 165 -31.72 23.33 -6.69
N MET C 166 -32.34 22.93 -5.58
CA MET C 166 -32.61 21.52 -5.32
C MET C 166 -33.59 20.91 -6.30
N HIS C 167 -34.61 21.68 -6.70
CA HIS C 167 -35.58 21.23 -7.68
C HIS C 167 -34.95 21.15 -9.07
N LYS C 168 -34.02 22.06 -9.35
CA LYS C 168 -33.29 22.04 -10.60
C LYS C 168 -32.51 20.75 -10.75
N ASN C 169 -32.07 20.20 -9.62
CA ASN C 169 -31.38 18.91 -9.60
C ASN C 169 -32.33 17.78 -9.22
N LYS C 170 -33.63 18.04 -9.42
CA LYS C 170 -34.68 17.01 -9.28
C LYS C 170 -34.77 16.38 -7.90
N ILE C 171 -34.70 17.19 -6.85
CA ILE C 171 -34.82 16.69 -5.48
C ILE C 171 -35.94 17.42 -4.74
N VAL C 172 -36.75 16.66 -4.00
CA VAL C 172 -37.91 17.21 -3.30
C VAL C 172 -37.82 16.99 -1.79
N HIS C 173 -38.13 18.05 -1.03
CA HIS C 173 -38.10 17.97 0.43
C HIS C 173 -39.38 17.35 0.99
N ARG C 174 -40.52 17.72 0.40
CA ARG C 174 -41.86 17.33 0.87
C ARG C 174 -42.17 17.85 2.28
N ASP C 175 -41.36 17.48 3.26
CA ASP C 175 -41.58 17.90 4.64
C ASP C 175 -40.76 19.14 4.97
N LEU C 176 -41.34 20.32 4.73
CA LEU C 176 -40.62 21.57 4.92
C LEU C 176 -41.17 22.35 6.12
N LYS C 177 -40.27 22.70 7.04
CA LYS C 177 -40.67 23.29 8.31
C LYS C 177 -39.73 24.41 8.75
N PRO C 178 -40.19 25.31 9.64
CA PRO C 178 -39.33 26.33 10.23
C PRO C 178 -38.18 25.69 10.99
N GLU C 179 -38.46 24.53 11.57
CA GLU C 179 -37.48 23.74 12.30
C GLU C 179 -36.33 23.36 11.36
N ASN C 180 -36.67 23.08 10.11
CA ASN C 180 -35.70 22.69 9.10
C ASN C 180 -34.86 23.87 8.62
N LEU C 181 -35.29 25.07 8.96
CA LEU C 181 -34.52 26.27 8.64
C LEU C 181 -33.55 26.58 9.78
N LEU C 182 -32.27 26.42 9.53
CA LEU C 182 -31.28 26.68 10.57
C LEU C 182 -30.36 27.84 10.17
N LEU C 183 -29.63 28.37 11.13
CA LEU C 183 -28.62 29.38 10.83
C LEU C 183 -27.23 28.82 11.08
N GLU C 184 -26.34 28.98 10.12
CA GLU C 184 -25.01 28.39 10.19
C GLU C 184 -24.17 28.97 11.33
N SER C 185 -24.35 30.25 11.61
CA SER C 185 -23.58 30.91 12.67
C SER C 185 -24.38 31.93 13.46
N LYS C 186 -23.85 32.29 14.63
CA LYS C 186 -24.43 33.34 15.46
C LYS C 186 -24.12 34.71 14.85
N SER C 187 -23.23 34.72 13.87
CA SER C 187 -22.80 35.93 13.18
C SER C 187 -23.98 36.71 12.62
N LYS C 188 -23.88 38.04 12.70
CA LYS C 188 -24.95 38.93 12.25
C LYS C 188 -25.25 38.78 10.76
N ASP C 189 -26.54 38.79 10.43
CA ASP C 189 -27.00 38.74 9.05
C ASP C 189 -26.51 37.50 8.30
N ALA C 190 -26.19 36.44 9.04
CA ALA C 190 -25.78 35.19 8.44
C ALA C 190 -26.93 34.51 7.70
N ASN C 191 -26.58 33.70 6.69
CA ASN C 191 -27.57 33.08 5.82
C ASN C 191 -28.17 31.80 6.37
N ILE C 192 -29.31 31.40 5.78
CA ILE C 192 -30.07 30.24 6.21
C ILE C 192 -29.61 28.96 5.53
N ARG C 193 -29.66 27.85 6.25
CA ARG C 193 -29.43 26.55 5.65
C ARG C 193 -30.58 25.59 5.92
N ILE C 194 -31.09 25.01 4.83
CA ILE C 194 -32.19 24.04 4.87
C ILE C 194 -31.67 22.63 5.10
N ILE C 195 -32.39 21.84 5.88
CA ILE C 195 -31.96 20.49 6.24
C ILE C 195 -32.99 19.43 5.82
N ASP C 196 -32.53 18.18 5.79
CA ASP C 196 -33.39 17.01 5.52
C ASP C 196 -33.96 16.99 4.11
N PHE C 197 -33.26 17.57 3.15
CA PHE C 197 -33.71 17.57 1.76
C PHE C 197 -33.64 16.17 1.15
N GLY C 198 -34.77 15.67 0.67
CA GLY C 198 -34.81 14.41 -0.03
C GLY C 198 -34.76 13.19 0.87
N LEU C 199 -34.91 13.41 2.17
CA LEU C 199 -34.92 12.32 3.13
C LEU C 199 -36.34 11.77 3.29
N SER C 200 -37.31 12.65 3.08
CA SER C 200 -38.71 12.31 3.26
C SER C 200 -39.20 11.26 2.26
N THR C 201 -38.60 11.26 1.07
CA THR C 201 -38.99 10.35 -0.01
C THR C 201 -38.69 8.88 0.33
N HIS C 202 -37.68 8.66 1.17
CA HIS C 202 -37.29 7.31 1.56
C HIS C 202 -37.77 6.87 2.95
N PHE C 203 -37.98 7.83 3.85
CA PHE C 203 -38.37 7.49 5.23
C PHE C 203 -39.72 8.08 5.65
N GLU C 204 -40.44 7.34 6.49
CA GLU C 204 -41.65 7.83 7.13
C GLU C 204 -41.54 7.67 8.64
N ALA C 205 -41.64 8.78 9.36
CA ALA C 205 -41.40 8.80 10.80
C ALA C 205 -42.49 8.09 11.60
N SER C 206 -42.18 7.83 12.88
CA SER C 206 -43.09 7.14 13.78
C SER C 206 -43.18 7.88 15.12
N LYS C 207 -44.10 8.84 15.18
CA LYS C 207 -44.28 9.66 16.38
C LYS C 207 -45.76 9.88 16.67
N LYS C 212 -48.74 13.36 13.86
CA LYS C 212 -47.58 14.16 14.20
C LYS C 212 -47.99 15.53 14.74
N ILE C 213 -47.07 16.19 15.43
CA ILE C 213 -47.32 17.52 16.00
C ILE C 213 -46.64 18.71 15.28
N GLY C 214 -47.40 19.39 14.42
CA GLY C 214 -46.85 20.56 13.77
C GLY C 214 -46.30 20.35 12.38
N THR C 215 -46.70 19.26 11.74
CA THR C 215 -46.28 19.00 10.37
C THR C 215 -47.49 19.11 9.45
N ALA C 216 -48.67 19.17 10.04
CA ALA C 216 -49.91 19.30 9.30
C ALA C 216 -50.08 20.72 8.79
N TYR C 217 -49.44 21.68 9.48
CA TYR C 217 -49.50 23.08 9.08
C TYR C 217 -48.95 23.32 7.68
N TYR C 218 -47.86 22.64 7.35
CA TYR C 218 -47.07 22.96 6.16
C TYR C 218 -47.23 21.94 5.05
N ILE C 219 -47.93 20.85 5.33
CA ILE C 219 -48.07 19.78 4.34
C ILE C 219 -49.02 20.22 3.24
N ALA C 220 -48.75 19.78 2.01
CA ALA C 220 -49.53 20.18 0.85
C ALA C 220 -50.69 19.21 0.62
N PRO C 221 -51.80 19.73 0.06
CA PRO C 221 -52.99 18.90 -0.18
C PRO C 221 -52.70 17.66 -1.02
N GLU C 222 -51.89 17.81 -2.06
CA GLU C 222 -51.55 16.69 -2.93
C GLU C 222 -50.77 15.61 -2.18
N VAL C 223 -49.91 16.03 -1.26
CA VAL C 223 -49.19 15.10 -0.41
C VAL C 223 -50.18 14.33 0.46
N LEU C 224 -51.20 15.05 0.94
CA LEU C 224 -52.25 14.44 1.74
C LEU C 224 -53.08 13.45 0.95
N HIS C 225 -53.22 13.69 -0.34
CA HIS C 225 -54.06 12.85 -1.19
C HIS C 225 -53.27 11.70 -1.84
N GLY C 226 -51.95 11.76 -1.76
CA GLY C 226 -51.12 10.69 -2.30
C GLY C 226 -49.92 11.20 -3.08
N THR C 227 -49.84 10.80 -4.35
CA THR C 227 -48.74 11.19 -5.22
C THR C 227 -48.63 12.70 -5.35
N TYR C 228 -47.40 13.19 -5.54
CA TYR C 228 -47.13 14.62 -5.57
C TYR C 228 -45.83 14.91 -6.33
N ASP C 229 -45.59 16.18 -6.62
CA ASP C 229 -44.31 16.59 -7.18
C ASP C 229 -43.65 17.68 -6.34
N GLU C 230 -42.65 18.34 -6.90
CA GLU C 230 -41.84 19.32 -6.16
C GLU C 230 -42.63 20.56 -5.75
N LYS C 231 -43.71 20.86 -6.46
CA LYS C 231 -44.48 22.08 -6.21
C LYS C 231 -45.02 22.14 -4.78
N CYS C 232 -45.17 20.98 -4.16
CA CYS C 232 -45.61 20.89 -2.78
C CYS C 232 -44.71 21.71 -1.87
N ASP C 233 -43.40 21.63 -2.12
CA ASP C 233 -42.44 22.40 -1.35
C ASP C 233 -42.81 23.89 -1.35
N VAL C 234 -43.14 24.40 -2.54
CA VAL C 234 -43.52 25.79 -2.68
C VAL C 234 -44.64 26.11 -1.70
N TRP C 235 -45.66 25.25 -1.69
CA TRP C 235 -46.80 25.40 -0.80
C TRP C 235 -46.31 25.58 0.64
N SER C 236 -45.44 24.67 1.06
CA SER C 236 -44.89 24.70 2.40
C SER C 236 -44.27 26.06 2.66
N THR C 237 -43.40 26.48 1.74
CA THR C 237 -42.72 27.75 1.87
C THR C 237 -43.74 28.87 2.05
N GLY C 238 -44.79 28.81 1.23
CA GLY C 238 -45.85 29.79 1.30
C GLY C 238 -46.36 29.88 2.71
N VAL C 239 -46.71 28.72 3.27
CA VAL C 239 -47.22 28.66 4.63
C VAL C 239 -46.24 29.34 5.58
N ILE C 240 -44.97 28.98 5.47
CA ILE C 240 -43.96 29.57 6.33
C ILE C 240 -44.00 31.09 6.18
N LEU C 241 -43.99 31.54 4.93
CA LEU C 241 -44.03 32.97 4.65
C LEU C 241 -45.23 33.60 5.32
N TYR C 242 -46.36 32.92 5.22
CA TYR C 242 -47.59 33.41 5.80
C TYR C 242 -47.33 33.69 7.28
N ILE C 243 -46.84 32.68 7.98
CA ILE C 243 -46.57 32.81 9.40
C ILE C 243 -45.59 33.95 9.61
N LEU C 244 -44.56 34.00 8.76
CA LEU C 244 -43.51 35.00 8.89
C LEU C 244 -44.05 36.42 8.90
N LEU C 245 -45.21 36.62 8.27
CA LEU C 245 -45.76 37.96 8.17
C LEU C 245 -46.89 38.20 9.16
N SER C 246 -47.43 37.12 9.72
CA SER C 246 -48.59 37.24 10.59
C SER C 246 -48.41 36.55 11.94
N GLY C 247 -47.48 35.61 12.01
CA GLY C 247 -47.23 34.87 13.24
C GLY C 247 -48.28 33.82 13.53
N CYS C 248 -49.17 33.58 12.56
CA CYS C 248 -50.21 32.57 12.71
C CYS C 248 -50.29 31.67 11.48
N PRO C 249 -50.60 30.38 11.70
CA PRO C 249 -50.77 29.43 10.59
C PRO C 249 -52.01 29.74 9.76
N PRO C 250 -51.89 29.69 8.42
CA PRO C 250 -53.01 29.94 7.51
C PRO C 250 -54.09 28.87 7.62
N PHE C 251 -53.67 27.62 7.76
CA PHE C 251 -54.59 26.51 8.00
C PHE C 251 -54.35 26.01 9.43
N ASN C 252 -55.27 26.38 10.32
CA ASN C 252 -55.05 26.16 11.75
C ASN C 252 -56.15 25.32 12.40
N GLY C 253 -55.79 24.63 13.47
CA GLY C 253 -56.72 23.79 14.19
C GLY C 253 -56.22 23.44 15.58
N ALA C 254 -57.12 22.91 16.41
CA ALA C 254 -56.75 22.52 17.77
C ALA C 254 -55.83 21.30 17.74
N ASN C 255 -56.11 20.37 16.83
CA ASN C 255 -55.32 19.15 16.70
C ASN C 255 -55.00 18.86 15.24
N GLU C 256 -54.24 17.79 15.01
CA GLU C 256 -53.84 17.38 13.68
C GLU C 256 -55.04 17.22 12.74
N TYR C 257 -56.13 16.67 13.26
CA TYR C 257 -57.33 16.42 12.48
C TYR C 257 -57.93 17.71 11.92
N ASP C 258 -58.07 18.72 12.78
CA ASP C 258 -58.64 20.00 12.39
C ASP C 258 -57.76 20.70 11.36
N ILE C 259 -56.46 20.72 11.63
CA ILE C 259 -55.48 21.31 10.72
C ILE C 259 -55.58 20.65 9.35
N LEU C 260 -55.64 19.32 9.33
CA LEU C 260 -55.72 18.59 8.08
C LEU C 260 -57.04 18.87 7.36
N LYS C 261 -58.11 19.07 8.11
CA LYS C 261 -59.38 19.46 7.50
C LYS C 261 -59.24 20.81 6.81
N LYS C 262 -58.62 21.77 7.50
CA LYS C 262 -58.45 23.12 6.95
C LYS C 262 -57.54 23.15 5.72
N VAL C 263 -56.40 22.46 5.79
CA VAL C 263 -55.48 22.44 4.66
C VAL C 263 -56.08 21.70 3.47
N GLU C 264 -56.81 20.61 3.75
CA GLU C 264 -57.46 19.86 2.68
C GLU C 264 -58.52 20.71 2.00
N LYS C 265 -59.23 21.50 2.80
CA LYS C 265 -60.21 22.44 2.25
C LYS C 265 -59.50 23.51 1.42
N GLY C 266 -58.27 23.81 1.79
CA GLY C 266 -57.43 24.72 1.02
C GLY C 266 -57.73 26.19 1.23
N LYS C 267 -58.82 26.48 1.94
CA LYS C 267 -59.25 27.86 2.15
C LYS C 267 -58.46 28.55 3.26
N TYR C 268 -58.17 29.83 3.04
CA TYR C 268 -57.46 30.66 4.00
C TYR C 268 -57.78 32.13 3.75
N THR C 269 -57.46 32.99 4.70
CA THR C 269 -57.74 34.42 4.56
C THR C 269 -56.58 35.30 5.00
N PHE C 270 -56.77 36.61 4.85
CA PHE C 270 -55.83 37.61 5.34
C PHE C 270 -56.57 38.57 6.27
N GLU C 271 -57.61 38.05 6.93
CA GLU C 271 -58.50 38.87 7.74
C GLU C 271 -57.88 39.39 9.03
N LEU C 272 -56.86 38.70 9.53
CA LEU C 272 -56.20 39.11 10.77
C LEU C 272 -55.62 40.52 10.64
N PRO C 273 -55.84 41.37 11.65
CA PRO C 273 -55.48 42.79 11.67
C PRO C 273 -54.04 43.10 11.27
N GLN C 274 -53.09 42.27 11.70
CA GLN C 274 -51.68 42.54 11.42
C GLN C 274 -51.38 42.53 9.91
N TRP C 275 -52.23 41.86 9.14
CA TRP C 275 -52.07 41.82 7.70
C TRP C 275 -52.22 43.21 7.07
N LYS C 276 -52.85 44.12 7.81
CA LYS C 276 -52.97 45.50 7.34
C LYS C 276 -51.61 46.17 7.22
N LYS C 277 -50.62 45.65 7.96
CA LYS C 277 -49.27 46.21 7.90
C LYS C 277 -48.47 45.58 6.78
N VAL C 278 -49.05 44.58 6.12
CA VAL C 278 -48.34 43.84 5.08
C VAL C 278 -48.72 44.32 3.67
N SER C 279 -47.72 44.44 2.80
CA SER C 279 -47.91 44.89 1.43
C SER C 279 -48.75 43.91 0.61
N GLU C 280 -49.37 44.41 -0.45
CA GLU C 280 -50.24 43.61 -1.30
C GLU C 280 -49.48 42.58 -2.12
N SER C 281 -48.25 42.93 -2.51
CA SER C 281 -47.42 42.04 -3.31
C SER C 281 -47.13 40.73 -2.57
N ALA C 282 -46.89 40.84 -1.27
CA ALA C 282 -46.63 39.67 -0.43
C ALA C 282 -47.84 38.75 -0.41
N LYS C 283 -49.02 39.34 -0.23
CA LYS C 283 -50.27 38.59 -0.21
C LYS C 283 -50.51 37.91 -1.56
N ASP C 284 -50.15 38.61 -2.64
CA ASP C 284 -50.29 38.06 -3.99
C ASP C 284 -49.39 36.84 -4.18
N LEU C 285 -48.13 36.98 -3.78
CA LEU C 285 -47.17 35.88 -3.88
C LEU C 285 -47.63 34.70 -3.03
N ILE C 286 -48.17 34.98 -1.86
CA ILE C 286 -48.74 33.96 -1.00
C ILE C 286 -49.88 33.24 -1.71
N ARG C 287 -50.74 34.01 -2.37
CA ARG C 287 -51.86 33.47 -3.11
C ARG C 287 -51.38 32.50 -4.18
N LYS C 288 -50.33 32.90 -4.90
CA LYS C 288 -49.76 32.06 -5.95
C LYS C 288 -49.12 30.81 -5.36
N MET C 289 -48.48 30.95 -4.20
CA MET C 289 -47.85 29.82 -3.52
C MET C 289 -48.89 28.85 -2.94
N LEU C 290 -49.96 29.40 -2.39
CA LEU C 290 -51.01 28.58 -1.79
C LEU C 290 -52.13 28.32 -2.80
N THR C 291 -51.76 27.81 -3.97
CA THR C 291 -52.74 27.41 -4.96
C THR C 291 -52.98 25.90 -4.89
N TYR C 292 -54.25 25.52 -4.87
CA TYR C 292 -54.63 24.14 -4.64
C TYR C 292 -54.10 23.20 -5.72
N VAL C 293 -54.27 23.60 -6.98
CA VAL C 293 -53.82 22.78 -8.10
C VAL C 293 -52.31 22.96 -8.30
N PRO C 294 -51.55 21.86 -8.17
CA PRO C 294 -50.08 21.87 -8.22
C PRO C 294 -49.53 22.49 -9.49
N SER C 295 -50.07 22.09 -10.64
CA SER C 295 -49.64 22.63 -11.93
C SER C 295 -49.89 24.14 -12.00
N MET C 296 -51.00 24.57 -11.43
CA MET C 296 -51.38 25.97 -11.41
C MET C 296 -50.54 26.77 -10.42
N ARG C 297 -49.91 26.08 -9.49
CA ARG C 297 -49.12 26.71 -8.44
C ARG C 297 -47.81 27.27 -9.00
N ILE C 298 -47.38 28.41 -8.45
CA ILE C 298 -46.15 29.05 -8.88
C ILE C 298 -44.94 28.20 -8.51
N SER C 299 -43.95 28.17 -9.39
CA SER C 299 -42.73 27.42 -9.15
C SER C 299 -41.79 28.17 -8.21
N ALA C 300 -40.76 27.48 -7.73
CA ALA C 300 -39.77 28.08 -6.85
C ALA C 300 -39.02 29.19 -7.60
N ARG C 301 -38.69 28.90 -8.86
CA ARG C 301 -37.95 29.84 -9.69
C ARG C 301 -38.73 31.11 -10.01
N ASP C 302 -40.00 30.94 -10.38
CA ASP C 302 -40.88 32.07 -10.66
C ASP C 302 -41.11 32.90 -9.41
N ALA C 303 -41.30 32.22 -8.29
CA ALA C 303 -41.51 32.90 -7.01
C ALA C 303 -40.27 33.66 -6.58
N LEU C 304 -39.10 33.13 -6.95
CA LEU C 304 -37.83 33.77 -6.64
C LEU C 304 -37.73 35.11 -7.37
N ASP C 305 -38.41 35.20 -8.52
CA ASP C 305 -38.40 36.41 -9.33
C ASP C 305 -39.67 37.24 -9.15
N HIS C 306 -40.47 36.90 -8.14
CA HIS C 306 -41.72 37.60 -7.89
C HIS C 306 -41.51 39.08 -7.58
N GLU C 307 -42.56 39.88 -7.74
CA GLU C 307 -42.50 41.32 -7.52
C GLU C 307 -42.16 41.69 -6.09
N TRP C 308 -42.75 40.98 -5.12
CA TRP C 308 -42.57 41.28 -3.71
C TRP C 308 -41.13 41.14 -3.26
N ILE C 309 -40.54 39.99 -3.54
CA ILE C 309 -39.15 39.73 -3.20
C ILE C 309 -38.23 40.68 -3.96
N GLN C 310 -38.61 40.98 -5.20
CA GLN C 310 -37.82 41.87 -6.05
C GLN C 310 -37.70 43.25 -5.42
N THR C 311 -38.84 43.84 -5.07
CA THR C 311 -38.85 45.17 -4.49
C THR C 311 -38.23 45.17 -3.11
N TYR C 312 -38.60 44.19 -2.29
CA TYR C 312 -38.22 44.18 -0.89
C TYR C 312 -36.85 43.56 -0.58
N THR C 313 -36.09 43.22 -1.61
CA THR C 313 -34.73 42.72 -1.36
C THR C 313 -33.71 43.69 -1.95
N LYS C 314 -34.21 44.77 -2.53
CA LYS C 314 -33.35 45.84 -3.03
C LYS C 314 -32.89 46.73 -1.88
N GLU C 315 -31.92 47.60 -2.16
CA GLU C 315 -31.41 48.52 -1.15
C GLU C 315 -31.96 49.92 -1.37
N GLN C 316 -33.21 50.00 -1.81
CA GLN C 316 -33.88 51.27 -2.03
C GLN C 316 -35.35 51.15 -1.67
N ILE C 317 -36.03 52.29 -1.54
CA ILE C 317 -37.45 52.30 -1.19
C ILE C 317 -38.30 51.79 -2.34
N ASP C 320 -41.98 52.99 2.98
CA ASP C 320 -42.64 52.78 4.26
C ASP C 320 -42.63 51.31 4.67
N VAL C 321 -41.54 50.88 5.29
CA VAL C 321 -41.42 49.50 5.74
C VAL C 321 -41.28 49.42 7.26
N PRO C 322 -42.43 49.33 7.95
CA PRO C 322 -42.56 49.26 9.41
C PRO C 322 -41.98 47.96 9.99
N SER C 323 -42.32 47.69 11.23
CA SER C 323 -41.89 46.46 11.89
C SER C 323 -43.15 45.71 12.31
N LEU C 324 -43.15 44.40 12.05
CA LEU C 324 -44.33 43.57 12.29
C LEU C 324 -44.35 43.06 13.72
N ASP C 325 -44.61 43.98 14.64
CA ASP C 325 -44.55 43.69 16.07
C ASP C 325 -45.55 42.64 16.55
N ASN C 326 -46.80 42.77 16.10
CA ASN C 326 -47.82 41.79 16.48
C ASN C 326 -47.49 40.43 15.90
N ALA C 327 -46.94 40.44 14.68
CA ALA C 327 -46.55 39.21 14.00
C ALA C 327 -45.43 38.50 14.74
N ILE C 328 -44.36 39.24 15.05
CA ILE C 328 -43.20 38.65 15.72
C ILE C 328 -43.57 38.23 17.15
N LEU C 329 -44.51 38.94 17.76
CA LEU C 329 -45.05 38.55 19.05
C LEU C 329 -45.74 37.20 18.92
N ASN C 330 -46.59 37.07 17.92
CA ASN C 330 -47.29 35.81 17.67
C ASN C 330 -46.35 34.68 17.30
N ILE C 331 -45.21 35.00 16.72
CA ILE C 331 -44.20 34.01 16.43
C ILE C 331 -43.57 33.56 17.75
N ARG C 332 -43.34 34.51 18.65
CA ARG C 332 -42.86 34.16 19.99
C ARG C 332 -43.86 33.27 20.74
N GLN C 333 -45.15 33.55 20.60
CA GLN C 333 -46.15 32.67 21.21
C GLN C 333 -46.04 31.32 20.54
N PHE C 334 -45.96 31.35 19.21
CA PHE C 334 -45.71 30.16 18.41
C PHE C 334 -44.34 29.65 18.86
N GLN C 335 -43.92 28.46 18.44
CA GLN C 335 -42.59 27.96 18.80
C GLN C 335 -42.50 27.79 20.32
N GLY C 336 -41.31 27.54 20.84
CA GLY C 336 -41.10 27.51 22.28
C GLY C 336 -41.50 28.81 22.96
N THR C 337 -42.32 28.70 24.00
CA THR C 337 -42.89 29.88 24.66
C THR C 337 -41.85 30.85 25.21
N GLN C 338 -41.18 30.44 26.29
CA GLN C 338 -40.20 31.29 26.98
C GLN C 338 -40.85 32.61 27.38
N LYS C 339 -41.92 32.53 28.16
CA LYS C 339 -42.79 33.67 28.42
C LYS C 339 -43.29 33.74 29.85
N LEU C 340 -44.31 34.58 30.04
CA LEU C 340 -45.13 34.57 31.24
C LEU C 340 -46.02 33.34 31.21
N ALA C 341 -46.10 32.70 30.04
CA ALA C 341 -46.92 31.51 29.84
C ALA C 341 -46.53 30.34 30.75
N GLN C 342 -45.23 30.07 30.84
CA GLN C 342 -44.75 29.00 31.70
C GLN C 342 -45.07 29.29 33.16
N ALA C 343 -44.73 30.51 33.60
CA ALA C 343 -44.99 30.93 34.97
C ALA C 343 -46.48 30.81 35.31
N ALA C 344 -47.33 31.19 34.35
CA ALA C 344 -48.77 31.14 34.56
C ALA C 344 -49.28 29.71 34.65
N LEU C 345 -48.79 28.84 33.77
CA LEU C 345 -49.22 27.45 33.76
C LEU C 345 -48.76 26.72 35.02
N LEU C 346 -47.50 26.94 35.41
CA LEU C 346 -46.94 26.33 36.61
C LEU C 346 -47.64 26.83 37.88
N TYR C 347 -47.80 28.15 37.97
CA TYR C 347 -48.48 28.77 39.09
C TYR C 347 -49.91 28.24 39.21
N MET C 348 -50.59 28.15 38.07
CA MET C 348 -51.95 27.63 38.03
C MET C 348 -52.00 26.18 38.49
N GLY C 349 -51.01 25.40 38.08
CA GLY C 349 -50.93 24.00 38.45
C GLY C 349 -50.68 23.77 39.93
N SER C 350 -49.80 24.57 40.51
CA SER C 350 -49.38 24.38 41.89
C SER C 350 -50.30 25.07 42.91
N LYS C 351 -50.86 26.22 42.54
CA LYS C 351 -51.60 27.06 43.49
C LYS C 351 -53.10 27.13 43.27
N LEU C 352 -53.56 26.73 42.08
CA LEU C 352 -54.96 26.93 41.72
C LEU C 352 -55.73 25.64 41.44
N THR C 353 -55.46 24.60 42.22
CA THR C 353 -56.20 23.35 42.08
C THR C 353 -57.22 23.20 43.21
N SER C 354 -58.33 22.54 42.91
CA SER C 354 -59.34 22.26 43.92
C SER C 354 -58.84 21.22 44.90
N GLN C 355 -59.58 21.04 45.99
CA GLN C 355 -59.17 20.11 47.05
C GLN C 355 -59.04 18.68 46.54
N ASP C 356 -60.01 18.27 45.72
CA ASP C 356 -60.00 16.93 45.13
C ASP C 356 -58.80 16.76 44.20
N GLU C 357 -58.58 17.77 43.35
CA GLU C 357 -57.47 17.77 42.41
C GLU C 357 -56.13 17.71 43.14
N THR C 358 -55.97 18.58 44.13
CA THR C 358 -54.74 18.64 44.90
C THR C 358 -54.49 17.32 45.61
N LYS C 359 -55.55 16.75 46.17
CA LYS C 359 -55.46 15.46 46.87
C LYS C 359 -54.98 14.34 45.95
N GLU C 360 -55.68 14.17 44.83
CA GLU C 360 -55.37 13.10 43.89
C GLU C 360 -53.98 13.25 43.28
N LEU C 361 -53.66 14.47 42.86
CA LEU C 361 -52.37 14.75 42.22
C LEU C 361 -51.20 14.57 43.20
N THR C 362 -51.36 15.07 44.42
CA THR C 362 -50.33 14.92 45.44
C THR C 362 -50.14 13.45 45.79
N ALA C 363 -51.25 12.73 45.87
CA ALA C 363 -51.21 11.30 46.14
C ALA C 363 -50.44 10.54 45.07
N ILE C 364 -50.80 10.78 43.81
CA ILE C 364 -50.14 10.14 42.68
C ILE C 364 -48.65 10.46 42.66
N PHE C 365 -48.33 11.73 42.89
CA PHE C 365 -46.95 12.19 42.85
C PHE C 365 -46.13 11.53 43.95
N HIS C 366 -46.73 11.38 45.12
CA HIS C 366 -46.09 10.68 46.23
C HIS C 366 -45.88 9.20 45.90
N LYS C 367 -46.88 8.59 45.28
CA LYS C 367 -46.80 7.18 44.89
C LYS C 367 -45.69 6.95 43.88
N MET C 368 -45.47 7.92 43.00
CA MET C 368 -44.44 7.79 41.98
C MET C 368 -43.05 8.23 42.47
N ASP C 369 -43.01 9.11 43.46
CA ASP C 369 -41.74 9.57 44.02
C ASP C 369 -41.24 8.59 45.07
N LYS C 370 -40.45 7.62 44.62
CA LYS C 370 -40.02 6.51 45.47
C LYS C 370 -39.04 6.93 46.57
N ASN C 371 -38.05 7.75 46.22
CA ASN C 371 -37.05 8.18 47.20
C ASN C 371 -37.51 9.39 47.99
N GLY C 372 -38.63 9.98 47.58
CA GLY C 372 -39.25 11.06 48.32
C GLY C 372 -38.54 12.40 48.26
N ASP C 373 -37.69 12.62 47.27
CA ASP C 373 -36.97 13.87 47.15
C ASP C 373 -37.88 15.03 46.73
N GLY C 374 -39.06 14.71 46.22
CA GLY C 374 -40.00 15.71 45.78
C GLY C 374 -39.91 15.92 44.28
N GLN C 375 -39.12 15.08 43.63
CA GLN C 375 -38.94 15.17 42.19
C GLN C 375 -39.16 13.82 41.51
N LEU C 376 -39.64 13.85 40.28
CA LEU C 376 -39.71 12.64 39.45
C LEU C 376 -38.57 12.65 38.44
N ASP C 377 -37.84 11.54 38.37
CA ASP C 377 -36.74 11.42 37.43
C ASP C 377 -37.10 10.42 36.33
N ARG C 378 -36.12 10.12 35.47
CA ARG C 378 -36.34 9.21 34.36
C ARG C 378 -36.85 7.85 34.84
N ALA C 379 -36.15 7.29 35.83
CA ALA C 379 -36.48 5.96 36.33
C ALA C 379 -37.89 5.88 36.94
N GLU C 380 -38.18 6.81 37.85
CA GLU C 380 -39.50 6.82 38.49
C GLU C 380 -40.62 7.12 37.50
N LEU C 381 -40.36 8.00 36.54
CA LEU C 381 -41.34 8.31 35.50
C LEU C 381 -41.61 7.07 34.66
N ILE C 382 -40.56 6.31 34.37
CA ILE C 382 -40.68 5.08 33.60
C ILE C 382 -41.50 4.03 34.37
N GLU C 383 -41.13 3.79 35.62
CA GLU C 383 -41.77 2.78 36.44
C GLU C 383 -43.23 3.14 36.75
N GLY C 384 -43.51 4.44 36.84
CA GLY C 384 -44.83 4.91 37.17
C GLY C 384 -45.70 5.32 35.99
N TYR C 385 -45.15 5.26 34.78
CA TYR C 385 -45.85 5.77 33.60
C TYR C 385 -47.16 5.06 33.28
N LYS C 386 -47.11 3.74 33.13
CA LYS C 386 -48.28 2.96 32.74
C LYS C 386 -49.43 3.12 33.74
N GLU C 387 -49.07 3.24 35.01
CA GLU C 387 -50.06 3.39 36.07
C GLU C 387 -50.59 4.83 36.11
N LEU C 388 -49.72 5.78 35.77
CA LEU C 388 -50.12 7.17 35.65
C LEU C 388 -51.17 7.32 34.56
N MET C 389 -50.94 6.65 33.44
CA MET C 389 -51.90 6.64 32.34
C MET C 389 -53.14 5.85 32.73
N ARG C 390 -52.96 4.83 33.57
CA ARG C 390 -54.06 4.06 34.12
C ARG C 390 -54.99 4.91 34.97
N MET C 391 -54.41 5.91 35.64
CA MET C 391 -55.19 6.86 36.41
C MET C 391 -56.01 7.77 35.50
N LYS C 392 -55.44 8.11 34.34
CA LYS C 392 -56.10 9.01 33.41
C LYS C 392 -56.85 8.22 32.35
N GLY C 393 -56.63 6.91 32.33
CA GLY C 393 -57.43 6.03 31.50
C GLY C 393 -56.97 5.88 30.06
N ALA C 396 -55.25 2.97 28.91
CA ALA C 396 -54.93 1.55 28.74
C ALA C 396 -53.43 1.28 28.95
N SER C 397 -52.66 1.44 27.88
CA SER C 397 -51.20 1.43 27.90
C SER C 397 -50.57 0.14 28.45
N MET C 398 -51.38 -0.87 28.72
CA MET C 398 -50.87 -2.16 29.17
C MET C 398 -49.99 -2.82 28.10
N LEU C 399 -50.34 -2.58 26.84
CA LEU C 399 -49.64 -3.14 25.69
C LEU C 399 -48.50 -2.23 25.20
N ASP C 400 -47.52 -2.02 26.06
CA ASP C 400 -46.40 -1.13 25.77
C ASP C 400 -45.03 -1.80 25.83
N ALA C 401 -44.29 -1.72 24.72
CA ALA C 401 -42.91 -2.18 24.67
C ALA C 401 -42.08 -1.22 25.50
N SER C 402 -41.21 -1.78 26.34
CA SER C 402 -40.43 -0.99 27.29
C SER C 402 -39.70 0.19 26.64
N ALA C 403 -39.27 0.03 25.40
CA ALA C 403 -38.55 1.09 24.72
C ALA C 403 -39.42 2.30 24.37
N VAL C 404 -40.63 2.08 23.89
CA VAL C 404 -41.46 3.23 23.54
C VAL C 404 -41.91 3.92 24.82
N GLU C 405 -41.94 3.17 25.93
CA GLU C 405 -42.24 3.76 27.23
C GLU C 405 -41.15 4.74 27.65
N HIS C 406 -39.90 4.32 27.53
CA HIS C 406 -38.76 5.17 27.84
C HIS C 406 -38.77 6.38 26.92
N GLU C 407 -39.13 6.15 25.66
CA GLU C 407 -39.16 7.22 24.68
C GLU C 407 -40.20 8.28 25.07
N VAL C 408 -41.41 7.84 25.39
CA VAL C 408 -42.46 8.77 25.80
C VAL C 408 -42.06 9.50 27.09
N ASP C 409 -41.44 8.78 28.02
CA ASP C 409 -40.94 9.39 29.25
C ASP C 409 -39.92 10.48 28.94
N GLN C 410 -39.16 10.27 27.87
CA GLN C 410 -38.18 11.26 27.43
C GLN C 410 -38.85 12.48 26.82
N VAL C 411 -39.90 12.25 26.03
CA VAL C 411 -40.70 13.35 25.47
C VAL C 411 -41.35 14.22 26.56
N LEU C 412 -41.97 13.55 27.53
CA LEU C 412 -42.55 14.26 28.66
C LEU C 412 -41.44 15.00 29.40
N ASP C 413 -40.27 14.38 29.48
CA ASP C 413 -39.10 15.07 30.00
C ASP C 413 -38.67 16.22 29.09
N ALA C 414 -39.14 16.23 27.85
CA ALA C 414 -38.95 17.40 26.99
C ALA C 414 -40.06 18.41 27.20
N VAL C 415 -41.04 18.05 28.03
CA VAL C 415 -42.01 19.03 28.51
C VAL C 415 -41.62 19.48 29.92
N ASP C 416 -40.41 19.08 30.33
CA ASP C 416 -39.82 19.48 31.61
C ASP C 416 -39.24 20.88 31.50
N PHE C 417 -40.05 21.88 31.83
CA PHE C 417 -39.78 23.28 31.49
C PHE C 417 -38.39 23.83 31.84
N ASP C 418 -37.94 23.70 33.08
CA ASP C 418 -36.63 24.25 33.45
C ASP C 418 -35.45 23.39 32.97
N LYS C 419 -35.73 22.16 32.55
CA LYS C 419 -34.70 21.24 32.08
C LYS C 419 -33.63 20.95 33.12
N ASN C 420 -34.02 20.92 34.40
CA ASN C 420 -33.09 20.55 35.45
C ASN C 420 -32.82 19.05 35.47
N GLY C 421 -33.67 18.30 34.77
CA GLY C 421 -33.51 16.86 34.66
C GLY C 421 -34.55 16.10 35.47
N TYR C 422 -35.38 16.85 36.19
CA TYR C 422 -36.43 16.25 36.99
C TYR C 422 -37.77 16.93 36.70
N ILE C 423 -38.86 16.22 36.92
CA ILE C 423 -40.17 16.83 36.80
C ILE C 423 -40.73 17.04 38.21
N GLU C 424 -40.89 18.30 38.59
CA GLU C 424 -41.41 18.65 39.91
C GLU C 424 -42.90 18.37 40.00
N TYR C 425 -43.50 18.76 41.12
CA TYR C 425 -44.93 18.57 41.30
C TYR C 425 -45.77 19.40 40.34
N SER C 426 -45.44 20.68 40.19
CA SER C 426 -46.22 21.58 39.33
C SER C 426 -46.19 21.12 37.88
N GLU C 427 -44.99 20.83 37.38
CA GLU C 427 -44.79 20.29 36.04
C GLU C 427 -45.55 18.98 35.90
N PHE C 428 -45.53 18.17 36.96
CA PHE C 428 -46.27 16.93 36.98
C PHE C 428 -47.76 17.18 36.83
N VAL C 429 -48.25 18.24 37.44
CA VAL C 429 -49.67 18.59 37.35
C VAL C 429 -49.97 18.99 35.91
N THR C 430 -49.02 19.67 35.30
CA THR C 430 -49.12 19.99 33.88
C THR C 430 -49.25 18.72 33.03
N VAL C 431 -48.52 17.67 33.41
CA VAL C 431 -48.58 16.40 32.67
C VAL C 431 -49.85 15.58 32.91
N ALA C 432 -50.13 15.26 34.18
CA ALA C 432 -51.20 14.34 34.55
C ALA C 432 -52.58 14.90 34.25
N MET C 433 -52.72 16.22 34.37
CA MET C 433 -53.98 16.89 34.10
C MET C 433 -54.00 17.39 32.66
N ASP C 434 -54.99 16.96 31.89
CA ASP C 434 -55.12 17.41 30.50
C ASP C 434 -55.40 18.92 30.43
N ARG C 435 -54.95 19.54 29.35
CA ARG C 435 -55.06 20.99 29.20
C ARG C 435 -56.52 21.46 29.21
N LYS C 436 -57.44 20.58 28.81
CA LYS C 436 -58.86 20.90 28.80
C LYS C 436 -59.37 21.22 30.20
N THR C 437 -58.90 20.46 31.19
CA THR C 437 -59.27 20.68 32.58
C THR C 437 -58.37 21.71 33.23
N LEU C 438 -57.06 21.53 33.05
CA LEU C 438 -56.05 22.39 33.64
C LEU C 438 -56.21 23.86 33.21
N LEU C 439 -56.61 24.06 31.96
CA LEU C 439 -56.82 25.41 31.45
C LEU C 439 -58.28 25.64 31.06
N SER C 440 -59.18 25.23 31.94
CA SER C 440 -60.61 25.45 31.73
C SER C 440 -60.98 26.92 31.90
N ARG C 441 -62.18 27.28 31.47
CA ARG C 441 -62.66 28.65 31.57
C ARG C 441 -62.75 29.11 33.02
N GLU C 442 -63.19 28.20 33.88
CA GLU C 442 -63.33 28.50 35.30
C GLU C 442 -61.97 28.78 35.93
N ARG C 443 -61.01 27.90 35.71
CA ARG C 443 -59.69 28.05 36.28
C ARG C 443 -58.93 29.23 35.68
N LEU C 444 -59.13 29.47 34.38
CA LEU C 444 -58.52 30.61 33.71
C LEU C 444 -59.04 31.92 34.27
N GLU C 445 -60.36 31.99 34.42
CA GLU C 445 -61.02 33.17 34.97
C GLU C 445 -60.60 33.41 36.42
N ARG C 446 -60.54 32.33 37.19
CA ARG C 446 -60.11 32.41 38.59
C ARG C 446 -58.68 32.93 38.67
N ALA C 447 -57.83 32.41 37.78
CA ALA C 447 -56.44 32.84 37.70
C ALA C 447 -56.34 34.32 37.41
N PHE C 448 -56.98 34.76 36.34
CA PHE C 448 -56.95 36.16 35.94
C PHE C 448 -57.49 37.07 37.03
N ARG C 449 -58.55 36.63 37.69
CA ARG C 449 -59.14 37.38 38.79
C ARG C 449 -58.17 37.51 39.95
N MET C 450 -57.43 36.43 40.22
CA MET C 450 -56.43 36.44 41.29
C MET C 450 -55.29 37.40 40.96
N PHE C 451 -54.82 37.36 39.71
CA PHE C 451 -53.74 38.23 39.26
C PHE C 451 -54.18 39.69 39.25
N ASP C 452 -55.41 39.95 38.82
CA ASP C 452 -55.92 41.30 38.70
C ASP C 452 -56.44 41.80 40.05
N SER C 453 -55.55 42.36 40.85
CA SER C 453 -55.86 42.76 42.21
C SER C 453 -56.81 43.96 42.27
N ASP C 454 -56.50 44.99 41.49
CA ASP C 454 -57.29 46.21 41.48
C ASP C 454 -58.58 46.08 40.67
N ASN C 455 -58.79 44.90 40.09
CA ASN C 455 -60.02 44.56 39.37
C ASN C 455 -60.34 45.45 38.17
N SER C 456 -59.30 45.99 37.53
CA SER C 456 -59.50 46.86 36.37
C SER C 456 -59.93 46.07 35.12
N GLY C 457 -59.62 44.77 35.11
CA GLY C 457 -59.91 43.95 33.96
C GLY C 457 -58.66 43.68 33.13
N LYS C 458 -57.54 44.26 33.55
CA LYS C 458 -56.25 44.01 32.92
C LYS C 458 -55.17 43.77 33.99
N ILE C 459 -54.13 43.04 33.61
CA ILE C 459 -53.02 42.76 34.52
C ILE C 459 -51.85 43.70 34.27
N SER C 460 -51.51 44.52 35.26
CA SER C 460 -50.38 45.42 35.14
C SER C 460 -49.08 44.70 35.46
N SER C 461 -47.96 45.37 35.23
CA SER C 461 -46.64 44.81 35.53
C SER C 461 -46.46 44.63 37.04
N THR C 462 -46.96 45.58 37.81
CA THR C 462 -46.84 45.54 39.26
C THR C 462 -47.61 44.37 39.88
N GLU C 463 -48.72 43.99 39.25
CA GLU C 463 -49.51 42.86 39.74
C GLU C 463 -48.76 41.55 39.50
N LEU C 464 -48.13 41.43 38.35
CA LEU C 464 -47.27 40.29 38.05
C LEU C 464 -46.12 40.24 39.04
N ALA C 465 -45.50 41.39 39.26
CA ALA C 465 -44.42 41.53 40.23
C ALA C 465 -44.87 41.12 41.64
N THR C 466 -46.16 41.31 41.93
CA THR C 466 -46.72 40.95 43.22
C THR C 466 -46.91 39.44 43.31
N ILE C 467 -47.43 38.85 42.23
CA ILE C 467 -47.69 37.41 42.17
C ILE C 467 -46.41 36.60 42.24
N PHE C 468 -45.40 37.01 41.48
CA PHE C 468 -44.12 36.28 41.46
C PHE C 468 -43.08 37.20 42.09
N GLY C 469 -43.29 37.50 43.37
CA GLY C 469 -42.54 38.53 44.06
C GLY C 469 -41.07 38.34 44.32
N VAL C 470 -40.27 38.23 43.26
CA VAL C 470 -38.82 38.29 43.43
C VAL C 470 -38.38 39.75 43.36
N SER C 471 -39.32 40.63 43.00
CA SER C 471 -39.12 42.08 42.98
C SER C 471 -38.07 42.54 41.97
N GLU C 476 -38.82 46.46 35.98
CA GLU C 476 -38.41 46.67 34.58
C GLU C 476 -38.35 45.36 33.79
N THR C 477 -37.90 44.30 34.44
CA THR C 477 -37.90 42.96 33.87
C THR C 477 -39.35 42.62 33.54
N TRP C 478 -40.20 42.87 34.53
CA TRP C 478 -41.63 42.57 34.43
C TRP C 478 -42.27 43.27 33.24
N LYS C 479 -41.73 44.42 32.86
CA LYS C 479 -42.19 45.13 31.67
C LYS C 479 -41.86 44.34 30.41
N SER C 480 -40.67 43.75 30.39
CA SER C 480 -40.23 42.93 29.26
C SER C 480 -41.05 41.65 29.16
N VAL C 481 -41.30 41.02 30.31
CA VAL C 481 -42.11 39.82 30.39
C VAL C 481 -43.55 40.14 29.96
N LEU C 482 -44.01 41.33 30.32
CA LEU C 482 -45.35 41.78 29.99
C LEU C 482 -45.52 42.02 28.50
N SER C 483 -44.56 42.72 27.91
CA SER C 483 -44.62 43.09 26.50
C SER C 483 -44.67 41.90 25.56
N GLU C 484 -44.04 40.80 25.95
CA GLU C 484 -43.99 39.60 25.12
C GLU C 484 -45.36 38.95 24.95
N VAL C 485 -46.29 39.32 25.81
CA VAL C 485 -47.63 38.73 25.79
C VAL C 485 -48.64 39.84 25.45
N ASP C 486 -48.21 41.09 25.63
CA ASP C 486 -49.08 42.23 25.40
C ASP C 486 -49.32 42.46 23.91
N LYS C 487 -50.44 41.92 23.42
CA LYS C 487 -50.76 41.94 22.00
C LYS C 487 -51.07 43.34 21.45
N ASN C 488 -52.00 44.04 22.08
CA ASN C 488 -52.43 45.34 21.59
C ASN C 488 -51.59 46.49 22.12
N ASN C 489 -50.54 46.15 22.85
CA ASN C 489 -49.54 47.12 23.33
C ASN C 489 -50.11 48.24 24.21
N ASP C 490 -51.12 47.91 25.02
CA ASP C 490 -51.64 48.89 25.97
C ASP C 490 -50.79 48.98 27.23
N GLY C 491 -49.91 47.99 27.41
CA GLY C 491 -49.00 47.98 28.55
C GLY C 491 -49.50 47.09 29.68
N GLU C 492 -50.65 46.45 29.46
CA GLU C 492 -51.26 45.58 30.45
C GLU C 492 -51.76 44.29 29.80
N VAL C 493 -52.22 43.34 30.61
CA VAL C 493 -52.74 42.08 30.07
C VAL C 493 -54.21 41.89 30.39
N ASP C 494 -55.06 42.03 29.38
CA ASP C 494 -56.48 41.77 29.53
C ASP C 494 -56.72 40.27 29.47
N PHE C 495 -57.93 39.83 29.77
CA PHE C 495 -58.24 38.41 29.83
C PHE C 495 -58.05 37.72 28.47
N ASP C 496 -58.33 38.45 27.40
CA ASP C 496 -58.19 37.92 26.06
C ASP C 496 -56.74 37.50 25.77
N GLU C 497 -55.81 38.40 26.04
CA GLU C 497 -54.39 38.14 25.79
C GLU C 497 -53.83 37.08 26.74
N PHE C 498 -54.36 37.05 27.97
CA PHE C 498 -53.98 36.05 28.96
C PHE C 498 -54.37 34.65 28.48
N GLN C 499 -55.64 34.50 28.12
CA GLN C 499 -56.19 33.25 27.62
C GLN C 499 -55.49 32.81 26.34
N GLN C 500 -55.28 33.76 25.43
CA GLN C 500 -54.56 33.52 24.19
C GLN C 500 -53.13 33.08 24.44
N MET C 501 -52.54 33.61 25.50
CA MET C 501 -51.19 33.27 25.90
C MET C 501 -51.11 31.83 26.37
N LEU C 502 -52.05 31.45 27.22
CA LEU C 502 -52.03 30.10 27.79
C LEU C 502 -52.57 29.00 26.85
N LEU C 503 -53.34 29.38 25.83
CA LEU C 503 -53.92 28.38 24.92
C LEU C 503 -53.43 28.44 23.47
N LYS C 504 -53.79 29.52 22.78
CA LYS C 504 -53.49 29.74 21.35
C LYS C 504 -54.27 30.95 20.87
N LEU C 505 -53.54 31.92 20.33
CA LEU C 505 -54.08 33.24 20.02
C LEU C 505 -54.88 33.23 18.72
N CYS C 506 -54.40 33.97 17.72
CA CYS C 506 -55.07 34.11 16.43
C CYS C 506 -56.55 34.46 16.58
N GLN D 2 -51.54 36.78 60.78
CA GLN D 2 -50.20 37.29 60.54
C GLN D 2 -49.28 36.14 60.16
N VAL D 3 -48.98 35.99 58.88
CA VAL D 3 -48.22 34.84 58.43
C VAL D 3 -46.88 35.23 57.82
N GLN D 4 -45.81 34.78 58.47
CA GLN D 4 -44.46 35.13 58.04
C GLN D 4 -43.38 34.22 58.63
N LEU D 5 -42.19 34.27 58.04
CA LEU D 5 -41.03 33.55 58.53
C LEU D 5 -39.98 34.53 59.06
N VAL D 6 -39.42 34.23 60.23
CA VAL D 6 -38.42 35.10 60.84
C VAL D 6 -37.08 34.38 60.97
N GLU D 7 -36.00 35.06 60.61
CA GLU D 7 -34.68 34.47 60.65
C GLU D 7 -33.81 35.04 61.78
N THR D 8 -33.03 34.18 62.40
CA THR D 8 -32.09 34.58 63.45
C THR D 8 -30.76 33.84 63.29
N GLY D 9 -29.73 34.34 63.98
CA GLY D 9 -28.42 33.71 63.93
C GLY D 9 -27.36 34.48 63.17
N GLY D 10 -27.69 35.68 62.73
CA GLY D 10 -26.72 36.51 62.01
C GLY D 10 -25.61 37.03 62.91
N GLY D 11 -24.39 37.01 62.39
CA GLY D 11 -23.24 37.48 63.13
C GLY D 11 -21.98 37.54 62.28
N LEU D 12 -20.86 37.93 62.90
CA LEU D 12 -19.58 37.96 62.23
C LEU D 12 -18.72 36.74 62.59
N VAL D 13 -18.16 36.09 61.58
CA VAL D 13 -17.37 34.88 61.80
C VAL D 13 -16.14 34.83 60.91
N GLN D 14 -15.09 34.18 61.42
CA GLN D 14 -13.85 33.98 60.67
C GLN D 14 -14.02 32.91 59.58
N PRO D 15 -13.15 32.94 58.56
CA PRO D 15 -13.21 31.89 57.53
C PRO D 15 -12.98 30.50 58.11
N GLY D 16 -13.64 29.50 57.53
CA GLY D 16 -13.48 28.13 57.97
C GLY D 16 -14.28 27.79 59.21
N GLU D 17 -14.95 28.78 59.79
CA GLU D 17 -15.78 28.55 60.97
C GLU D 17 -17.11 27.93 60.60
N SER D 18 -17.98 27.80 61.60
CA SER D 18 -19.31 27.23 61.40
C SER D 18 -20.35 28.10 62.07
N LEU D 19 -21.53 28.20 61.47
CA LEU D 19 -22.59 29.03 62.03
C LEU D 19 -23.95 28.34 61.86
N ARG D 20 -24.88 28.66 62.74
CA ARG D 20 -26.20 28.03 62.73
C ARG D 20 -27.30 29.06 62.55
N LEU D 21 -28.11 28.89 61.50
CA LEU D 21 -29.17 29.83 61.22
C LEU D 21 -30.54 29.23 61.56
N SER D 22 -31.45 30.08 62.03
CA SER D 22 -32.77 29.60 62.44
C SER D 22 -33.90 30.34 61.73
N CYS D 23 -34.94 29.60 61.36
CA CYS D 23 -36.13 30.18 60.74
C CYS D 23 -37.41 29.71 61.45
N VAL D 24 -38.16 30.65 62.02
CA VAL D 24 -39.38 30.29 62.72
C VAL D 24 -40.62 30.76 61.95
N ALA D 25 -41.66 29.93 61.94
CA ALA D 25 -42.90 30.27 61.26
C ALA D 25 -43.94 30.82 62.24
N SER D 26 -44.35 32.06 62.03
CA SER D 26 -45.40 32.64 62.86
C SER D 26 -46.66 32.90 62.04
N GLY D 27 -47.79 32.42 62.56
CA GLY D 27 -49.06 32.58 61.89
C GLY D 27 -49.54 31.34 61.15
N PHE D 28 -48.63 30.39 60.98
CA PHE D 28 -48.98 29.13 60.32
C PHE D 28 -48.00 28.04 60.75
N THR D 29 -48.34 26.79 60.47
CA THR D 29 -47.48 25.68 60.83
C THR D 29 -46.73 25.13 59.62
N LEU D 30 -45.55 24.57 59.88
CA LEU D 30 -44.72 23.99 58.82
C LEU D 30 -45.07 22.53 58.57
N ASP D 31 -46.14 22.06 59.21
CA ASP D 31 -46.53 20.64 59.17
C ASP D 31 -46.71 20.15 57.74
N HIS D 32 -47.34 20.98 56.90
CA HIS D 32 -47.58 20.61 55.52
C HIS D 32 -46.76 21.49 54.58
N SER D 33 -45.72 22.12 55.13
CA SER D 33 -44.90 23.03 54.34
C SER D 33 -43.53 22.47 54.06
N ALA D 34 -43.11 22.59 52.80
CA ALA D 34 -41.74 22.35 52.41
C ALA D 34 -41.00 23.68 52.44
N VAL D 35 -39.90 23.71 53.19
CA VAL D 35 -39.18 24.96 53.42
C VAL D 35 -37.80 24.92 52.77
N GLY D 36 -37.45 26.02 52.10
CA GLY D 36 -36.17 26.13 51.45
C GLY D 36 -35.38 27.33 51.89
N TRP D 37 -34.06 27.16 51.91
CA TRP D 37 -33.13 28.24 52.20
C TRP D 37 -32.56 28.85 50.91
N PHE D 38 -32.45 30.16 50.92
CA PHE D 38 -31.93 30.97 49.82
C PHE D 38 -30.89 31.98 50.32
N ARG D 39 -29.90 32.25 49.47
CA ARG D 39 -28.88 33.27 49.73
C ARG D 39 -28.93 34.32 48.64
N GLN D 40 -28.92 35.60 49.01
CA GLN D 40 -28.91 36.64 47.98
C GLN D 40 -27.68 37.52 48.05
N VAL D 41 -26.96 37.60 46.93
CA VAL D 41 -25.84 38.52 46.78
C VAL D 41 -26.31 39.84 46.21
N PRO D 42 -25.67 40.95 46.61
CA PRO D 42 -26.08 42.29 46.17
C PRO D 42 -26.14 42.46 44.66
N GLY D 43 -27.27 42.94 44.14
CA GLY D 43 -27.40 43.18 42.71
C GLY D 43 -27.60 41.88 41.95
N LYS D 44 -27.96 40.82 42.67
CA LYS D 44 -28.09 39.49 42.08
C LYS D 44 -29.41 38.82 42.43
N GLU D 45 -29.84 37.90 41.56
CA GLU D 45 -31.09 37.17 41.71
C GLU D 45 -31.03 36.22 42.89
N ARG D 46 -32.18 35.97 43.52
CA ARG D 46 -32.23 35.08 44.66
C ARG D 46 -31.84 33.69 44.19
N GLU D 47 -30.97 33.04 44.94
CA GLU D 47 -30.44 31.75 44.55
C GLU D 47 -30.89 30.66 45.50
N LYS D 48 -31.38 29.55 44.94
CA LYS D 48 -31.77 28.43 45.76
C LYS D 48 -30.55 27.87 46.49
N LEU D 49 -30.69 27.60 47.78
CA LEU D 49 -29.61 26.98 48.55
C LEU D 49 -29.98 25.55 48.90
N LEU D 50 -31.04 25.40 49.67
CA LEU D 50 -31.41 24.05 50.12
C LEU D 50 -32.91 23.90 50.23
N CYS D 51 -33.36 22.65 50.32
CA CYS D 51 -34.78 22.40 50.53
C CYS D 51 -35.08 21.15 51.35
N ILE D 52 -36.05 21.27 52.24
CA ILE D 52 -36.59 20.10 52.92
C ILE D 52 -38.10 20.02 52.67
N ASN D 53 -38.57 18.82 52.33
CA ASN D 53 -39.99 18.59 52.14
C ASN D 53 -40.68 18.53 53.50
N ALA D 54 -41.77 17.78 53.58
CA ALA D 54 -42.33 17.43 54.87
C ALA D 54 -41.40 16.47 55.61
N ASN D 55 -40.42 15.94 54.88
CA ASN D 55 -39.50 14.96 55.42
C ASN D 55 -38.09 15.03 54.83
N GLY D 56 -37.98 14.80 53.53
CA GLY D 56 -36.69 14.61 52.88
C GLY D 56 -36.01 15.89 52.40
N VAL D 57 -34.72 15.78 52.14
CA VAL D 57 -33.88 16.94 51.79
C VAL D 57 -33.49 16.92 50.32
N SER D 58 -33.57 18.07 49.68
CA SER D 58 -33.14 18.24 48.29
C SER D 58 -32.07 19.32 48.19
N LEU D 59 -31.04 19.06 47.40
CA LEU D 59 -29.94 20.02 47.30
C LEU D 59 -30.14 21.04 46.17
N ASP D 60 -31.19 21.85 46.30
CA ASP D 60 -31.49 22.89 45.33
C ASP D 60 -30.42 23.98 45.29
N TYR D 61 -29.30 23.73 44.64
CA TYR D 61 -28.21 24.70 44.57
C TYR D 61 -27.05 24.24 43.72
N ALA D 62 -26.15 25.18 43.43
CA ALA D 62 -24.88 24.83 42.83
C ALA D 62 -24.08 24.02 43.83
N ASP D 63 -23.05 23.31 43.37
CA ASP D 63 -22.28 22.43 44.24
C ASP D 63 -21.38 23.22 45.19
N SER D 64 -21.60 24.52 45.27
CA SER D 64 -20.84 25.41 46.14
C SER D 64 -21.08 25.18 47.63
N ILE D 65 -22.30 24.76 47.98
CA ILE D 65 -22.66 24.52 49.38
C ILE D 65 -22.80 23.04 49.70
N LYS D 66 -22.63 22.19 48.69
CA LYS D 66 -22.80 20.76 48.85
C LYS D 66 -21.76 20.19 49.82
N GLY D 67 -22.25 19.46 50.82
CA GLY D 67 -21.39 18.83 51.80
C GLY D 67 -20.95 19.76 52.91
N ARG D 68 -21.27 21.04 52.78
CA ARG D 68 -20.88 22.03 53.77
C ARG D 68 -22.10 22.59 54.49
N PHE D 69 -23.22 22.65 53.78
CA PHE D 69 -24.47 23.15 54.35
C PHE D 69 -25.49 22.03 54.50
N THR D 70 -26.17 22.01 55.63
CA THR D 70 -27.21 21.01 55.87
C THR D 70 -28.51 21.70 56.33
N ILE D 71 -29.65 21.19 55.88
CA ILE D 71 -30.93 21.75 56.32
C ILE D 71 -31.63 20.80 57.29
N SER D 72 -32.18 21.36 58.36
CA SER D 72 -32.80 20.59 59.43
C SER D 72 -34.22 21.07 59.68
N ARG D 73 -35.02 20.25 60.35
CA ARG D 73 -36.44 20.51 60.50
C ARG D 73 -36.98 20.05 61.86
N ASP D 74 -37.68 20.93 62.54
CA ASP D 74 -38.33 20.59 63.81
C ASP D 74 -39.73 21.17 63.84
N ASN D 75 -40.72 20.34 63.51
CA ASN D 75 -42.12 20.76 63.46
C ASN D 75 -42.65 21.17 64.84
N ALA D 76 -42.28 20.42 65.86
CA ALA D 76 -42.74 20.68 67.22
C ALA D 76 -42.29 22.05 67.69
N LYS D 77 -41.05 22.42 67.35
CA LYS D 77 -40.54 23.74 67.69
C LYS D 77 -40.83 24.73 66.58
N ASN D 78 -41.55 24.27 65.56
CA ASN D 78 -42.03 25.10 64.47
C ASN D 78 -40.90 25.83 63.74
N THR D 79 -39.74 25.19 63.67
CA THR D 79 -38.53 25.87 63.21
C THR D 79 -37.75 25.03 62.18
N VAL D 80 -37.19 25.71 61.19
CA VAL D 80 -36.30 25.08 60.22
C VAL D 80 -34.90 25.63 60.38
N TYR D 81 -33.91 24.75 60.45
CA TYR D 81 -32.54 25.16 60.73
C TYR D 81 -31.64 25.04 59.52
N LEU D 82 -30.59 25.85 59.47
CA LEU D 82 -29.57 25.70 58.45
C LEU D 82 -28.20 25.69 59.10
N GLN D 83 -27.55 24.53 59.06
CA GLN D 83 -26.22 24.33 59.63
C GLN D 83 -25.13 24.55 58.59
N MET D 84 -24.33 25.59 58.81
CA MET D 84 -23.29 26.00 57.88
C MET D 84 -21.91 25.62 58.39
N ASN D 85 -21.18 24.82 57.62
CA ASN D 85 -19.84 24.42 58.00
C ASN D 85 -18.82 24.88 56.96
N ASP D 86 -17.60 25.14 57.42
CA ASP D 86 -16.52 25.62 56.57
C ASP D 86 -16.96 26.87 55.80
N LEU D 87 -17.41 27.88 56.53
CA LEU D 87 -17.88 29.13 55.92
C LEU D 87 -16.78 29.87 55.18
N LYS D 88 -17.13 30.44 54.03
CA LYS D 88 -16.17 31.15 53.20
C LYS D 88 -16.61 32.59 52.99
N PRO D 89 -15.64 33.48 52.65
CA PRO D 89 -15.97 34.86 52.29
C PRO D 89 -16.80 34.94 51.00
N GLU D 90 -16.89 33.82 50.30
CA GLU D 90 -17.75 33.72 49.12
C GLU D 90 -19.21 33.71 49.55
N ASP D 91 -19.45 33.22 50.77
CA ASP D 91 -20.80 32.97 51.26
C ASP D 91 -21.46 34.18 51.92
N THR D 92 -20.68 35.23 52.21
CA THR D 92 -21.23 36.37 52.94
C THR D 92 -22.33 37.07 52.15
N ALA D 93 -23.53 37.10 52.75
CA ALA D 93 -24.71 37.67 52.12
C ALA D 93 -25.89 37.64 53.07
N THR D 94 -27.07 37.97 52.55
CA THR D 94 -28.30 37.84 53.32
C THR D 94 -28.94 36.49 53.06
N TYR D 95 -29.20 35.76 54.14
CA TYR D 95 -29.79 34.43 54.05
C TYR D 95 -31.23 34.45 54.53
N SER D 96 -32.14 33.96 53.70
CA SER D 96 -33.57 33.96 54.03
C SER D 96 -34.18 32.63 53.65
N CYS D 97 -35.41 32.37 54.11
CA CYS D 97 -36.07 31.11 53.80
C CYS D 97 -37.51 31.32 53.37
N ALA D 98 -38.05 30.39 52.60
CA ALA D 98 -39.41 30.49 52.10
C ALA D 98 -40.10 29.13 52.12
N ALA D 99 -41.42 29.12 51.98
CA ALA D 99 -42.18 27.88 52.07
C ALA D 99 -43.17 27.70 50.93
N THR D 100 -43.27 26.47 50.43
CA THR D 100 -44.30 26.10 49.46
C THR D 100 -44.97 24.80 49.91
N ARG D 101 -46.12 24.49 49.35
CA ARG D 101 -46.89 23.33 49.81
C ARG D 101 -46.23 22.00 49.45
N GLU D 102 -46.01 21.19 50.49
CA GLU D 102 -45.59 19.79 50.38
C GLU D 102 -44.18 19.55 49.84
N PHE D 103 -43.90 19.97 48.61
CA PHE D 103 -42.62 19.61 48.00
C PHE D 103 -41.78 20.85 47.73
N CYS D 104 -40.51 20.83 48.18
CA CYS D 104 -39.65 21.99 48.00
C CYS D 104 -39.01 21.97 46.62
N SER D 105 -39.63 21.25 45.69
CA SER D 105 -39.19 21.26 44.31
C SER D 105 -39.89 22.45 43.71
N ALA D 106 -39.14 23.40 43.16
CA ALA D 106 -39.76 24.59 42.61
C ALA D 106 -38.85 25.58 41.92
N TYR D 107 -39.52 26.58 41.36
CA TYR D 107 -38.94 27.79 40.82
C TYR D 107 -39.16 28.81 41.92
N VAL D 108 -38.22 29.72 42.10
CA VAL D 108 -38.26 30.68 43.21
C VAL D 108 -39.62 31.40 43.33
N PHE D 109 -40.27 31.66 42.21
CA PHE D 109 -41.53 32.41 42.25
C PHE D 109 -42.70 31.60 42.82
N LEU D 110 -42.56 30.28 42.90
CA LEU D 110 -43.60 29.44 43.49
C LEU D 110 -43.61 29.50 45.02
N TYR D 111 -42.61 30.14 45.60
CA TYR D 111 -42.52 30.24 47.05
C TYR D 111 -43.29 31.42 47.61
N GLU D 112 -43.64 31.33 48.89
CA GLU D 112 -44.39 32.36 49.59
C GLU D 112 -43.81 32.59 50.97
N HIS D 113 -44.33 33.60 51.67
CA HIS D 113 -44.00 33.86 53.06
C HIS D 113 -42.52 34.12 53.30
N TRP D 114 -41.89 34.85 52.38
CA TRP D 114 -40.47 35.18 52.49
C TRP D 114 -40.15 35.92 53.78
N GLY D 115 -38.91 35.80 54.24
CA GLY D 115 -38.47 36.48 55.44
C GLY D 115 -37.50 37.60 55.14
N GLN D 116 -37.33 38.49 56.11
CA GLN D 116 -36.41 39.62 55.97
C GLN D 116 -34.95 39.13 55.91
N GLY D 117 -34.72 37.96 56.48
CA GLY D 117 -33.42 37.31 56.42
C GLY D 117 -32.42 37.80 57.44
N THR D 118 -31.27 37.16 57.47
CA THR D 118 -30.19 37.53 58.39
C THR D 118 -28.88 37.76 57.65
N GLN D 119 -28.14 38.76 58.11
CA GLN D 119 -26.83 39.03 57.55
C GLN D 119 -25.83 37.99 58.04
N VAL D 120 -25.17 37.32 57.12
CA VAL D 120 -24.07 36.42 57.46
C VAL D 120 -22.81 36.91 56.78
N THR D 121 -21.78 37.23 57.57
CA THR D 121 -20.56 37.78 57.02
C THR D 121 -19.33 36.97 57.44
N VAL D 122 -18.59 36.48 56.46
CA VAL D 122 -17.36 35.76 56.71
C VAL D 122 -16.17 36.64 56.37
N SER D 123 -15.21 36.72 57.29
CA SER D 123 -14.05 37.59 57.14
C SER D 123 -13.26 37.28 55.86
N SER D 124 -12.61 38.29 55.31
CA SER D 124 -11.82 38.13 54.09
C SER D 124 -10.34 38.28 54.38
N ALA E 46 23.89 -3.79 25.57
CA ALA E 46 24.81 -4.91 25.43
C ALA E 46 25.80 -4.93 26.58
N ILE E 47 25.40 -5.53 27.70
CA ILE E 47 26.25 -5.60 28.88
C ILE E 47 26.30 -7.04 29.39
N PHE E 48 27.45 -7.42 29.93
CA PHE E 48 27.71 -8.80 30.33
C PHE E 48 27.08 -9.24 31.65
N SER E 49 27.30 -8.45 32.70
CA SER E 49 26.93 -8.85 34.06
C SER E 49 25.45 -9.16 34.30
N ASP E 50 24.56 -8.42 33.64
CA ASP E 50 23.12 -8.66 33.81
C ASP E 50 22.65 -9.87 33.01
N ARG E 51 23.40 -10.19 31.95
CA ARG E 51 23.04 -11.26 31.04
C ARG E 51 23.67 -12.60 31.43
N TYR E 52 24.93 -12.57 31.89
CA TYR E 52 25.61 -13.81 32.24
C TYR E 52 26.29 -13.74 33.59
N LYS E 53 26.56 -14.92 34.17
CA LYS E 53 27.29 -15.02 35.43
C LYS E 53 28.54 -15.89 35.25
N GLY E 54 29.68 -15.37 35.68
CA GLY E 54 30.95 -16.08 35.54
C GLY E 54 31.32 -16.93 36.74
N GLN E 55 32.01 -18.03 36.49
CA GLN E 55 32.44 -18.92 37.56
C GLN E 55 33.93 -19.26 37.52
N ARG E 56 34.26 -20.36 36.85
CA ARG E 56 35.62 -20.91 36.88
C ARG E 56 36.19 -21.09 35.47
N VAL E 57 37.52 -21.09 35.38
CA VAL E 57 38.20 -21.24 34.10
C VAL E 57 37.98 -22.63 33.51
N LEU E 58 37.78 -22.70 32.20
CA LEU E 58 37.46 -23.94 31.52
C LEU E 58 38.62 -24.43 30.64
N GLY E 59 38.98 -23.61 29.64
CA GLY E 59 40.04 -23.99 28.71
C GLY E 59 40.94 -22.84 28.31
N LYS E 60 42.00 -23.17 27.59
CA LYS E 60 42.99 -22.18 27.17
C LYS E 60 42.93 -21.81 25.69
N GLY E 61 42.81 -20.53 25.41
CA GLY E 61 42.79 -20.03 24.04
C GLY E 61 43.93 -19.06 23.80
N SER E 62 44.41 -19.00 22.56
CA SER E 62 45.53 -18.13 22.19
C SER E 62 45.22 -16.65 22.39
N PHE E 63 44.04 -16.24 21.95
CA PHE E 63 43.65 -14.83 22.01
C PHE E 63 43.06 -14.47 23.38
N GLY E 64 42.34 -15.39 23.99
CA GLY E 64 41.75 -15.12 25.29
C GLY E 64 41.48 -16.38 26.09
N GLU E 65 40.99 -16.22 27.31
CA GLU E 65 40.75 -17.38 28.18
C GLU E 65 39.29 -17.76 28.36
N VAL E 66 39.04 -19.07 28.33
CA VAL E 66 37.69 -19.60 28.42
C VAL E 66 37.26 -19.75 29.87
N ILE E 67 36.00 -19.38 30.14
CA ILE E 67 35.40 -19.50 31.45
C ILE E 67 34.02 -20.11 31.28
N LEU E 68 33.68 -21.08 32.12
CA LEU E 68 32.34 -21.64 32.10
C LEU E 68 31.41 -20.66 32.80
N CYS E 69 30.26 -20.41 32.20
CA CYS E 69 29.34 -19.42 32.73
C CYS E 69 27.93 -19.96 32.79
N LYS E 70 27.13 -19.41 33.69
CA LYS E 70 25.72 -19.78 33.81
C LYS E 70 24.88 -18.58 33.43
N ASP E 71 23.73 -18.81 32.81
CA ASP E 71 22.88 -17.73 32.36
C ASP E 71 21.83 -17.36 33.40
N LYS E 72 21.47 -16.09 33.41
CA LYS E 72 20.55 -15.55 34.40
C LYS E 72 19.12 -16.02 34.13
N ILE E 73 18.54 -15.49 33.05
CA ILE E 73 17.12 -15.67 32.77
C ILE E 73 16.80 -17.01 32.09
N THR E 74 17.61 -17.42 31.12
CA THR E 74 17.37 -18.66 30.41
C THR E 74 17.82 -19.89 31.21
N GLY E 75 18.74 -19.68 32.13
CA GLY E 75 19.22 -20.74 33.00
C GLY E 75 19.94 -21.85 32.25
N GLN E 76 20.87 -21.45 31.38
CA GLN E 76 21.66 -22.40 30.60
C GLN E 76 23.14 -22.13 30.79
N GLU E 77 23.95 -23.17 30.60
CA GLU E 77 25.40 -23.01 30.68
C GLU E 77 25.99 -22.67 29.32
N CYS E 78 26.92 -21.71 29.31
CA CYS E 78 27.60 -21.33 28.10
C CYS E 78 29.09 -21.22 28.36
N ALA E 79 29.87 -21.09 27.30
CA ALA E 79 31.32 -20.93 27.41
C ALA E 79 31.71 -19.56 26.91
N VAL E 80 32.43 -18.80 27.73
CA VAL E 80 32.81 -17.46 27.32
C VAL E 80 34.32 -17.34 27.10
N LYS E 81 34.69 -16.86 25.92
CA LYS E 81 36.08 -16.51 25.66
C LYS E 81 36.28 -15.05 26.03
N VAL E 82 37.15 -14.82 27.00
CA VAL E 82 37.40 -13.48 27.48
C VAL E 82 38.70 -12.94 26.90
N ILE E 83 38.58 -11.82 26.18
CA ILE E 83 39.71 -11.24 25.48
C ILE E 83 40.10 -9.90 26.11
N SER E 84 41.39 -9.69 26.31
CA SER E 84 41.88 -8.46 26.93
C SER E 84 42.39 -7.47 25.88
N LYS E 85 41.82 -6.27 25.87
CA LYS E 85 42.22 -5.22 24.94
C LYS E 85 43.68 -4.79 25.13
N ARG E 86 44.15 -4.84 26.37
CA ARG E 86 45.54 -4.49 26.66
C ARG E 86 46.51 -5.58 26.20
N GLN E 87 46.14 -6.84 26.41
CA GLN E 87 47.00 -7.96 26.07
C GLN E 87 47.01 -8.25 24.57
N VAL E 88 45.83 -8.12 23.94
CA VAL E 88 45.69 -8.44 22.53
C VAL E 88 45.34 -7.21 21.70
N LYS E 89 45.87 -7.14 20.49
CA LYS E 89 45.61 -6.03 19.58
C LYS E 89 44.39 -6.30 18.68
N GLN E 90 43.63 -5.25 18.40
CA GLN E 90 42.52 -5.34 17.46
C GLN E 90 42.97 -4.85 16.09
N LYS E 91 42.99 -5.76 15.12
CA LYS E 91 43.52 -5.46 13.79
C LYS E 91 42.58 -4.61 12.94
N THR E 92 41.30 -4.96 12.93
CA THR E 92 40.33 -4.23 12.11
C THR E 92 39.62 -3.15 12.91
N ASP E 93 38.91 -2.26 12.23
CA ASP E 93 38.13 -1.24 12.91
C ASP E 93 36.97 -1.89 13.67
N LYS E 94 36.40 -1.13 14.60
CA LYS E 94 35.42 -1.66 15.54
C LYS E 94 34.18 -2.22 14.84
N GLU E 95 33.61 -1.41 13.96
CA GLU E 95 32.36 -1.77 13.30
C GLU E 95 32.51 -3.01 12.44
N SER E 96 33.68 -3.20 11.84
CA SER E 96 33.94 -4.39 11.04
C SER E 96 33.90 -5.64 11.91
N LEU E 97 34.52 -5.55 13.09
CA LEU E 97 34.53 -6.66 14.04
C LEU E 97 33.12 -7.00 14.48
N LEU E 98 32.36 -5.98 14.89
CA LEU E 98 30.99 -6.21 15.34
C LEU E 98 30.12 -6.78 14.23
N ARG E 99 30.35 -6.32 13.00
CA ARG E 99 29.63 -6.82 11.83
C ARG E 99 29.93 -8.29 11.57
N GLU E 100 31.21 -8.64 11.56
CA GLU E 100 31.63 -10.02 11.34
C GLU E 100 31.06 -10.95 12.41
N VAL E 101 31.13 -10.52 13.66
CA VAL E 101 30.60 -11.29 14.77
C VAL E 101 29.09 -11.46 14.61
N GLN E 102 28.43 -10.39 14.19
CA GLN E 102 27.00 -10.42 13.95
C GLN E 102 26.66 -11.46 12.89
N LEU E 103 27.45 -11.48 11.82
CA LEU E 103 27.32 -12.49 10.78
C LEU E 103 27.47 -13.89 11.36
N LEU E 104 28.44 -14.05 12.25
CA LEU E 104 28.68 -15.34 12.91
C LEU E 104 27.49 -15.81 13.74
N LYS E 105 26.85 -14.88 14.44
CA LYS E 105 25.71 -15.22 15.29
C LYS E 105 24.52 -15.73 14.47
N GLN E 106 24.47 -15.35 13.20
CA GLN E 106 23.39 -15.79 12.30
C GLN E 106 23.56 -17.22 11.80
N LEU E 107 24.80 -17.73 11.85
CA LEU E 107 25.12 -19.00 11.21
C LEU E 107 24.93 -20.22 12.09
N ASP E 108 24.69 -21.38 11.46
CA ASP E 108 24.50 -22.63 12.18
C ASP E 108 24.94 -23.84 11.36
N HIS E 109 25.84 -24.64 11.91
CA HIS E 109 26.29 -25.88 11.29
C HIS E 109 26.82 -26.85 12.34
N PRO E 110 26.53 -28.15 12.18
CA PRO E 110 26.92 -29.19 13.15
C PRO E 110 28.42 -29.30 13.44
N ASN E 111 29.27 -28.80 12.55
CA ASN E 111 30.71 -28.96 12.75
C ASN E 111 31.44 -27.66 13.09
N ILE E 112 30.68 -26.63 13.46
CA ILE E 112 31.27 -25.38 13.91
C ILE E 112 30.67 -24.92 15.24
N MET E 113 31.46 -24.15 15.99
CA MET E 113 31.00 -23.62 17.28
C MET E 113 29.93 -22.55 17.09
N LYS E 114 28.73 -22.84 17.57
CA LYS E 114 27.64 -21.86 17.51
C LYS E 114 27.98 -20.69 18.43
N LEU E 115 27.87 -19.47 17.91
CA LEU E 115 28.22 -18.29 18.68
C LEU E 115 26.96 -17.57 19.11
N TYR E 116 26.74 -17.51 20.42
CA TYR E 116 25.53 -16.91 20.96
C TYR E 116 25.62 -15.40 21.03
N GLU E 117 26.54 -14.87 21.83
CA GLU E 117 26.58 -13.42 22.04
C GLU E 117 27.98 -12.83 22.00
N PHE E 118 28.05 -11.50 21.95
CA PHE E 118 29.30 -10.77 22.01
C PHE E 118 29.11 -9.49 22.83
N PHE E 119 30.02 -9.25 23.76
CA PHE E 119 29.91 -8.11 24.65
C PHE E 119 31.18 -7.28 24.67
N GLU E 120 31.01 -5.95 24.66
CA GLU E 120 32.15 -5.07 24.70
C GLU E 120 32.20 -4.31 26.02
N ASP E 121 33.23 -4.60 26.81
CA ASP E 121 33.48 -3.92 28.06
C ASP E 121 34.69 -3.02 27.90
N LYS E 122 34.80 -2.01 28.75
CA LYS E 122 35.94 -1.10 28.72
C LYS E 122 37.27 -1.86 28.85
N GLY E 123 37.24 -2.94 29.62
CA GLY E 123 38.42 -3.76 29.81
C GLY E 123 38.49 -5.00 28.93
N TYR E 124 37.34 -5.63 28.67
CA TYR E 124 37.32 -6.93 28.01
C TYR E 124 36.31 -7.09 26.87
N PHE E 125 36.54 -8.13 26.09
CA PHE E 125 35.60 -8.62 25.10
C PHE E 125 35.08 -9.96 25.60
N TYR E 126 33.78 -10.18 25.48
CA TYR E 126 33.20 -11.44 25.93
C TYR E 126 32.56 -12.14 24.74
N LEU E 127 33.07 -13.33 24.41
CA LEU E 127 32.53 -14.07 23.28
C LEU E 127 31.81 -15.31 23.82
N VAL E 128 30.49 -15.25 23.80
CA VAL E 128 29.67 -16.28 24.42
C VAL E 128 29.19 -17.28 23.40
N GLY E 129 29.45 -18.55 23.67
CA GLY E 129 29.07 -19.63 22.77
C GLY E 129 28.68 -20.89 23.51
N GLU E 130 28.48 -21.97 22.76
CA GLU E 130 28.06 -23.24 23.34
C GLU E 130 29.20 -23.86 24.13
N VAL E 131 28.88 -24.76 25.05
CA VAL E 131 29.89 -25.40 25.88
C VAL E 131 30.51 -26.61 25.20
N TYR E 132 31.74 -26.94 25.58
CA TYR E 132 32.41 -28.11 25.06
C TYR E 132 33.11 -28.83 26.20
N THR E 133 32.76 -30.10 26.40
CA THR E 133 33.29 -30.88 27.51
C THR E 133 34.23 -31.99 27.06
N GLY E 134 34.10 -32.39 25.79
CA GLY E 134 34.84 -33.54 25.27
C GLY E 134 36.34 -33.35 25.17
N GLY E 135 36.78 -32.09 25.16
CA GLY E 135 38.18 -31.79 25.05
C GLY E 135 38.71 -31.89 23.64
N GLU E 136 40.00 -31.62 23.47
CA GLU E 136 40.63 -31.59 22.15
C GLU E 136 40.66 -32.97 21.49
N LEU E 137 40.64 -32.97 20.17
CA LEU E 137 40.50 -34.20 19.38
C LEU E 137 41.66 -35.18 19.54
N PHE E 138 42.88 -34.65 19.44
CA PHE E 138 44.09 -35.49 19.47
C PHE E 138 44.16 -36.29 20.77
N ASP E 139 43.69 -35.69 21.85
CA ASP E 139 43.62 -36.37 23.15
C ASP E 139 42.70 -37.58 23.06
N GLU E 140 41.55 -37.39 22.42
CA GLU E 140 40.59 -38.47 22.24
C GLU E 140 41.19 -39.57 21.37
N ILE E 141 42.01 -39.16 20.40
CA ILE E 141 42.68 -40.12 19.52
C ILE E 141 43.68 -40.98 20.29
N ILE E 142 44.57 -40.33 21.04
CA ILE E 142 45.61 -41.04 21.77
C ILE E 142 45.07 -41.83 22.97
N SER E 143 43.89 -41.45 23.45
CA SER E 143 43.26 -42.20 24.53
C SER E 143 42.88 -43.62 24.09
N ARG E 144 42.49 -43.74 22.83
CA ARG E 144 42.05 -45.03 22.28
C ARG E 144 43.20 -45.94 21.85
N LYS E 145 42.89 -47.23 21.72
CA LYS E 145 43.87 -48.23 21.35
C LYS E 145 44.08 -48.35 19.84
N ARG E 146 43.00 -48.23 19.07
CA ARG E 146 43.07 -48.42 17.62
C ARG E 146 42.79 -47.13 16.84
N PHE E 147 43.67 -46.83 15.88
CA PHE E 147 43.49 -45.67 15.01
C PHE E 147 43.81 -46.01 13.56
N SER E 148 42.78 -46.02 12.71
CA SER E 148 42.93 -46.40 11.31
C SER E 148 42.69 -45.22 10.37
N GLU E 149 42.91 -45.44 9.08
CA GLU E 149 42.67 -44.42 8.06
C GLU E 149 41.19 -44.08 7.96
N VAL E 150 40.33 -45.01 8.37
CA VAL E 150 38.89 -44.78 8.40
C VAL E 150 38.55 -43.67 9.40
N ASP E 151 39.11 -43.78 10.60
CA ASP E 151 38.90 -42.80 11.65
C ASP E 151 39.34 -41.42 11.20
N ALA E 152 40.55 -41.37 10.63
CA ALA E 152 41.12 -40.13 10.11
C ALA E 152 40.23 -39.53 9.03
N ALA E 153 39.69 -40.41 8.18
CA ALA E 153 38.80 -39.98 7.12
C ALA E 153 37.52 -39.38 7.68
N ARG E 154 36.99 -39.98 8.74
CA ARG E 154 35.79 -39.45 9.36
C ARG E 154 36.00 -38.07 10.02
N ILE E 155 37.02 -37.97 10.86
CA ILE E 155 37.32 -36.69 11.50
C ILE E 155 37.58 -35.59 10.46
N ILE E 156 38.47 -35.87 9.52
CA ILE E 156 38.78 -34.91 8.46
C ILE E 156 37.53 -34.57 7.64
N ARG E 157 36.64 -35.54 7.47
CA ARG E 157 35.39 -35.29 6.76
C ARG E 157 34.52 -34.28 7.49
N GLN E 158 34.38 -34.46 8.80
CA GLN E 158 33.62 -33.50 9.61
C GLN E 158 34.25 -32.11 9.50
N VAL E 159 35.56 -32.06 9.64
CA VAL E 159 36.30 -30.79 9.55
C VAL E 159 36.03 -30.08 8.23
N LEU E 160 36.20 -30.80 7.12
CA LEU E 160 36.00 -30.22 5.79
C LEU E 160 34.54 -29.86 5.52
N SER E 161 33.62 -30.56 6.18
CA SER E 161 32.21 -30.20 6.08
C SER E 161 32.00 -28.82 6.69
N GLY E 162 32.52 -28.66 7.91
CA GLY E 162 32.46 -27.37 8.58
C GLY E 162 33.10 -26.26 7.77
N ILE E 163 34.30 -26.54 7.26
CA ILE E 163 35.06 -25.57 6.46
C ILE E 163 34.29 -25.15 5.21
N THR E 164 33.72 -26.13 4.51
CA THR E 164 32.94 -25.86 3.31
C THR E 164 31.74 -24.98 3.63
N TYR E 165 31.05 -25.31 4.72
CA TYR E 165 29.92 -24.48 5.15
C TYR E 165 30.34 -23.06 5.41
N MET E 166 31.42 -22.88 6.17
CA MET E 166 31.87 -21.54 6.55
C MET E 166 32.35 -20.73 5.33
N HIS E 167 32.97 -21.41 4.38
CA HIS E 167 33.41 -20.76 3.15
C HIS E 167 32.22 -20.37 2.28
N LYS E 168 31.15 -21.16 2.32
CA LYS E 168 29.94 -20.83 1.58
C LYS E 168 29.37 -19.50 2.07
N ASN E 169 29.56 -19.21 3.36
CA ASN E 169 29.14 -17.94 3.93
C ASN E 169 30.30 -16.96 4.02
N LYS E 170 31.34 -17.19 3.22
CA LYS E 170 32.46 -16.27 3.06
C LYS E 170 33.19 -15.97 4.37
N ILE E 171 33.48 -17.00 5.15
CA ILE E 171 34.20 -16.80 6.41
C ILE E 171 35.50 -17.62 6.45
N VAL E 172 36.57 -16.98 6.92
CA VAL E 172 37.89 -17.60 6.94
C VAL E 172 38.45 -17.70 8.37
N HIS E 173 38.99 -18.88 8.69
CA HIS E 173 39.59 -19.11 10.00
C HIS E 173 41.01 -18.57 10.06
N ARG E 174 41.75 -18.78 8.97
CA ARG E 174 43.18 -18.45 8.87
C ARG E 174 44.04 -19.24 9.85
N ASP E 175 43.78 -19.09 11.14
CA ASP E 175 44.55 -19.79 12.15
C ASP E 175 43.82 -21.07 12.56
N LEU E 176 44.10 -22.15 11.84
CA LEU E 176 43.41 -23.42 12.07
C LEU E 176 44.35 -24.42 12.71
N LYS E 177 43.93 -24.95 13.85
CA LYS E 177 44.78 -25.81 14.67
C LYS E 177 43.99 -26.98 15.26
N PRO E 178 44.70 -28.05 15.68
CA PRO E 178 44.06 -29.16 16.37
C PRO E 178 43.38 -28.70 17.66
N GLU E 179 43.93 -27.66 18.28
CA GLU E 179 43.33 -27.08 19.49
C GLU E 179 41.93 -26.57 19.19
N ASN E 180 41.74 -26.03 17.99
CA ASN E 180 40.47 -25.47 17.58
C ASN E 180 39.43 -26.55 17.28
N LEU E 181 39.90 -27.79 17.14
CA LEU E 181 38.98 -28.91 16.97
C LEU E 181 38.62 -29.49 18.33
N LEU E 182 37.36 -29.30 18.73
CA LEU E 182 36.91 -29.82 20.02
C LEU E 182 35.80 -30.83 19.84
N LEU E 183 35.53 -31.58 20.91
CA LEU E 183 34.38 -32.48 20.94
C LEU E 183 33.38 -31.92 21.94
N GLU E 184 32.12 -31.81 21.53
CA GLU E 184 31.11 -31.17 22.36
C GLU E 184 30.88 -31.94 23.66
N SER E 185 31.05 -33.25 23.62
CA SER E 185 30.85 -34.08 24.80
C SER E 185 31.91 -35.16 24.89
N LYS E 186 32.05 -35.74 26.08
CA LYS E 186 33.00 -36.83 26.31
C LYS E 186 32.53 -38.13 25.67
N SER E 187 31.25 -38.17 25.28
CA SER E 187 30.64 -39.34 24.68
C SER E 187 31.39 -39.86 23.45
N LYS E 188 31.47 -41.18 23.35
CA LYS E 188 32.17 -41.85 22.26
C LYS E 188 31.50 -41.57 20.91
N ASP E 189 32.32 -41.45 19.87
CA ASP E 189 31.85 -41.25 18.49
C ASP E 189 31.09 -39.94 18.30
N ALA E 190 31.30 -38.99 19.20
CA ALA E 190 30.73 -37.66 19.05
C ALA E 190 31.41 -36.90 17.93
N ASN E 191 30.69 -35.96 17.32
CA ASN E 191 31.22 -35.21 16.19
C ASN E 191 32.08 -34.02 16.62
N ILE E 192 32.87 -33.50 15.69
CA ILE E 192 33.80 -32.41 15.97
C ILE E 192 33.16 -31.03 15.76
N ARG E 193 33.55 -30.08 16.60
CA ARG E 193 33.19 -28.68 16.40
C ARG E 193 34.42 -27.79 16.39
N ILE E 194 34.52 -26.97 15.33
CA ILE E 194 35.63 -26.04 15.17
C ILE E 194 35.30 -24.73 15.89
N ILE E 195 36.30 -24.13 16.53
CA ILE E 195 36.09 -22.92 17.32
C ILE E 195 36.96 -21.77 16.84
N ASP E 196 36.61 -20.56 17.26
CA ASP E 196 37.38 -19.34 16.98
C ASP E 196 37.41 -18.96 15.50
N PHE E 197 36.34 -19.28 14.78
CA PHE E 197 36.24 -18.94 13.37
C PHE E 197 36.15 -17.43 13.16
N GLY E 198 37.07 -16.89 12.39
CA GLY E 198 37.04 -15.48 12.03
C GLY E 198 37.57 -14.53 13.09
N LEU E 199 38.20 -15.07 14.13
CA LEU E 199 38.78 -14.25 15.17
C LEU E 199 40.20 -13.85 14.81
N SER E 200 40.86 -14.68 14.02
CA SER E 200 42.25 -14.47 13.64
C SER E 200 42.39 -13.22 12.78
N THR E 201 41.37 -12.91 11.99
CA THR E 201 41.39 -11.76 11.11
C THR E 201 41.37 -10.44 11.88
N HIS E 202 40.78 -10.46 13.06
CA HIS E 202 40.61 -9.25 13.86
C HIS E 202 41.65 -9.06 14.97
N PHE E 203 42.20 -10.16 15.47
CA PHE E 203 43.12 -10.06 16.60
C PHE E 203 44.53 -10.55 16.27
N GLU E 204 45.52 -9.89 16.85
CA GLU E 204 46.91 -10.32 16.75
C GLU E 204 47.52 -10.47 18.15
N ALA E 205 47.93 -11.69 18.47
CA ALA E 205 48.43 -12.00 19.81
C ALA E 205 49.80 -11.38 20.07
N SER E 206 50.19 -11.36 21.34
CA SER E 206 51.50 -10.84 21.72
C SER E 206 52.17 -11.82 22.68
N LYS E 207 52.80 -12.84 22.11
CA LYS E 207 53.47 -13.87 22.88
C LYS E 207 54.73 -14.33 22.15
N LYS E 208 55.35 -15.41 22.65
CA LYS E 208 56.59 -15.89 22.06
C LYS E 208 56.37 -16.46 20.66
N LYS E 212 53.59 -21.43 21.70
CA LYS E 212 53.80 -20.18 20.96
C LYS E 212 54.29 -20.46 19.55
N ILE E 213 54.79 -21.67 19.34
CA ILE E 213 55.26 -22.09 18.02
C ILE E 213 54.24 -23.04 17.40
N GLY E 214 53.23 -23.40 18.18
CA GLY E 214 52.17 -24.29 17.74
C GLY E 214 51.17 -23.69 16.78
N THR E 215 51.49 -22.54 16.21
CA THR E 215 50.67 -21.94 15.17
C THR E 215 51.44 -21.87 13.86
N ALA E 216 52.75 -22.07 13.95
CA ALA E 216 53.63 -22.04 12.78
C ALA E 216 53.52 -23.31 11.94
N TYR E 217 53.17 -24.43 12.59
CA TYR E 217 53.03 -25.71 11.90
C TYR E 217 51.96 -25.68 10.81
N TYR E 218 50.86 -25.00 11.09
CA TYR E 218 49.66 -25.13 10.28
C TYR E 218 49.39 -23.93 9.39
N ILE E 219 50.18 -22.87 9.54
CA ILE E 219 49.96 -21.64 8.80
C ILE E 219 50.36 -21.82 7.33
N ALA E 220 49.62 -21.14 6.45
CA ALA E 220 49.84 -21.26 5.01
C ALA E 220 50.86 -20.21 4.55
N PRO E 221 51.63 -20.54 3.50
CA PRO E 221 52.66 -19.64 2.97
C PRO E 221 52.17 -18.25 2.59
N GLU E 222 51.00 -18.16 1.95
CA GLU E 222 50.48 -16.87 1.52
C GLU E 222 50.19 -15.96 2.71
N VAL E 223 49.72 -16.57 3.81
CA VAL E 223 49.49 -15.82 5.04
C VAL E 223 50.81 -15.26 5.57
N LEU E 224 51.87 -16.06 5.47
CA LEU E 224 53.20 -15.64 5.89
C LEU E 224 53.71 -14.50 5.02
N HIS E 225 53.33 -14.50 3.75
CA HIS E 225 53.81 -13.50 2.80
C HIS E 225 52.92 -12.27 2.76
N GLY E 226 51.74 -12.36 3.37
CA GLY E 226 50.83 -11.22 3.42
C GLY E 226 49.39 -11.57 3.14
N THR E 227 48.84 -10.98 2.10
CA THR E 227 47.44 -11.19 1.70
C THR E 227 47.16 -12.67 1.41
N TYR E 228 45.92 -13.08 1.66
CA TYR E 228 45.53 -14.47 1.52
C TYR E 228 44.02 -14.61 1.29
N ASP E 229 43.58 -15.81 0.94
CA ASP E 229 42.15 -16.09 0.83
C ASP E 229 41.77 -17.29 1.70
N GLU E 230 40.57 -17.83 1.48
CA GLU E 230 40.05 -18.91 2.32
C GLU E 230 40.82 -20.21 2.15
N LYS E 231 41.46 -20.39 1.00
CA LYS E 231 42.16 -21.63 0.69
C LYS E 231 43.29 -21.93 1.68
N CYS E 232 43.78 -20.90 2.36
CA CYS E 232 44.80 -21.07 3.39
C CYS E 232 44.31 -22.08 4.42
N ASP E 233 43.03 -21.99 4.77
CA ASP E 233 42.42 -22.92 5.70
C ASP E 233 42.66 -24.36 5.26
N VAL E 234 42.42 -24.61 3.97
CA VAL E 234 42.63 -25.94 3.40
C VAL E 234 44.05 -26.41 3.69
N TRP E 235 45.02 -25.52 3.44
CA TRP E 235 46.42 -25.83 3.69
C TRP E 235 46.58 -26.34 5.10
N SER E 236 46.01 -25.60 6.06
CA SER E 236 46.10 -25.98 7.46
C SER E 236 45.58 -27.39 7.64
N THR E 237 44.38 -27.64 7.11
CA THR E 237 43.77 -28.96 7.20
C THR E 237 44.72 -30.00 6.65
N GLY E 238 45.32 -29.69 5.51
CA GLY E 238 46.27 -30.58 4.88
C GLY E 238 47.34 -30.97 5.88
N VAL E 239 47.94 -29.95 6.50
CA VAL E 239 48.98 -30.18 7.49
C VAL E 239 48.46 -31.14 8.56
N ILE E 240 47.28 -30.83 9.08
CA ILE E 240 46.68 -31.68 10.11
C ILE E 240 46.56 -33.10 9.61
N LEU E 241 46.04 -33.26 8.40
CA LEU E 241 45.84 -34.59 7.83
C LEU E 241 47.17 -35.31 7.81
N TYR E 242 48.23 -34.61 7.40
CA TYR E 242 49.57 -35.19 7.37
C TYR E 242 49.87 -35.74 8.75
N ILE E 243 49.74 -34.89 9.75
CA ILE E 243 50.02 -35.27 11.12
C ILE E 243 49.13 -36.46 11.49
N LEU E 244 47.87 -36.38 11.10
CA LEU E 244 46.90 -37.41 11.45
C LEU E 244 47.33 -38.79 10.97
N LEU E 245 48.14 -38.82 9.91
CA LEU E 245 48.55 -40.10 9.34
C LEU E 245 49.98 -40.46 9.73
N SER E 246 50.73 -39.49 10.25
CA SER E 246 52.13 -39.74 10.55
C SER E 246 52.52 -39.36 11.97
N GLY E 247 51.73 -38.48 12.59
CA GLY E 247 52.01 -38.05 13.94
C GLY E 247 53.16 -37.06 13.99
N CYS E 248 53.58 -36.60 12.82
CA CYS E 248 54.67 -35.63 12.72
C CYS E 248 54.30 -34.47 11.81
N PRO E 249 54.78 -33.26 12.15
CA PRO E 249 54.55 -32.08 11.32
C PRO E 249 55.28 -32.19 9.98
N PRO E 250 54.62 -31.81 8.88
CA PRO E 250 55.24 -31.86 7.55
C PRO E 250 56.39 -30.88 7.45
N PHE E 251 56.19 -29.69 8.01
CA PHE E 251 57.23 -28.68 8.10
C PHE E 251 57.61 -28.52 9.57
N ASN E 252 58.75 -29.08 9.95
CA ASN E 252 59.11 -29.19 11.35
C ASN E 252 60.44 -28.51 11.67
N GLY E 253 60.59 -28.07 12.92
CA GLY E 253 61.80 -27.40 13.36
C GLY E 253 61.93 -27.35 14.86
N ALA E 254 63.12 -27.01 15.34
CA ALA E 254 63.38 -26.90 16.77
C ALA E 254 62.62 -25.71 17.37
N ASN E 255 62.57 -24.62 16.64
CA ASN E 255 61.89 -23.42 17.11
C ASN E 255 61.01 -22.83 16.01
N GLU E 256 60.26 -21.78 16.34
CA GLU E 256 59.34 -21.14 15.40
C GLU E 256 60.03 -20.69 14.11
N TYR E 257 61.24 -20.16 14.23
CA TYR E 257 61.97 -19.63 13.09
C TYR E 257 62.26 -20.72 12.05
N ASP E 258 62.73 -21.88 12.51
CA ASP E 258 63.04 -23.00 11.63
C ASP E 258 61.79 -23.51 10.91
N ILE E 259 60.73 -23.70 11.69
CA ILE E 259 59.45 -24.16 11.17
C ILE E 259 58.93 -23.22 10.09
N LEU E 260 59.02 -21.92 10.37
CA LEU E 260 58.59 -20.90 9.43
C LEU E 260 59.47 -20.88 8.18
N LYS E 261 60.75 -21.18 8.36
CA LYS E 261 61.67 -21.28 7.24
C LYS E 261 61.25 -22.41 6.29
N LYS E 262 60.97 -23.57 6.86
CA LYS E 262 60.54 -24.72 6.06
C LYS E 262 59.18 -24.49 5.41
N VAL E 263 58.26 -23.88 6.15
CA VAL E 263 56.91 -23.60 5.63
C VAL E 263 57.03 -22.63 4.47
N GLU E 264 57.94 -21.66 4.61
CA GLU E 264 58.20 -20.70 3.55
C GLU E 264 58.81 -21.38 2.33
N LYS E 265 59.71 -22.33 2.57
CA LYS E 265 60.29 -23.11 1.48
C LYS E 265 59.23 -23.97 0.79
N GLY E 266 58.23 -24.38 1.57
CA GLY E 266 57.09 -25.10 1.03
C GLY E 266 57.34 -26.57 0.74
N LYS E 267 58.61 -26.98 0.80
CA LYS E 267 58.99 -28.35 0.47
C LYS E 267 58.78 -29.31 1.64
N TYR E 268 58.33 -30.52 1.33
CA TYR E 268 58.14 -31.57 2.32
C TYR E 268 58.17 -32.92 1.61
N THR E 269 58.30 -34.00 2.39
CA THR E 269 58.37 -35.34 1.82
C THR E 269 57.51 -36.34 2.58
N PHE E 270 57.52 -37.59 2.10
CA PHE E 270 56.86 -38.69 2.78
C PHE E 270 57.88 -39.78 3.09
N GLU E 271 59.12 -39.36 3.33
CA GLU E 271 60.24 -40.29 3.49
C GLU E 271 60.18 -41.08 4.80
N LEU E 272 59.47 -40.55 5.80
CA LEU E 272 59.34 -41.23 7.09
C LEU E 272 58.72 -42.61 6.92
N PRO E 273 59.32 -43.63 7.56
CA PRO E 273 58.96 -45.04 7.45
C PRO E 273 57.47 -45.34 7.63
N GLN E 274 56.82 -44.67 8.57
CA GLN E 274 55.40 -44.96 8.84
C GLN E 274 54.51 -44.65 7.63
N TRP E 275 54.97 -43.76 6.77
CA TRP E 275 54.23 -43.43 5.54
C TRP E 275 54.12 -44.63 4.61
N LYS E 276 54.99 -45.62 4.79
CA LYS E 276 54.91 -46.85 4.01
C LYS E 276 53.62 -47.60 4.33
N LYS E 277 53.03 -47.32 5.49
CA LYS E 277 51.79 -47.97 5.89
C LYS E 277 50.55 -47.26 5.35
N VAL E 278 50.75 -46.10 4.74
CA VAL E 278 49.65 -45.24 4.29
C VAL E 278 49.38 -45.38 2.78
N SER E 279 48.10 -45.39 2.41
CA SER E 279 47.71 -45.51 1.00
C SER E 279 48.15 -44.31 0.17
N GLU E 280 48.27 -44.52 -1.13
CA GLU E 280 48.75 -43.49 -2.05
C GLU E 280 47.75 -42.35 -2.26
N SER E 281 46.46 -42.68 -2.22
CA SER E 281 45.41 -41.69 -2.43
C SER E 281 45.47 -40.59 -1.37
N ALA E 282 45.72 -40.98 -0.13
CA ALA E 282 45.84 -40.03 0.98
C ALA E 282 47.01 -39.08 0.75
N LYS E 283 48.14 -39.64 0.32
CA LYS E 283 49.33 -38.86 0.03
C LYS E 283 49.06 -37.88 -1.11
N ASP E 284 48.28 -38.33 -2.08
CA ASP E 284 47.88 -37.50 -3.21
C ASP E 284 47.02 -36.32 -2.75
N LEU E 285 46.02 -36.61 -1.92
CA LEU E 285 45.13 -35.58 -1.39
C LEU E 285 45.92 -34.57 -0.56
N ILE E 286 46.86 -35.06 0.24
CA ILE E 286 47.74 -34.19 1.00
C ILE E 286 48.55 -33.29 0.07
N ARG E 287 49.07 -33.87 -1.00
CA ARG E 287 49.83 -33.12 -2.00
C ARG E 287 48.99 -32.01 -2.63
N LYS E 288 47.76 -32.32 -2.98
CA LYS E 288 46.85 -31.34 -3.56
C LYS E 288 46.52 -30.24 -2.58
N MET E 289 46.36 -30.61 -1.31
CA MET E 289 46.07 -29.64 -0.27
C MET E 289 47.30 -28.77 0.02
N LEU E 290 48.48 -29.37 0.01
CA LEU E 290 49.71 -28.65 0.30
C LEU E 290 50.45 -28.16 -0.94
N THR E 291 49.75 -27.48 -1.84
CA THR E 291 50.38 -26.85 -3.00
C THR E 291 50.61 -25.37 -2.72
N TYR E 292 51.80 -24.88 -3.05
CA TYR E 292 52.24 -23.54 -2.69
C TYR E 292 51.35 -22.43 -3.26
N VAL E 293 51.02 -22.52 -4.54
CA VAL E 293 50.18 -21.51 -5.19
C VAL E 293 48.71 -21.74 -4.88
N PRO E 294 48.06 -20.75 -4.24
CA PRO E 294 46.68 -20.86 -3.76
C PRO E 294 45.68 -21.25 -4.85
N SER E 295 45.75 -20.60 -6.02
CA SER E 295 44.85 -20.92 -7.11
C SER E 295 45.03 -22.38 -7.53
N MET E 296 46.26 -22.87 -7.46
CA MET E 296 46.55 -24.25 -7.80
C MET E 296 46.07 -25.19 -6.71
N ARG E 297 45.85 -24.66 -5.51
CA ARG E 297 45.44 -25.47 -4.37
C ARG E 297 43.98 -25.91 -4.47
N ILE E 298 43.70 -27.13 -4.02
CA ILE E 298 42.36 -27.69 -4.04
C ILE E 298 41.44 -26.95 -3.08
N SER E 299 40.19 -26.76 -3.48
CA SER E 299 39.21 -26.11 -2.60
C SER E 299 38.71 -27.14 -1.58
N ALA E 300 38.04 -26.65 -0.54
CA ALA E 300 37.53 -27.53 0.51
C ALA E 300 36.42 -28.45 0.02
N ARG E 301 35.50 -27.91 -0.77
CA ARG E 301 34.36 -28.67 -1.25
C ARG E 301 34.83 -29.74 -2.25
N ASP E 302 35.80 -29.38 -3.09
CA ASP E 302 36.40 -30.33 -4.01
C ASP E 302 37.08 -31.46 -3.23
N ALA E 303 37.76 -31.09 -2.15
CA ALA E 303 38.46 -32.04 -1.30
C ALA E 303 37.49 -32.98 -0.57
N LEU E 304 36.30 -32.48 -0.26
CA LEU E 304 35.28 -33.28 0.41
C LEU E 304 34.81 -34.44 -0.46
N ASP E 305 34.90 -34.28 -1.77
CA ASP E 305 34.47 -35.31 -2.71
C ASP E 305 35.63 -36.13 -3.26
N HIS E 306 36.81 -35.99 -2.67
CA HIS E 306 37.99 -36.71 -3.12
C HIS E 306 37.75 -38.23 -2.96
N GLU E 307 38.50 -39.05 -3.70
CA GLU E 307 38.31 -40.50 -3.64
C GLU E 307 38.60 -41.05 -2.25
N TRP E 308 39.66 -40.54 -1.63
CA TRP E 308 40.13 -41.05 -0.35
C TRP E 308 39.07 -40.91 0.73
N ILE E 309 38.57 -39.70 0.91
CA ILE E 309 37.53 -39.44 1.89
C ILE E 309 36.22 -40.14 1.54
N GLN E 310 35.93 -40.22 0.24
CA GLN E 310 34.70 -40.86 -0.25
C GLN E 310 34.65 -42.35 0.09
N THR E 311 35.72 -43.08 -0.25
CA THR E 311 35.76 -44.53 -0.04
C THR E 311 35.78 -44.92 1.43
N TYR E 312 36.57 -44.20 2.24
CA TYR E 312 36.84 -44.58 3.62
C TYR E 312 35.77 -44.14 4.62
N THR E 313 34.65 -43.61 4.14
CA THR E 313 33.59 -43.15 5.03
C THR E 313 32.29 -43.95 4.85
N LYS E 314 32.40 -45.27 4.93
CA LYS E 314 31.21 -46.11 4.87
C LYS E 314 30.45 -46.08 6.19
N PRO E 322 43.61 -51.49 9.02
CA PRO E 322 44.83 -51.68 9.82
C PRO E 322 44.93 -50.61 10.91
N SER E 323 46.06 -50.56 11.61
CA SER E 323 46.26 -49.52 12.63
C SER E 323 47.60 -48.80 12.47
N LEU E 324 47.57 -47.47 12.55
CA LEU E 324 48.78 -46.67 12.42
C LEU E 324 49.39 -46.43 13.80
N ASP E 325 49.98 -47.48 14.37
CA ASP E 325 50.49 -47.45 15.74
C ASP E 325 51.61 -46.43 15.96
N ASN E 326 52.57 -46.40 15.04
CA ASN E 326 53.67 -45.46 15.14
C ASN E 326 53.15 -44.04 15.05
N ALA E 327 52.13 -43.85 14.23
CA ALA E 327 51.49 -42.55 14.06
C ALA E 327 50.83 -42.07 15.33
N ILE E 328 50.00 -42.92 15.95
CA ILE E 328 49.29 -42.53 17.17
C ILE E 328 50.30 -42.34 18.31
N LEU E 329 51.40 -43.08 18.26
CA LEU E 329 52.49 -42.87 19.21
C LEU E 329 53.07 -41.46 19.05
N ASN E 330 53.36 -41.09 17.81
CA ASN E 330 53.90 -39.77 17.52
C ASN E 330 52.92 -38.64 17.81
N ILE E 331 51.63 -38.94 17.73
CA ILE E 331 50.60 -37.98 18.11
C ILE E 331 50.60 -37.80 19.61
N ARG E 332 50.78 -38.91 20.33
CA ARG E 332 50.88 -38.86 21.78
C ARG E 332 52.06 -38.00 22.21
N GLN E 333 53.18 -38.15 21.50
CA GLN E 333 54.34 -37.32 21.81
C GLN E 333 54.12 -35.85 21.44
N PHE E 334 53.56 -35.63 20.26
CA PHE E 334 53.27 -34.29 19.76
C PHE E 334 52.36 -33.48 20.68
N GLN E 335 51.58 -34.15 21.52
CA GLN E 335 50.75 -33.46 22.49
C GLN E 335 51.55 -33.03 23.72
N GLN E 338 52.87 -35.45 27.17
CA GLN E 338 51.88 -36.31 27.82
C GLN E 338 52.36 -37.76 27.87
N LYS E 339 53.54 -37.96 28.44
CA LYS E 339 54.23 -39.25 28.39
C LYS E 339 55.00 -39.57 29.66
N LEU E 340 55.91 -40.53 29.54
CA LEU E 340 56.96 -40.77 30.51
C LEU E 340 57.97 -39.62 30.41
N ALA E 341 57.82 -38.84 29.35
CA ALA E 341 58.66 -37.68 29.05
C ALA E 341 58.62 -36.67 30.18
N GLN E 342 57.44 -36.43 30.73
CA GLN E 342 57.27 -35.49 31.84
C GLN E 342 58.08 -35.93 33.05
N ALA E 343 57.90 -37.18 33.45
CA ALA E 343 58.62 -37.75 34.58
C ALA E 343 60.13 -37.68 34.36
N ALA E 344 60.54 -37.94 33.12
CA ALA E 344 61.96 -37.92 32.76
C ALA E 344 62.55 -36.51 32.84
N LEU E 345 61.78 -35.53 32.37
CA LEU E 345 62.22 -34.14 32.40
C LEU E 345 62.34 -33.62 33.83
N LEU E 346 61.34 -33.96 34.65
CA LEU E 346 61.35 -33.55 36.05
C LEU E 346 62.51 -34.20 36.79
N TYR E 347 62.69 -35.50 36.59
CA TYR E 347 63.81 -36.23 37.18
C TYR E 347 65.14 -35.62 36.76
N MET E 348 65.27 -35.31 35.47
CA MET E 348 66.49 -34.71 34.94
C MET E 348 66.76 -33.36 35.60
N GLY E 349 65.69 -32.59 35.79
CA GLY E 349 65.79 -31.28 36.41
C GLY E 349 66.19 -31.31 37.88
N SER E 350 65.63 -32.26 38.61
CA SER E 350 65.83 -32.32 40.05
C SER E 350 67.09 -33.09 40.47
N LYS E 351 67.46 -34.11 39.70
CA LYS E 351 68.50 -35.04 40.13
C LYS E 351 69.81 -34.95 39.36
N LEU E 352 69.78 -34.32 38.18
CA LEU E 352 70.95 -34.34 37.31
C LEU E 352 71.55 -32.97 36.99
N THR E 353 71.54 -32.08 37.99
CA THR E 353 72.18 -30.78 37.83
C THR E 353 73.50 -30.77 38.61
N SER E 354 74.48 -30.02 38.12
CA SER E 354 75.76 -29.89 38.82
C SER E 354 75.59 -29.07 40.10
N GLN E 355 76.61 -29.08 40.95
CA GLN E 355 76.56 -28.39 42.25
C GLN E 355 76.32 -26.89 42.11
N ASP E 356 76.95 -26.25 41.13
CA ASP E 356 76.76 -24.82 40.91
C ASP E 356 75.30 -24.54 40.55
N GLU E 357 74.77 -25.35 39.65
CA GLU E 357 73.38 -25.22 39.22
C GLU E 357 72.41 -25.43 40.38
N THR E 358 72.66 -26.48 41.16
CA THR E 358 71.82 -26.78 42.33
C THR E 358 71.86 -25.63 43.33
N LYS E 359 73.04 -25.06 43.52
CA LYS E 359 73.23 -23.93 44.42
C LYS E 359 72.40 -22.73 43.97
N GLU E 360 72.57 -22.34 42.71
CA GLU E 360 71.87 -21.18 42.18
C GLU E 360 70.35 -21.36 42.18
N LEU E 361 69.91 -22.53 41.74
CA LEU E 361 68.48 -22.82 41.66
C LEU E 361 67.84 -22.86 43.04
N THR E 362 68.51 -23.49 43.99
CA THR E 362 67.99 -23.55 45.35
C THR E 362 67.94 -22.15 45.99
N ALA E 363 68.97 -21.36 45.74
CA ALA E 363 69.02 -20.00 46.24
C ALA E 363 67.88 -19.14 45.70
N ILE E 364 67.73 -19.13 44.38
CA ILE E 364 66.68 -18.35 43.73
C ILE E 364 65.29 -18.82 44.17
N PHE E 365 65.11 -20.13 44.22
CA PHE E 365 63.82 -20.71 44.58
C PHE E 365 63.44 -20.34 46.00
N HIS E 366 64.41 -20.38 46.91
CA HIS E 366 64.18 -19.96 48.28
C HIS E 366 63.86 -18.47 48.34
N LYS E 367 64.57 -17.68 47.55
CA LYS E 367 64.34 -16.24 47.51
C LYS E 367 62.91 -15.94 47.06
N MET E 368 62.38 -16.77 46.15
CA MET E 368 61.02 -16.58 45.65
C MET E 368 59.98 -17.26 46.54
N ASP E 369 60.39 -18.27 47.29
CA ASP E 369 59.46 -18.96 48.19
C ASP E 369 59.35 -18.20 49.50
N LYS E 370 58.42 -17.26 49.55
CA LYS E 370 58.30 -16.35 50.68
C LYS E 370 57.82 -17.02 51.97
N ASN E 371 56.81 -17.87 51.88
CA ASN E 371 56.29 -18.53 53.08
C ASN E 371 57.08 -19.80 53.40
N GLY E 372 57.93 -20.21 52.46
CA GLY E 372 58.83 -21.34 52.67
C GLY E 372 58.19 -22.72 52.69
N ASP E 373 56.99 -22.85 52.14
CA ASP E 373 56.28 -24.13 52.14
C ASP E 373 56.89 -25.15 51.16
N GLY E 374 57.73 -24.66 50.24
CA GLY E 374 58.35 -25.53 49.26
C GLY E 374 57.63 -25.53 47.92
N GLN E 375 56.65 -24.64 47.78
CA GLN E 375 55.92 -24.47 46.54
C GLN E 375 55.88 -23.00 46.12
N LEU E 376 55.84 -22.76 44.83
CA LEU E 376 55.58 -21.41 44.33
C LEU E 376 54.14 -21.33 43.82
N ASP E 377 53.40 -20.33 44.28
CA ASP E 377 52.01 -20.16 43.84
C ASP E 377 51.88 -18.92 42.98
N ARG E 378 50.64 -18.59 42.63
CA ARG E 378 50.36 -17.44 41.77
C ARG E 378 50.94 -16.14 42.34
N ALA E 379 50.67 -15.89 43.62
CA ALA E 379 51.11 -14.65 44.25
C ALA E 379 52.63 -14.53 44.32
N GLU E 380 53.29 -15.58 44.79
CA GLU E 380 54.74 -15.59 44.92
C GLU E 380 55.41 -15.52 43.54
N LEU E 381 54.81 -16.18 42.55
CA LEU E 381 55.32 -16.12 41.20
C LEU E 381 55.19 -14.72 40.63
N ILE E 382 54.08 -14.04 40.96
CA ILE E 382 53.88 -12.66 40.52
C ILE E 382 54.92 -11.73 41.13
N GLU E 383 55.08 -11.82 42.45
CA GLU E 383 56.00 -10.94 43.16
C GLU E 383 57.45 -11.20 42.81
N GLY E 384 57.77 -12.46 42.49
CA GLY E 384 59.14 -12.84 42.17
C GLY E 384 59.47 -12.92 40.70
N TYR E 385 58.48 -12.71 39.84
CA TYR E 385 58.66 -12.90 38.40
C TYR E 385 59.71 -11.96 37.82
N LYS E 386 59.52 -10.66 38.05
CA LYS E 386 60.39 -9.64 37.48
C LYS E 386 61.85 -9.87 37.86
N GLU E 387 62.07 -10.36 39.08
CA GLU E 387 63.42 -10.64 39.55
C GLU E 387 63.94 -11.94 38.96
N LEU E 388 63.04 -12.90 38.74
CA LEU E 388 63.41 -14.15 38.09
C LEU E 388 63.89 -13.91 36.67
N MET E 389 63.15 -13.08 35.93
CA MET E 389 63.55 -12.67 34.59
C MET E 389 64.74 -11.74 34.61
N ARG E 390 64.88 -10.95 35.67
CA ARG E 390 66.07 -10.12 35.81
C ARG E 390 67.28 -11.03 35.90
N MET E 391 67.09 -12.19 36.54
CA MET E 391 68.12 -13.20 36.57
C MET E 391 68.20 -13.92 35.22
N LYS E 392 67.03 -14.27 34.68
CA LYS E 392 66.96 -15.01 33.42
C LYS E 392 66.48 -14.21 32.22
N GLY E 393 67.40 -13.85 31.32
CA GLY E 393 66.99 -13.26 30.06
C GLY E 393 66.72 -11.77 30.15
N SER E 397 60.67 -8.18 30.95
CA SER E 397 61.92 -7.70 31.53
C SER E 397 61.65 -6.64 32.58
N MET E 398 62.53 -5.63 32.66
CA MET E 398 62.33 -4.50 33.56
C MET E 398 61.08 -3.71 33.21
N LEU E 399 60.78 -3.66 31.92
CA LEU E 399 59.63 -2.91 31.41
C LEU E 399 58.36 -3.75 31.32
N ASP E 400 57.90 -4.25 32.46
CA ASP E 400 56.71 -5.10 32.44
C ASP E 400 55.60 -4.49 33.32
N ALA E 401 54.48 -4.21 32.67
CA ALA E 401 53.28 -3.74 33.35
C ALA E 401 52.71 -4.89 34.15
N SER E 402 52.29 -4.63 35.38
CA SER E 402 51.85 -5.67 36.31
C SER E 402 50.85 -6.65 35.68
N ALA E 403 50.03 -6.14 34.75
CA ALA E 403 49.05 -6.98 34.08
C ALA E 403 49.74 -8.01 33.18
N VAL E 404 50.75 -7.57 32.43
CA VAL E 404 51.48 -8.49 31.56
C VAL E 404 52.34 -9.40 32.42
N GLU E 405 52.70 -8.92 33.62
CA GLU E 405 53.44 -9.74 34.55
C GLU E 405 52.60 -10.92 35.02
N HIS E 406 51.37 -10.64 35.45
CA HIS E 406 50.45 -11.70 35.86
C HIS E 406 50.09 -12.64 34.71
N GLU E 407 49.85 -12.06 33.53
CA GLU E 407 49.44 -12.84 32.37
C GLU E 407 50.54 -13.80 31.92
N VAL E 408 51.74 -13.27 31.71
CA VAL E 408 52.87 -14.09 31.30
C VAL E 408 53.22 -15.09 32.40
N ASP E 409 53.10 -14.66 33.66
CA ASP E 409 53.33 -15.56 34.78
C ASP E 409 52.38 -16.75 34.72
N GLN E 410 51.16 -16.52 34.23
CA GLN E 410 50.21 -17.62 34.06
C GLN E 410 50.59 -18.51 32.87
N VAL E 411 51.04 -17.86 31.79
CA VAL E 411 51.48 -18.59 30.60
C VAL E 411 52.60 -19.57 30.94
N LEU E 412 53.61 -19.10 31.66
CA LEU E 412 54.65 -19.98 32.18
C LEU E 412 54.11 -20.94 33.24
N ASP E 413 53.13 -20.48 34.02
CA ASP E 413 52.44 -21.32 35.00
C ASP E 413 51.73 -22.51 34.37
N ALA E 414 51.67 -22.52 33.04
CA ALA E 414 51.20 -23.70 32.31
C ALA E 414 52.26 -24.81 32.28
N VAL E 415 53.36 -24.61 33.01
CA VAL E 415 54.37 -25.66 33.19
C VAL E 415 54.15 -26.44 34.49
N ASP E 416 53.02 -26.20 35.13
CA ASP E 416 52.66 -26.94 36.34
C ASP E 416 52.10 -28.31 35.95
N PHE E 417 52.99 -29.28 35.73
CA PHE E 417 52.63 -30.55 35.10
C PHE E 417 51.45 -31.28 35.75
N ASP E 418 51.51 -31.48 37.05
CA ASP E 418 50.43 -32.17 37.77
C ASP E 418 49.20 -31.27 37.89
N LYS E 419 49.40 -29.98 37.62
CA LYS E 419 48.33 -28.97 37.62
C LYS E 419 47.68 -28.85 38.99
N ASN E 420 48.45 -29.05 40.05
CA ASN E 420 47.96 -28.87 41.41
C ASN E 420 47.80 -27.40 41.79
N GLY E 421 48.39 -26.52 41.00
CA GLY E 421 48.30 -25.10 41.25
C GLY E 421 49.58 -24.49 41.78
N TYR E 422 50.60 -25.33 41.97
CA TYR E 422 51.89 -24.85 42.47
C TYR E 422 53.02 -25.30 41.57
N ILE E 423 54.12 -24.54 41.57
CA ILE E 423 55.31 -24.95 40.86
C ILE E 423 56.37 -25.42 41.86
N GLU E 424 56.69 -26.71 41.81
CA GLU E 424 57.69 -27.28 42.71
C GLU E 424 59.08 -26.83 42.31
N TYR E 425 60.08 -27.41 42.97
CA TYR E 425 61.46 -27.13 42.62
C TYR E 425 61.79 -27.64 41.22
N SER E 426 61.40 -28.88 40.92
CA SER E 426 61.72 -29.49 39.62
C SER E 426 61.09 -28.74 38.44
N GLU E 427 59.80 -28.47 38.53
CA GLU E 427 59.10 -27.69 37.52
C GLU E 427 59.75 -26.32 37.38
N PHE E 428 60.14 -25.77 38.53
CA PHE E 428 60.81 -24.48 38.56
C PHE E 428 62.12 -24.57 37.77
N VAL E 429 62.80 -25.72 37.88
CA VAL E 429 64.05 -25.93 37.14
C VAL E 429 63.76 -26.02 35.65
N THR E 430 62.63 -26.64 35.30
CA THR E 430 62.17 -26.67 33.91
C THR E 430 62.02 -25.25 33.37
N VAL E 431 61.52 -24.35 34.21
CA VAL E 431 61.38 -22.96 33.81
C VAL E 431 62.71 -22.20 33.77
N ALA E 432 63.42 -22.23 34.89
CA ALA E 432 64.60 -21.41 35.12
C ALA E 432 65.76 -21.78 34.20
N MET E 433 65.89 -23.06 33.89
CA MET E 433 66.92 -23.50 32.95
C MET E 433 66.31 -23.61 31.57
N ASP E 434 66.90 -22.92 30.61
CA ASP E 434 66.42 -23.00 29.24
C ASP E 434 66.62 -24.43 28.73
N ARG E 435 65.76 -24.85 27.81
CA ARG E 435 65.76 -26.22 27.32
C ARG E 435 67.08 -26.60 26.67
N LYS E 436 67.80 -25.61 26.16
CA LYS E 436 69.11 -25.83 25.55
C LYS E 436 70.09 -26.41 26.56
N THR E 437 70.01 -25.94 27.81
CA THR E 437 70.91 -26.42 28.86
C THR E 437 70.39 -27.68 29.54
N LEU E 438 69.12 -27.65 29.98
CA LEU E 438 68.52 -28.78 30.67
C LEU E 438 68.51 -30.04 29.82
N LEU E 439 68.35 -29.86 28.51
CA LEU E 439 68.34 -30.99 27.60
C LEU E 439 69.54 -30.92 26.65
N SER E 440 70.70 -30.65 27.23
CA SER E 440 71.95 -30.66 26.48
C SER E 440 72.35 -32.09 26.13
N ARG E 441 73.31 -32.25 25.24
CA ARG E 441 73.78 -33.57 24.84
C ARG E 441 74.41 -34.29 26.04
N GLU E 442 75.16 -33.53 26.84
CA GLU E 442 75.84 -34.08 28.01
C GLU E 442 74.86 -34.61 29.05
N ARG E 443 73.88 -33.79 29.41
CA ARG E 443 72.91 -34.18 30.43
C ARG E 443 72.01 -35.32 29.95
N LEU E 444 71.67 -35.33 28.67
CA LEU E 444 70.88 -36.42 28.10
C LEU E 444 71.66 -37.73 28.10
N GLU E 445 72.92 -37.66 27.70
CA GLU E 445 73.77 -38.84 27.68
C GLU E 445 73.96 -39.39 29.10
N ARG E 446 74.20 -38.48 30.03
CA ARG E 446 74.37 -38.82 31.44
C ARG E 446 73.11 -39.48 31.99
N ALA E 447 71.96 -38.90 31.64
CA ALA E 447 70.67 -39.43 32.04
C ALA E 447 70.47 -40.84 31.52
N PHE E 448 70.58 -41.01 30.21
CA PHE E 448 70.38 -42.31 29.59
C PHE E 448 71.33 -43.36 30.17
N ARG E 449 72.56 -42.94 30.42
CA ARG E 449 73.55 -43.84 31.01
C ARG E 449 73.13 -44.25 32.42
N MET E 450 72.57 -43.31 33.18
CA MET E 450 72.09 -43.60 34.53
C MET E 450 70.91 -44.57 34.50
N PHE E 451 69.99 -44.34 33.57
CA PHE E 451 68.81 -45.19 33.42
C PHE E 451 69.19 -46.60 32.97
N ASP E 452 70.16 -46.68 32.05
CA ASP E 452 70.59 -47.94 31.48
C ASP E 452 71.61 -48.63 32.39
N SER E 453 71.12 -49.42 33.33
CA SER E 453 71.96 -50.04 34.35
C SER E 453 72.89 -51.10 33.79
N ASP E 454 72.36 -52.00 32.97
CA ASP E 454 73.15 -53.10 32.42
C ASP E 454 74.01 -52.66 31.23
N ASN E 455 73.93 -51.38 30.88
CA ASN E 455 74.75 -50.80 29.82
C ASN E 455 74.53 -51.47 28.46
N SER E 456 73.32 -51.99 28.24
CA SER E 456 72.99 -52.66 27.00
C SER E 456 72.85 -51.67 25.85
N GLY E 457 72.58 -50.41 26.20
CA GLY E 457 72.36 -49.39 25.19
C GLY E 457 70.88 -49.10 25.03
N LYS E 458 70.06 -49.84 25.76
CA LYS E 458 68.61 -49.63 25.76
C LYS E 458 68.09 -49.64 27.19
N ILE E 459 66.97 -48.97 27.43
CA ILE E 459 66.38 -48.95 28.76
C ILE E 459 65.23 -49.95 28.83
N SER E 460 65.36 -50.95 29.69
CA SER E 460 64.31 -51.95 29.86
C SER E 460 63.24 -51.42 30.81
N SER E 461 62.14 -52.14 30.92
CA SER E 461 61.04 -51.76 31.80
C SER E 461 61.44 -51.82 33.28
N THR E 462 62.22 -52.84 33.63
CA THR E 462 62.68 -53.01 35.00
C THR E 462 63.61 -51.89 35.42
N GLU E 463 64.35 -51.32 34.48
CA GLU E 463 65.24 -50.20 34.76
C GLU E 463 64.46 -48.91 35.04
N LEU E 464 63.39 -48.68 34.27
CA LEU E 464 62.50 -47.55 34.49
C LEU E 464 61.88 -47.68 35.88
N ALA E 465 61.36 -48.88 36.14
CA ALA E 465 60.78 -49.24 37.42
C ALA E 465 61.81 -49.11 38.54
N THR E 466 63.08 -49.28 38.20
CA THR E 466 64.12 -49.18 39.21
C THR E 466 64.39 -47.72 39.56
N ILE E 467 64.48 -46.87 38.55
CA ILE E 467 64.74 -45.46 38.81
C ILE E 467 63.57 -44.77 39.50
N PHE E 468 62.38 -44.84 38.91
CA PHE E 468 61.22 -44.21 39.55
C PHE E 468 59.99 -45.14 39.67
N GLY E 469 60.11 -46.23 40.41
CA GLY E 469 58.94 -47.10 40.48
C GLY E 469 58.51 -47.88 41.69
N VAL E 470 57.72 -48.92 41.42
CA VAL E 470 57.18 -49.78 42.45
C VAL E 470 56.83 -51.19 41.95
N SER E 471 57.37 -51.57 40.80
CA SER E 471 57.11 -52.91 40.24
C SER E 471 55.74 -53.10 39.60
N ASP E 472 55.73 -53.74 38.43
CA ASP E 472 54.51 -54.03 37.67
C ASP E 472 54.82 -54.37 36.23
N THR E 477 52.27 -52.27 34.29
CA THR E 477 52.04 -50.85 34.01
C THR E 477 53.24 -50.29 33.23
N TRP E 478 54.43 -50.56 33.75
CA TRP E 478 55.68 -50.08 33.15
C TRP E 478 55.84 -50.50 31.70
N LYS E 479 55.26 -51.62 31.33
CA LYS E 479 55.28 -52.06 29.94
C LYS E 479 54.48 -51.07 29.08
N SER E 480 53.34 -50.64 29.62
CA SER E 480 52.48 -49.68 28.94
C SER E 480 53.14 -48.29 28.86
N VAL E 481 53.75 -47.88 29.96
CA VAL E 481 54.45 -46.60 30.01
C VAL E 481 55.64 -46.58 29.04
N LEU E 482 56.33 -47.70 28.94
CA LEU E 482 57.47 -47.83 28.06
C LEU E 482 57.03 -47.85 26.60
N SER E 483 55.97 -48.59 26.31
CA SER E 483 55.48 -48.76 24.94
C SER E 483 55.13 -47.42 24.30
N GLU E 484 54.73 -46.46 25.12
CA GLU E 484 54.40 -45.12 24.64
C GLU E 484 55.62 -44.40 24.09
N VAL E 485 56.81 -44.90 24.44
CA VAL E 485 58.05 -44.25 24.02
C VAL E 485 58.83 -45.19 23.09
N ASP E 486 58.51 -46.48 23.18
CA ASP E 486 59.19 -47.48 22.37
C ASP E 486 58.68 -47.44 20.94
N LYS E 487 59.42 -46.74 20.08
CA LYS E 487 59.00 -46.52 18.70
C LYS E 487 58.96 -47.80 17.88
N ASN E 488 60.06 -48.56 17.87
CA ASN E 488 60.16 -49.75 17.04
C ASN E 488 59.63 -51.03 17.70
N ASN E 489 59.05 -50.88 18.89
CA ASN E 489 58.38 -51.98 19.58
C ASN E 489 59.28 -53.18 19.89
N ASP E 490 60.56 -52.93 20.18
CA ASP E 490 61.45 -54.00 20.60
C ASP E 490 61.29 -54.32 22.08
N GLY E 491 60.61 -53.42 22.80
CA GLY E 491 60.34 -53.61 24.22
C GLY E 491 61.26 -52.84 25.14
N GLU E 492 62.19 -52.07 24.57
CA GLU E 492 63.12 -51.28 25.36
C GLU E 492 63.26 -49.88 24.76
N VAL E 493 63.95 -49.00 25.46
CA VAL E 493 64.15 -47.64 24.98
C VAL E 493 65.63 -47.32 24.74
N ASP E 494 66.01 -47.25 23.47
CA ASP E 494 67.37 -46.89 23.10
C ASP E 494 67.55 -45.38 23.19
N PHE E 495 68.79 -44.92 23.06
CA PHE E 495 69.11 -43.51 23.21
C PHE E 495 68.40 -42.67 22.16
N ASP E 496 68.22 -43.26 20.99
CA ASP E 496 67.54 -42.56 19.91
C ASP E 496 66.13 -42.20 20.35
N GLU E 497 65.38 -43.19 20.83
CA GLU E 497 63.99 -42.98 21.24
C GLU E 497 63.87 -42.12 22.50
N PHE E 498 64.85 -42.21 23.40
CA PHE E 498 64.90 -41.39 24.61
C PHE E 498 65.09 -39.91 24.28
N GLN E 499 66.13 -39.65 23.51
CA GLN E 499 66.46 -38.30 23.03
C GLN E 499 65.30 -37.76 22.21
N GLN E 500 64.77 -38.58 21.33
CA GLN E 500 63.59 -38.24 20.53
C GLN E 500 62.40 -37.91 21.44
N MET E 501 62.31 -38.60 22.57
CA MET E 501 61.22 -38.37 23.51
C MET E 501 61.36 -36.99 24.16
N LEU E 502 62.57 -36.62 24.61
CA LEU E 502 62.72 -35.32 25.29
C LEU E 502 62.74 -34.10 24.37
N LEU E 503 63.06 -34.30 23.09
CA LEU E 503 63.07 -33.17 22.16
C LEU E 503 62.01 -33.30 21.08
N LYS E 504 62.42 -33.86 19.95
CA LYS E 504 61.51 -34.07 18.83
C LYS E 504 62.01 -35.16 17.89
N LEU E 505 61.06 -35.96 17.40
CA LEU E 505 61.40 -37.14 16.60
C LEU E 505 61.83 -36.81 15.22
N CYS E 506 61.05 -35.95 14.59
CA CYS E 506 61.27 -35.56 13.20
C CYS E 506 61.61 -34.07 13.10
N GLN F 2 73.15 -49.61 52.44
CA GLN F 2 73.55 -49.06 53.73
C GLN F 2 73.09 -47.60 53.93
N VAL F 3 72.23 -47.13 53.03
CA VAL F 3 71.64 -45.79 53.15
C VAL F 3 70.13 -45.98 53.14
N GLN F 4 69.44 -45.65 54.23
CA GLN F 4 68.00 -45.89 54.30
C GLN F 4 67.25 -45.17 55.42
N LEU F 5 65.92 -45.20 55.32
CA LEU F 5 65.04 -44.68 56.35
C LEU F 5 64.33 -45.84 57.03
N VAL F 6 64.28 -45.80 58.36
CA VAL F 6 63.66 -46.88 59.13
C VAL F 6 62.46 -46.33 59.91
N GLU F 7 61.36 -47.07 59.86
CA GLU F 7 60.14 -46.63 60.53
C GLU F 7 59.83 -47.49 61.75
N THR F 8 59.37 -46.84 62.81
CA THR F 8 58.94 -47.52 64.02
C THR F 8 57.69 -46.87 64.60
N GLY F 9 57.01 -47.57 65.50
CA GLY F 9 55.83 -47.03 66.16
C GLY F 9 54.56 -47.67 65.64
N GLY F 10 54.71 -48.61 64.72
CA GLY F 10 53.58 -49.34 64.16
C GLY F 10 52.99 -50.30 65.17
N GLY F 11 51.67 -50.37 65.20
CA GLY F 11 50.98 -51.26 66.13
C GLY F 11 49.49 -51.34 65.88
N LEU F 12 48.80 -52.10 66.72
CA LEU F 12 47.35 -52.21 66.65
C LEU F 12 46.73 -51.29 67.69
N VAL F 13 45.78 -50.48 67.26
CA VAL F 13 45.14 -49.49 68.12
C VAL F 13 43.64 -49.37 67.87
N GLN F 14 42.91 -48.97 68.90
CA GLN F 14 41.47 -48.76 68.79
C GLN F 14 41.16 -47.52 67.95
N PRO F 15 39.95 -47.46 67.37
CA PRO F 15 39.51 -46.26 66.63
C PRO F 15 39.42 -45.03 67.53
N GLY F 16 39.69 -43.86 66.97
CA GLY F 16 39.60 -42.61 67.70
C GLY F 16 40.79 -42.35 68.60
N GLU F 17 41.71 -43.30 68.67
CA GLU F 17 42.92 -43.15 69.48
C GLU F 17 43.98 -42.31 68.77
N SER F 18 45.15 -42.22 69.38
CA SER F 18 46.26 -41.47 68.81
C SER F 18 47.55 -42.29 68.87
N LEU F 19 48.38 -42.15 67.85
CA LEU F 19 49.64 -42.89 67.79
C LEU F 19 50.71 -42.02 67.17
N ARG F 20 51.97 -42.22 67.53
CA ARG F 20 53.05 -41.44 66.94
C ARG F 20 54.08 -42.33 66.26
N LEU F 21 54.36 -42.03 65.00
CA LEU F 21 55.31 -42.82 64.23
C LEU F 21 56.65 -42.11 64.08
N SER F 22 57.73 -42.88 64.04
CA SER F 22 59.07 -42.32 63.97
C SER F 22 59.83 -42.83 62.75
N CYS F 23 60.58 -41.95 62.11
CA CYS F 23 61.43 -42.30 60.98
C CYS F 23 62.85 -41.82 61.18
N VAL F 24 63.79 -42.75 61.23
CA VAL F 24 65.20 -42.39 61.43
C VAL F 24 66.02 -42.64 60.17
N ALA F 25 66.98 -41.75 59.90
CA ALA F 25 67.84 -41.89 58.74
C ALA F 25 69.19 -42.50 59.10
N SER F 26 69.50 -43.65 58.51
CA SER F 26 70.79 -44.28 58.73
C SER F 26 71.62 -44.27 57.45
N GLY F 27 72.87 -43.81 57.57
CA GLY F 27 73.77 -43.70 56.43
C GLY F 27 73.86 -42.27 55.91
N PHE F 28 72.93 -41.44 56.33
CA PHE F 28 72.92 -40.03 55.94
C PHE F 28 72.14 -39.17 56.93
N THR F 29 72.28 -37.86 56.83
CA THR F 29 71.59 -36.94 57.70
C THR F 29 70.41 -36.28 56.99
N LEU F 30 69.40 -35.89 57.75
CA LEU F 30 68.22 -35.25 57.19
C LEU F 30 68.39 -33.74 57.07
N ASP F 31 69.62 -33.27 57.31
CA ASP F 31 69.91 -31.84 57.38
C ASP F 31 69.46 -31.07 56.15
N HIS F 32 69.70 -31.65 54.98
CA HIS F 32 69.33 -31.00 53.72
C HIS F 32 68.22 -31.78 53.01
N SER F 33 67.52 -32.60 53.78
CA SER F 33 66.47 -33.45 53.22
C SER F 33 65.07 -33.01 53.63
N ALA F 34 64.19 -32.99 52.64
CA ALA F 34 62.76 -32.87 52.88
C ALA F 34 62.18 -34.27 52.95
N VAL F 35 61.50 -34.56 54.05
CA VAL F 35 60.96 -35.91 54.28
C VAL F 35 59.45 -35.90 54.28
N GLY F 36 58.86 -36.87 53.59
CA GLY F 36 57.42 -36.97 53.51
C GLY F 36 56.91 -38.33 53.96
N TRP F 37 55.73 -38.32 54.55
CA TRP F 37 55.04 -39.54 54.94
C TRP F 37 54.03 -39.94 53.87
N PHE F 38 54.02 -41.23 53.59
CA PHE F 38 53.15 -41.86 52.60
C PHE F 38 52.49 -43.10 53.23
N ARG F 39 51.24 -43.38 52.85
CA ARG F 39 50.59 -44.61 53.28
C ARG F 39 50.19 -45.47 52.09
N GLN F 40 50.52 -46.75 52.18
CA GLN F 40 50.16 -47.72 51.15
C GLN F 40 49.27 -48.82 51.69
N VAL F 41 48.12 -48.99 51.05
CA VAL F 41 47.28 -50.15 51.29
C VAL F 41 47.66 -51.22 50.29
N PRO F 42 47.63 -52.50 50.70
CA PRO F 42 48.03 -53.62 49.85
C PRO F 42 47.26 -53.68 48.53
N GLY F 43 47.99 -53.81 47.43
CA GLY F 43 47.39 -53.89 46.10
C GLY F 43 46.98 -52.53 45.57
N LYS F 44 47.47 -51.48 46.23
CA LYS F 44 47.17 -50.12 45.84
C LYS F 44 48.46 -49.30 45.77
N GLU F 45 48.48 -48.32 44.87
CA GLU F 45 49.67 -47.50 44.68
C GLU F 45 49.86 -46.58 45.87
N ARG F 46 51.10 -46.18 46.14
CA ARG F 46 51.42 -45.36 47.31
C ARG F 46 50.76 -43.98 47.28
N GLU F 47 50.24 -43.55 48.43
CA GLU F 47 49.52 -42.29 48.55
C GLU F 47 50.31 -41.29 49.37
N LYS F 48 50.51 -40.08 48.85
CA LYS F 48 51.18 -39.04 49.61
C LYS F 48 50.30 -38.64 50.80
N LEU F 49 50.92 -38.52 51.95
CA LEU F 49 50.20 -38.08 53.14
C LEU F 49 50.61 -36.68 53.52
N LEU F 50 51.87 -36.51 53.87
CA LEU F 50 52.34 -35.20 54.31
C LEU F 50 53.79 -35.02 53.93
N CYS F 51 54.29 -33.78 53.98
CA CYS F 51 55.70 -33.57 53.75
C CYS F 51 56.21 -32.40 54.57
N ILE F 52 57.41 -32.54 55.12
CA ILE F 52 58.09 -31.43 55.79
C ILE F 52 59.41 -31.16 55.08
N ASN F 53 59.69 -29.89 54.81
CA ASN F 53 60.94 -29.50 54.18
C ASN F 53 62.08 -29.59 55.19
N ALA F 54 63.12 -28.78 54.97
CA ALA F 54 64.13 -28.58 55.99
C ALA F 54 63.51 -27.80 57.16
N ASN F 55 62.31 -27.27 56.93
CA ASN F 55 61.64 -26.44 57.92
C ASN F 55 60.10 -26.59 57.90
N GLY F 56 59.48 -26.20 56.80
CA GLY F 56 58.02 -26.08 56.73
C GLY F 56 57.27 -27.35 56.34
N VAL F 57 55.97 -27.37 56.67
CA VAL F 57 55.13 -28.55 56.46
C VAL F 57 54.08 -28.33 55.36
N SER F 58 53.88 -29.35 54.53
CA SER F 58 52.84 -29.33 53.51
C SER F 58 51.91 -30.54 53.64
N LEU F 59 50.61 -30.30 53.53
CA LEU F 59 49.60 -31.36 53.65
C LEU F 59 49.24 -31.99 52.31
N ASP F 60 50.17 -32.74 51.74
CA ASP F 60 50.02 -33.36 50.42
C ASP F 60 48.86 -34.37 50.26
N TYR F 61 47.98 -34.48 51.26
CA TYR F 61 46.90 -35.46 51.18
C TYR F 61 45.52 -34.81 51.20
N ALA F 62 44.51 -35.64 50.95
CA ALA F 62 43.12 -35.22 51.09
C ALA F 62 42.83 -34.89 52.55
N ASP F 63 41.72 -34.19 52.78
CA ASP F 63 41.40 -33.70 54.12
C ASP F 63 41.00 -34.81 55.09
N SER F 64 41.23 -36.05 54.68
CA SER F 64 40.96 -37.21 55.53
C SER F 64 41.95 -37.21 56.68
N ILE F 65 43.14 -36.69 56.43
CA ILE F 65 44.18 -36.64 57.46
C ILE F 65 44.46 -35.21 57.91
N LYS F 66 43.81 -34.25 57.26
CA LYS F 66 44.00 -32.83 57.58
C LYS F 66 43.48 -32.50 58.98
N GLY F 67 44.31 -31.87 59.79
CA GLY F 67 43.92 -31.48 61.14
C GLY F 67 44.04 -32.62 62.13
N ARG F 68 44.34 -33.81 61.63
CA ARG F 68 44.47 -34.99 62.46
C ARG F 68 45.92 -35.47 62.47
N PHE F 69 46.62 -35.22 61.37
CA PHE F 69 48.01 -35.64 61.24
C PHE F 69 48.95 -34.45 61.23
N THR F 70 50.04 -34.57 61.97
CA THR F 70 51.07 -33.53 62.01
C THR F 70 52.42 -34.15 61.70
N ILE F 71 53.26 -33.43 60.95
CA ILE F 71 54.59 -33.95 60.66
C ILE F 71 55.63 -33.15 61.44
N SER F 72 56.60 -33.85 62.02
CA SER F 72 57.58 -33.22 62.89
C SER F 72 59.01 -33.52 62.44
N ARG F 73 59.95 -32.72 62.90
CA ARG F 73 61.32 -32.80 62.41
C ARG F 73 62.36 -32.46 63.48
N ASP F 74 63.34 -33.33 63.64
CA ASP F 74 64.46 -33.09 64.56
C ASP F 74 65.79 -33.50 63.91
N ASN F 75 66.51 -32.53 63.37
CA ASN F 75 67.77 -32.79 62.69
C ASN F 75 68.84 -33.36 63.63
N ALA F 76 68.89 -32.84 64.85
CA ALA F 76 69.86 -33.29 65.84
C ALA F 76 69.64 -34.76 66.16
N LYS F 77 68.38 -35.15 66.26
CA LYS F 77 68.04 -36.55 66.50
C LYS F 77 67.82 -37.32 65.19
N ASN F 78 68.06 -36.65 64.07
CA ASN F 78 68.02 -37.29 62.76
C ASN F 78 66.69 -37.98 62.47
N THR F 79 65.60 -37.41 62.98
CA THR F 79 64.33 -38.12 62.98
C THR F 79 63.16 -37.26 62.49
N VAL F 80 62.25 -37.88 61.75
CA VAL F 80 61.00 -37.25 61.34
C VAL F 80 59.82 -37.97 61.96
N TYR F 81 58.89 -37.23 62.56
CA TYR F 81 57.77 -37.83 63.28
C TYR F 81 56.44 -37.63 62.56
N LEU F 82 55.51 -38.54 62.81
CA LEU F 82 54.14 -38.38 62.35
C LEU F 82 53.18 -38.56 63.51
N GLN F 83 52.55 -37.47 63.92
CA GLN F 83 51.58 -37.50 65.01
C GLN F 83 50.19 -37.71 64.44
N MET F 84 49.63 -38.88 64.75
CA MET F 84 48.35 -39.30 64.23
C MET F 84 47.28 -39.20 65.32
N ASN F 85 46.27 -38.37 65.09
CA ASN F 85 45.18 -38.20 66.03
C ASN F 85 43.84 -38.56 65.41
N ASP F 86 42.89 -38.96 66.24
CA ASP F 86 41.56 -39.38 65.78
C ASP F 86 41.69 -40.46 64.72
N LEU F 87 42.36 -41.56 65.08
CA LEU F 87 42.58 -42.66 64.15
C LEU F 87 41.24 -43.27 63.72
N LYS F 88 41.13 -43.55 62.43
CA LYS F 88 39.90 -44.08 61.84
C LYS F 88 40.17 -45.39 61.13
N PRO F 89 39.11 -46.18 60.87
CA PRO F 89 39.30 -47.39 60.06
C PRO F 89 39.76 -47.07 58.64
N GLU F 90 39.68 -45.80 58.25
CA GLU F 90 40.22 -45.36 56.97
C GLU F 90 41.74 -45.35 56.97
N ASP F 91 42.32 -45.16 58.16
CA ASP F 91 43.75 -44.92 58.27
C ASP F 91 44.61 -46.19 58.31
N THR F 92 43.99 -47.34 58.56
CA THR F 92 44.76 -48.57 58.69
C THR F 92 45.42 -48.98 57.38
N ALA F 93 46.75 -49.05 57.39
CA ALA F 93 47.56 -49.40 56.23
C ALA F 93 49.03 -49.49 56.61
N THR F 94 49.90 -49.63 55.61
CA THR F 94 51.34 -49.61 55.88
C THR F 94 51.85 -48.18 55.71
N TYR F 95 52.49 -47.65 56.74
CA TYR F 95 52.97 -46.27 56.69
C TYR F 95 54.49 -46.21 56.56
N SER F 96 54.96 -45.49 55.56
CA SER F 96 56.39 -45.37 55.32
C SER F 96 56.73 -43.92 54.99
N CYS F 97 58.01 -43.59 55.00
CA CYS F 97 58.43 -42.23 54.69
C CYS F 97 59.59 -42.23 53.72
N ALA F 98 59.72 -41.15 52.96
CA ALA F 98 60.79 -41.05 51.97
C ALA F 98 61.35 -39.64 51.93
N ALA F 99 62.51 -39.47 51.30
CA ALA F 99 63.18 -38.18 51.31
C ALA F 99 63.61 -37.72 49.92
N THR F 100 63.45 -36.42 49.67
CA THR F 100 64.01 -35.79 48.47
C THR F 100 64.74 -34.53 48.92
N ARG F 101 65.63 -34.01 48.10
CA ARG F 101 66.49 -32.91 48.51
C ARG F 101 65.78 -31.56 48.70
N GLU F 102 65.95 -30.99 49.90
CA GLU F 102 65.56 -29.61 50.21
C GLU F 102 64.05 -29.34 50.20
N PHE F 103 63.42 -29.56 49.06
CA PHE F 103 62.02 -29.16 48.86
C PHE F 103 61.10 -30.36 48.65
N CYS F 104 59.92 -30.29 49.27
CA CYS F 104 58.96 -31.38 49.20
C CYS F 104 58.28 -31.40 47.84
N SER F 105 58.42 -32.51 47.13
CA SER F 105 57.76 -32.66 45.85
C SER F 105 56.36 -33.23 46.02
N ALA F 106 55.68 -33.42 44.90
CA ALA F 106 54.36 -34.02 44.91
C ALA F 106 54.36 -35.16 43.91
N TYR F 107 55.55 -35.44 43.38
CA TYR F 107 55.72 -36.63 42.57
C TYR F 107 56.40 -37.69 43.40
N VAL F 108 55.73 -38.82 43.57
CA VAL F 108 56.22 -39.92 44.38
C VAL F 108 57.55 -40.42 43.84
N PHE F 109 57.67 -40.38 42.53
CA PHE F 109 58.83 -40.94 41.85
C PHE F 109 60.10 -40.10 42.03
N LEU F 110 59.93 -38.86 42.48
CA LEU F 110 61.07 -38.00 42.78
C LEU F 110 61.72 -38.33 44.14
N TYR F 111 61.06 -39.18 44.91
CA TYR F 111 61.56 -39.55 46.23
C TYR F 111 62.53 -40.72 46.23
N GLU F 112 63.36 -40.79 47.27
CA GLU F 112 64.36 -41.85 47.41
C GLU F 112 64.41 -42.38 48.85
N HIS F 113 65.21 -43.42 49.05
CA HIS F 113 65.51 -43.96 50.38
C HIS F 113 64.26 -44.42 51.13
N TRP F 114 63.33 -45.03 50.39
CA TRP F 114 62.10 -45.53 51.00
C TRP F 114 62.39 -46.55 52.09
N GLY F 115 61.49 -46.65 53.06
CA GLY F 115 61.62 -47.62 54.14
C GLY F 115 60.55 -48.67 54.02
N GLN F 116 60.75 -49.80 54.71
CA GLN F 116 59.75 -50.87 54.70
C GLN F 116 58.48 -50.43 55.40
N GLY F 117 58.62 -49.46 56.31
CA GLY F 117 57.46 -48.87 56.95
C GLY F 117 56.95 -49.72 58.09
N THR F 118 55.94 -49.20 58.78
CA THR F 118 55.31 -49.93 59.86
C THR F 118 53.80 -50.04 59.65
N GLN F 119 53.26 -51.18 60.02
CA GLN F 119 51.82 -51.39 59.95
C GLN F 119 51.07 -50.62 61.03
N VAL F 120 50.08 -49.86 60.59
CA VAL F 120 49.18 -49.19 61.51
C VAL F 120 47.82 -49.81 61.28
N THR F 121 47.27 -50.41 62.32
CA THR F 121 46.01 -51.13 62.21
C THR F 121 45.00 -50.58 63.20
N VAL F 122 43.84 -50.18 62.68
CA VAL F 122 42.77 -49.69 63.52
C VAL F 122 41.72 -50.77 63.68
N SER F 123 41.32 -51.02 64.93
CA SER F 123 40.40 -52.10 65.26
C SER F 123 39.06 -51.96 64.55
N SER F 124 38.44 -53.11 64.28
CA SER F 124 37.15 -53.14 63.61
C SER F 124 36.05 -53.61 64.55
N ALA G 46 30.69 -20.18 -10.30
CA ALA G 46 30.08 -18.93 -9.88
C ALA G 46 30.11 -17.89 -11.00
N ILE G 47 29.14 -17.96 -11.90
CA ILE G 47 29.07 -17.05 -13.04
C ILE G 47 27.68 -16.42 -13.18
N PHE G 48 27.64 -15.17 -13.62
CA PHE G 48 26.39 -14.40 -13.71
C PHE G 48 25.56 -14.74 -14.95
N SER G 49 26.18 -14.67 -16.12
CA SER G 49 25.48 -14.80 -17.40
C SER G 49 24.71 -16.11 -17.52
N ASP G 50 25.27 -17.17 -16.94
CA ASP G 50 24.64 -18.48 -16.96
C ASP G 50 23.53 -18.58 -15.93
N ARG G 51 23.56 -17.69 -14.93
CA ARG G 51 22.66 -17.80 -13.80
C ARG G 51 21.36 -17.00 -14.03
N TYR G 52 21.48 -15.84 -14.68
CA TYR G 52 20.35 -14.95 -14.92
C TYR G 52 20.19 -14.50 -16.37
N LYS G 53 18.98 -14.01 -16.67
CA LYS G 53 18.67 -13.47 -17.99
C LYS G 53 18.27 -12.01 -17.86
N GLY G 54 18.85 -11.16 -18.72
CA GLY G 54 18.58 -9.73 -18.64
C GLY G 54 17.39 -9.32 -19.49
N GLN G 55 16.69 -8.29 -19.05
CA GLN G 55 15.54 -7.79 -19.77
C GLN G 55 15.68 -6.29 -20.03
N ARG G 56 15.10 -5.47 -19.16
CA ARG G 56 15.09 -4.03 -19.38
C ARG G 56 15.59 -3.21 -18.19
N VAL G 57 16.12 -2.03 -18.48
CA VAL G 57 16.65 -1.12 -17.48
C VAL G 57 15.55 -0.57 -16.58
N LEU G 58 15.84 -0.43 -15.29
CA LEU G 58 14.83 0.00 -14.33
C LEU G 58 15.05 1.41 -13.81
N GLY G 59 16.17 1.62 -13.10
CA GLY G 59 16.45 2.92 -12.52
C GLY G 59 17.92 3.30 -12.52
N LYS G 60 18.20 4.54 -12.12
CA LYS G 60 19.56 5.05 -12.05
C LYS G 60 20.02 5.13 -10.60
N GLY G 61 21.15 4.49 -10.31
CA GLY G 61 21.69 4.49 -8.95
C GLY G 61 23.08 5.11 -8.88
N SER G 62 23.42 5.64 -7.72
CA SER G 62 24.70 6.30 -7.51
C SER G 62 25.88 5.35 -7.71
N PHE G 63 25.76 4.15 -7.16
CA PHE G 63 26.82 3.15 -7.24
C PHE G 63 26.77 2.36 -8.53
N GLY G 64 25.55 2.08 -8.99
CA GLY G 64 25.37 1.26 -10.17
C GLY G 64 24.07 1.49 -10.91
N GLU G 65 23.92 0.71 -11.98
CA GLU G 65 22.80 0.82 -12.88
C GLU G 65 21.81 -0.30 -12.60
N VAL G 66 20.52 0.01 -12.47
CA VAL G 66 19.54 -1.02 -12.13
C VAL G 66 18.99 -1.72 -13.38
N ILE G 67 18.87 -3.05 -13.30
CA ILE G 67 18.32 -3.83 -14.39
C ILE G 67 17.30 -4.84 -13.88
N LEU G 68 16.18 -4.94 -14.58
CA LEU G 68 15.19 -5.98 -14.27
C LEU G 68 15.69 -7.31 -14.84
N CYS G 69 15.59 -8.37 -14.05
CA CYS G 69 16.16 -9.65 -14.46
C CYS G 69 15.19 -10.81 -14.23
N LYS G 70 15.37 -11.87 -15.01
CA LYS G 70 14.61 -13.09 -14.84
C LYS G 70 15.57 -14.22 -14.44
N ASP G 71 15.09 -15.11 -13.57
CA ASP G 71 15.94 -16.21 -13.11
C ASP G 71 15.67 -17.47 -13.94
N LYS G 72 16.69 -18.30 -14.09
CA LYS G 72 16.59 -19.49 -14.95
C LYS G 72 15.75 -20.61 -14.34
N ILE G 73 16.27 -21.26 -13.31
CA ILE G 73 15.66 -22.46 -12.78
C ILE G 73 14.50 -22.16 -11.83
N THR G 74 14.66 -21.13 -10.99
CA THR G 74 13.62 -20.77 -10.03
C THR G 74 12.48 -20.03 -10.72
N GLY G 75 12.78 -19.41 -11.86
CA GLY G 75 11.77 -18.74 -12.66
C GLY G 75 11.11 -17.56 -11.99
N GLN G 76 11.92 -16.68 -11.42
CA GLN G 76 11.41 -15.49 -10.75
C GLN G 76 12.05 -14.22 -11.31
N GLU G 77 11.32 -13.11 -11.24
CA GLU G 77 11.89 -11.82 -11.63
C GLU G 77 12.47 -11.12 -10.41
N CYS G 78 13.66 -10.57 -10.56
CA CYS G 78 14.33 -9.85 -9.49
C CYS G 78 14.93 -8.55 -10.01
N ALA G 79 15.42 -7.72 -9.10
CA ALA G 79 16.06 -6.47 -9.51
C ALA G 79 17.54 -6.53 -9.18
N VAL G 80 18.39 -6.28 -10.17
CA VAL G 80 19.83 -6.34 -9.98
C VAL G 80 20.51 -4.97 -10.11
N LYS G 81 21.30 -4.61 -9.11
CA LYS G 81 22.13 -3.42 -9.21
C LYS G 81 23.49 -3.83 -9.79
N VAL G 82 23.81 -3.29 -10.95
CA VAL G 82 25.05 -3.63 -11.63
C VAL G 82 26.08 -2.50 -11.44
N ILE G 83 27.20 -2.85 -10.83
CA ILE G 83 28.21 -1.88 -10.46
C ILE G 83 29.47 -2.07 -11.30
N SER G 84 30.03 -0.97 -11.76
CA SER G 84 31.20 -1.04 -12.63
C SER G 84 32.49 -0.82 -11.85
N LYS G 85 33.40 -1.78 -11.97
CA LYS G 85 34.69 -1.72 -11.29
C LYS G 85 35.47 -0.48 -11.74
N ARG G 86 35.26 -0.09 -13.00
CA ARG G 86 35.90 1.11 -13.55
C ARG G 86 35.28 2.37 -12.96
N GLN G 87 33.97 2.37 -12.80
CA GLN G 87 33.23 3.53 -12.30
C GLN G 87 33.35 3.76 -10.81
N VAL G 88 33.39 2.69 -10.02
CA VAL G 88 33.41 2.86 -8.57
C VAL G 88 34.71 2.36 -7.96
N LYS G 89 35.15 3.06 -6.92
CA LYS G 89 36.33 2.67 -6.18
C LYS G 89 35.90 1.75 -5.05
N GLN G 90 36.71 0.74 -4.75
CA GLN G 90 36.42 -0.12 -3.61
C GLN G 90 37.19 0.37 -2.41
N LYS G 91 36.46 0.83 -1.40
CA LYS G 91 37.07 1.41 -0.22
C LYS G 91 37.66 0.31 0.65
N THR G 92 36.90 -0.75 0.84
CA THR G 92 37.33 -1.87 1.67
C THR G 92 37.93 -2.98 0.82
N ASP G 93 38.60 -3.92 1.49
CA ASP G 93 39.11 -5.11 0.82
C ASP G 93 37.96 -6.00 0.38
N LYS G 94 38.24 -6.93 -0.53
CA LYS G 94 37.21 -7.76 -1.17
C LYS G 94 36.41 -8.61 -0.16
N GLU G 95 37.12 -9.32 0.70
CA GLU G 95 36.49 -10.25 1.64
C GLU G 95 35.53 -9.54 2.58
N SER G 96 35.86 -8.32 2.97
CA SER G 96 34.97 -7.53 3.82
C SER G 96 33.65 -7.24 3.09
N LEU G 97 33.76 -6.89 1.81
CA LEU G 97 32.58 -6.62 0.99
C LEU G 97 31.70 -7.86 0.89
N LEU G 98 32.31 -9.00 0.57
CA LEU G 98 31.55 -10.25 0.46
C LEU G 98 30.90 -10.66 1.79
N ARG G 99 31.61 -10.47 2.89
CA ARG G 99 31.08 -10.78 4.22
C ARG G 99 29.89 -9.90 4.57
N GLU G 100 30.04 -8.60 4.36
CA GLU G 100 28.98 -7.65 4.64
C GLU G 100 27.74 -7.96 3.80
N VAL G 101 27.96 -8.26 2.53
CA VAL G 101 26.85 -8.61 1.64
C VAL G 101 26.17 -9.89 2.12
N GLN G 102 26.96 -10.87 2.55
CA GLN G 102 26.41 -12.14 3.04
C GLN G 102 25.53 -11.90 4.26
N LEU G 103 26.04 -11.09 5.19
CA LEU G 103 25.29 -10.68 6.38
C LEU G 103 23.99 -10.00 5.98
N LEU G 104 24.06 -9.17 4.94
CA LEU G 104 22.88 -8.49 4.42
C LEU G 104 21.86 -9.51 3.93
N LYS G 105 22.35 -10.55 3.25
CA LYS G 105 21.48 -11.60 2.76
C LYS G 105 20.85 -12.39 3.91
N GLN G 106 21.51 -12.40 5.06
CA GLN G 106 20.99 -13.11 6.22
C GLN G 106 19.88 -12.38 6.96
N LEU G 107 19.78 -11.06 6.77
CA LEU G 107 18.88 -10.24 7.57
C LEU G 107 17.48 -10.12 6.97
N ASP G 108 16.50 -9.83 7.82
CA ASP G 108 15.10 -9.70 7.37
C ASP G 108 14.30 -8.71 8.21
N HIS G 109 13.71 -7.74 7.53
CA HIS G 109 12.82 -6.75 8.15
C HIS G 109 11.84 -6.21 7.11
N PRO G 110 10.58 -5.97 7.51
CA PRO G 110 9.55 -5.49 6.57
C PRO G 110 9.90 -4.17 5.88
N ASN G 111 10.84 -3.41 6.44
CA ASN G 111 11.17 -2.10 5.90
C ASN G 111 12.56 -2.01 5.26
N ILE G 112 13.14 -3.16 4.91
CA ILE G 112 14.42 -3.16 4.22
C ILE G 112 14.36 -3.97 2.93
N MET G 113 15.23 -3.63 1.98
CA MET G 113 15.29 -4.33 0.71
C MET G 113 15.82 -5.74 0.90
N LYS G 114 14.98 -6.73 0.63
CA LYS G 114 15.40 -8.12 0.75
C LYS G 114 16.46 -8.40 -0.31
N LEU G 115 17.58 -8.96 0.11
CA LEU G 115 18.70 -9.21 -0.78
C LEU G 115 18.83 -10.69 -1.08
N TYR G 116 18.64 -11.06 -2.35
CA TYR G 116 18.68 -12.47 -2.74
C TYR G 116 20.10 -12.98 -2.93
N GLU G 117 20.80 -12.45 -3.93
CA GLU G 117 22.12 -13.00 -4.29
C GLU G 117 23.17 -11.92 -4.56
N PHE G 118 24.42 -12.35 -4.71
CA PHE G 118 25.52 -11.46 -5.07
C PHE G 118 26.48 -12.19 -6.01
N PHE G 119 26.82 -11.54 -7.11
CA PHE G 119 27.69 -12.16 -8.12
C PHE G 119 28.87 -11.27 -8.47
N GLU G 120 30.06 -11.86 -8.58
CA GLU G 120 31.23 -11.08 -8.95
C GLU G 120 31.78 -11.46 -10.32
N ASP G 121 31.78 -10.51 -11.24
CA ASP G 121 32.36 -10.72 -12.56
C ASP G 121 33.67 -9.93 -12.60
N LYS G 122 34.58 -10.33 -13.49
CA LYS G 122 35.87 -9.67 -13.62
C LYS G 122 35.72 -8.17 -13.85
N GLY G 123 34.65 -7.79 -14.56
CA GLY G 123 34.37 -6.40 -14.84
C GLY G 123 33.36 -5.75 -13.91
N TYR G 124 32.37 -6.51 -13.47
CA TYR G 124 31.23 -5.90 -12.78
C TYR G 124 30.83 -6.63 -11.48
N PHE G 125 30.04 -5.93 -10.67
CA PHE G 125 29.41 -6.51 -9.47
C PHE G 125 27.90 -6.58 -9.68
N TYR G 126 27.29 -7.68 -9.27
CA TYR G 126 25.84 -7.84 -9.41
C TYR G 126 25.15 -8.05 -8.06
N LEU G 127 24.24 -7.15 -7.72
CA LEU G 127 23.52 -7.22 -6.46
C LEU G 127 22.05 -7.56 -6.70
N VAL G 128 21.67 -8.80 -6.40
CA VAL G 128 20.34 -9.29 -6.72
C VAL G 128 19.39 -9.22 -5.53
N GLY G 129 18.26 -8.55 -5.72
CA GLY G 129 17.27 -8.39 -4.67
C GLY G 129 15.84 -8.41 -5.17
N GLU G 130 14.90 -8.14 -4.27
CA GLU G 130 13.47 -8.17 -4.58
C GLU G 130 13.05 -6.97 -5.44
N VAL G 131 11.96 -7.12 -6.17
CA VAL G 131 11.46 -6.06 -7.05
C VAL G 131 10.52 -5.11 -6.30
N TYR G 132 10.44 -3.87 -6.78
CA TYR G 132 9.55 -2.86 -6.21
C TYR G 132 8.86 -2.05 -7.31
N THR G 133 7.53 -1.99 -7.25
CA THR G 133 6.74 -1.35 -8.28
C THR G 133 6.13 -0.02 -7.85
N GLY G 134 6.07 0.22 -6.55
CA GLY G 134 5.41 1.40 -6.02
C GLY G 134 6.13 2.71 -6.35
N GLY G 135 7.41 2.62 -6.70
CA GLY G 135 8.18 3.79 -7.05
C GLY G 135 8.68 4.55 -5.84
N GLU G 136 9.39 5.65 -6.08
CA GLU G 136 9.97 6.43 -5.00
C GLU G 136 8.88 7.07 -4.14
N LEU G 137 9.17 7.25 -2.86
CA LEU G 137 8.17 7.68 -1.90
C LEU G 137 7.61 9.07 -2.16
N PHE G 138 8.50 10.04 -2.38
CA PHE G 138 8.09 11.43 -2.55
C PHE G 138 7.15 11.62 -3.73
N ASP G 139 7.37 10.86 -4.80
CA ASP G 139 6.49 10.90 -5.97
C ASP G 139 5.07 10.44 -5.63
N GLU G 140 4.96 9.34 -4.89
CA GLU G 140 3.67 8.83 -4.49
C GLU G 140 3.00 9.81 -3.54
N ILE G 141 3.81 10.47 -2.71
CA ILE G 141 3.30 11.47 -1.78
C ILE G 141 2.70 12.65 -2.52
N ILE G 142 3.44 13.19 -3.50
CA ILE G 142 2.96 14.35 -4.25
C ILE G 142 1.81 13.97 -5.17
N SER G 143 1.70 12.68 -5.48
CA SER G 143 0.58 12.19 -6.29
C SER G 143 -0.76 12.34 -5.56
N ARG G 144 -0.74 12.17 -4.24
CA ARG G 144 -1.95 12.23 -3.43
C ARG G 144 -2.38 13.66 -3.13
N LYS G 145 -3.66 13.83 -2.78
CA LYS G 145 -4.22 15.15 -2.51
C LYS G 145 -3.99 15.63 -1.08
N ARG G 146 -4.09 14.72 -0.12
CA ARG G 146 -3.97 15.10 1.28
C ARG G 146 -2.72 14.52 1.94
N PHE G 147 -1.98 15.37 2.63
CA PHE G 147 -0.80 14.95 3.36
C PHE G 147 -0.75 15.60 4.74
N SER G 148 -0.93 14.79 5.77
CA SER G 148 -0.97 15.28 7.14
C SER G 148 0.23 14.77 7.93
N GLU G 149 0.39 15.27 9.16
CA GLU G 149 1.47 14.81 10.03
C GLU G 149 1.34 13.34 10.38
N VAL G 150 0.13 12.81 10.29
CA VAL G 150 -0.10 11.38 10.52
C VAL G 150 0.63 10.54 9.48
N ASP G 151 0.47 10.91 8.21
CA ASP G 151 1.11 10.21 7.10
C ASP G 151 2.63 10.22 7.26
N ALA G 152 3.17 11.42 7.53
CA ALA G 152 4.60 11.60 7.74
C ALA G 152 5.08 10.79 8.93
N ALA G 153 4.27 10.74 9.98
CA ALA G 153 4.60 9.98 11.19
C ALA G 153 4.67 8.49 10.90
N ARG G 154 3.73 7.98 10.10
CA ARG G 154 3.75 6.58 9.71
C ARG G 154 4.99 6.27 8.89
N ILE G 155 5.25 7.12 7.91
CA ILE G 155 6.41 7.00 7.04
C ILE G 155 7.70 6.93 7.84
N ILE G 156 7.92 7.95 8.66
CA ILE G 156 9.11 8.03 9.50
C ILE G 156 9.18 6.88 10.49
N ARG G 157 8.02 6.42 10.97
CA ARG G 157 8.01 5.28 11.89
C ARG G 157 8.52 4.02 11.22
N GLN G 158 8.04 3.75 10.00
CA GLN G 158 8.52 2.60 9.23
C GLN G 158 10.02 2.72 8.96
N VAL G 159 10.44 3.89 8.48
CA VAL G 159 11.85 4.14 8.20
C VAL G 159 12.70 3.86 9.44
N LEU G 160 12.31 4.44 10.57
CA LEU G 160 13.03 4.28 11.82
C LEU G 160 13.00 2.84 12.31
N SER G 161 11.96 2.09 11.96
CA SER G 161 11.92 0.67 12.28
C SER G 161 13.04 -0.03 11.53
N GLY G 162 13.10 0.22 10.22
CA GLY G 162 14.16 -0.34 9.41
C GLY G 162 15.56 0.02 9.90
N ILE G 163 15.76 1.31 10.17
CA ILE G 163 17.03 1.83 10.66
C ILE G 163 17.43 1.20 11.98
N THR G 164 16.47 1.13 12.91
CA THR G 164 16.70 0.55 14.23
C THR G 164 17.08 -0.92 14.12
N TYR G 165 16.36 -1.64 13.25
CA TYR G 165 16.67 -3.04 13.00
C TYR G 165 18.07 -3.23 12.46
N MET G 166 18.42 -2.45 11.43
CA MET G 166 19.71 -2.57 10.78
C MET G 166 20.86 -2.19 11.71
N HIS G 167 20.64 -1.18 12.54
CA HIS G 167 21.63 -0.75 13.51
C HIS G 167 21.80 -1.77 14.62
N LYS G 168 20.71 -2.42 14.98
CA LYS G 168 20.72 -3.49 15.97
C LYS G 168 21.60 -4.64 15.50
N ASN G 169 21.63 -4.84 14.19
CA ASN G 169 22.48 -5.85 13.59
C ASN G 169 23.77 -5.22 13.05
N LYS G 170 24.09 -4.06 13.60
CA LYS G 170 25.37 -3.37 13.35
C LYS G 170 25.62 -3.02 11.89
N ILE G 171 24.60 -2.48 11.21
CA ILE G 171 24.77 -2.09 9.81
C ILE G 171 24.44 -0.61 9.61
N VAL G 172 25.29 0.09 8.86
CA VAL G 172 25.14 1.53 8.63
C VAL G 172 24.94 1.85 7.16
N HIS G 173 23.96 2.70 6.87
CA HIS G 173 23.67 3.11 5.49
C HIS G 173 24.61 4.22 5.01
N ARG G 174 24.87 5.19 5.89
CA ARG G 174 25.64 6.39 5.57
C ARG G 174 24.93 7.26 4.52
N ASP G 175 24.68 6.69 3.35
CA ASP G 175 24.04 7.43 2.27
C ASP G 175 22.53 7.21 2.26
N LEU G 176 21.81 8.03 3.01
CA LEU G 176 20.36 7.86 3.14
C LEU G 176 19.61 8.96 2.42
N LYS G 177 18.72 8.58 1.52
CA LYS G 177 18.04 9.52 0.63
C LYS G 177 16.57 9.16 0.42
N PRO G 178 15.75 10.14 -0.01
CA PRO G 178 14.36 9.88 -0.37
C PRO G 178 14.27 8.88 -1.53
N GLU G 179 15.28 8.92 -2.39
CA GLU G 179 15.37 7.98 -3.51
C GLU G 179 15.44 6.53 -3.03
N ASN G 180 16.14 6.33 -1.91
CA ASN G 180 16.32 5.00 -1.33
C ASN G 180 15.07 4.47 -0.65
N LEU G 181 14.10 5.36 -0.42
CA LEU G 181 12.82 4.93 0.13
C LEU G 181 11.87 4.53 -0.99
N LEU G 182 11.57 3.24 -1.07
CA LEU G 182 10.67 2.75 -2.11
C LEU G 182 9.39 2.21 -1.49
N LEU G 183 8.36 2.01 -2.30
CA LEU G 183 7.16 1.35 -1.84
C LEU G 183 7.02 0.00 -2.55
N GLU G 184 6.80 -1.04 -1.76
CA GLU G 184 6.78 -2.41 -2.29
C GLU G 184 5.67 -2.63 -3.32
N SER G 185 4.53 -1.98 -3.11
CA SER G 185 3.40 -2.13 -4.02
C SER G 185 2.66 -0.82 -4.25
N LYS G 186 1.86 -0.78 -5.31
CA LYS G 186 1.03 0.38 -5.61
C LYS G 186 -0.17 0.44 -4.67
N SER G 187 -0.39 -0.64 -3.93
CA SER G 187 -1.48 -0.74 -2.98
C SER G 187 -1.44 0.41 -1.97
N LYS G 188 -2.61 0.92 -1.61
CA LYS G 188 -2.70 2.04 -0.68
C LYS G 188 -2.11 1.67 0.67
N ASP G 189 -1.41 2.62 1.29
CA ASP G 189 -0.82 2.43 2.62
C ASP G 189 0.18 1.28 2.65
N ALA G 190 0.76 0.96 1.50
CA ALA G 190 1.80 -0.06 1.45
C ALA G 190 3.03 0.46 2.17
N ASN G 191 3.84 -0.47 2.69
CA ASN G 191 4.97 -0.08 3.52
C ASN G 191 6.21 0.32 2.73
N ILE G 192 7.10 1.03 3.40
CA ILE G 192 8.32 1.53 2.79
C ILE G 192 9.44 0.51 2.93
N ARG G 193 10.29 0.39 1.93
CA ARG G 193 11.48 -0.40 2.04
C ARG G 193 12.70 0.45 1.65
N ILE G 194 13.70 0.44 2.52
CA ILE G 194 14.93 1.19 2.32
C ILE G 194 15.90 0.39 1.46
N ILE G 195 16.64 1.09 0.60
CA ILE G 195 17.49 0.42 -0.38
C ILE G 195 18.98 0.80 -0.20
N ASP G 196 19.87 -0.06 -0.71
CA ASP G 196 21.31 0.20 -0.70
C ASP G 196 21.93 0.28 0.69
N PHE G 197 21.36 -0.45 1.64
CA PHE G 197 21.86 -0.45 3.01
C PHE G 197 23.24 -1.10 3.13
N GLY G 198 24.20 -0.36 3.66
CA GLY G 198 25.52 -0.90 3.92
C GLY G 198 26.43 -0.96 2.70
N LEU G 199 26.01 -0.31 1.62
CA LEU G 199 26.81 -0.29 0.39
C LEU G 199 27.82 0.84 0.37
N SER G 200 27.51 1.93 1.07
CA SER G 200 28.34 3.13 1.07
C SER G 200 29.72 2.92 1.69
N THR G 201 29.80 2.02 2.66
CA THR G 201 31.06 1.77 3.35
C THR G 201 32.11 1.14 2.45
N HIS G 202 31.66 0.39 1.44
CA HIS G 202 32.57 -0.34 0.58
C HIS G 202 32.85 0.36 -0.75
N PHE G 203 31.88 1.15 -1.22
CA PHE G 203 31.98 1.81 -2.52
C PHE G 203 31.92 3.33 -2.41
N GLU G 204 32.63 4.00 -3.32
CA GLU G 204 32.58 5.46 -3.43
C GLU G 204 32.17 5.87 -4.83
N ALA G 205 31.07 6.62 -4.93
CA ALA G 205 30.48 6.97 -6.22
C ALA G 205 31.34 7.94 -7.02
N SER G 206 31.03 8.06 -8.32
CA SER G 206 31.78 8.93 -9.22
C SER G 206 30.90 9.77 -10.14
N LYS G 207 30.48 10.95 -9.67
CA LYS G 207 29.66 11.84 -10.48
C LYS G 207 30.10 13.29 -10.30
N LYS G 212 27.39 14.08 -5.87
CA LYS G 212 27.77 15.48 -5.71
C LYS G 212 26.66 16.27 -5.05
N ILE G 213 25.53 16.42 -5.74
CA ILE G 213 24.39 17.12 -5.20
C ILE G 213 23.33 16.08 -4.79
N GLY G 214 22.31 16.52 -4.06
CA GLY G 214 21.21 15.69 -3.61
C GLY G 214 21.66 14.53 -2.72
N THR G 215 22.93 14.54 -2.33
CA THR G 215 23.45 13.64 -1.32
C THR G 215 24.00 14.51 -0.21
N ALA G 216 24.20 15.78 -0.54
CA ALA G 216 24.76 16.76 0.39
C ALA G 216 23.71 17.24 1.39
N TYR G 217 22.44 17.18 0.98
CA TYR G 217 21.34 17.58 1.85
C TYR G 217 21.29 16.72 3.10
N TYR G 218 21.55 15.44 2.92
CA TYR G 218 21.26 14.43 3.94
C TYR G 218 22.50 13.92 4.63
N ILE G 219 23.67 14.34 4.15
CA ILE G 219 24.92 13.84 4.72
C ILE G 219 25.17 14.46 6.10
N ALA G 220 25.77 13.67 6.99
CA ALA G 220 26.02 14.11 8.35
C ALA G 220 27.38 14.77 8.46
N PRO G 221 27.51 15.75 9.38
CA PRO G 221 28.77 16.48 9.60
C PRO G 221 29.95 15.57 9.89
N GLU G 222 29.75 14.54 10.71
CA GLU G 222 30.85 13.65 11.07
C GLU G 222 31.38 12.89 9.86
N VAL G 223 30.48 12.52 8.95
CA VAL G 223 30.89 11.89 7.70
C VAL G 223 31.73 12.85 6.88
N LEU G 224 31.35 14.12 6.88
CA LEU G 224 32.08 15.16 6.17
C LEU G 224 33.46 15.36 6.79
N HIS G 225 33.56 15.15 8.10
CA HIS G 225 34.81 15.35 8.82
C HIS G 225 35.66 14.09 8.90
N GLY G 226 35.08 12.95 8.54
CA GLY G 226 35.82 11.71 8.55
C GLY G 226 35.04 10.55 9.13
N THR G 227 35.58 9.98 10.22
CA THR G 227 34.97 8.84 10.89
C THR G 227 33.54 9.11 11.36
N TYR G 228 32.74 8.05 11.38
CA TYR G 228 31.33 8.17 11.73
C TYR G 228 30.78 6.84 12.23
N ASP G 229 29.59 6.89 12.83
CA ASP G 229 28.88 5.68 13.24
C ASP G 229 27.45 5.68 12.71
N GLU G 230 26.62 4.81 13.28
CA GLU G 230 25.25 4.62 12.82
C GLU G 230 24.40 5.88 13.03
N LYS G 231 24.80 6.71 13.99
CA LYS G 231 24.03 7.90 14.35
C LYS G 231 23.88 8.85 13.15
N CYS G 232 24.81 8.77 12.21
CA CYS G 232 24.75 9.57 11.00
C CYS G 232 23.44 9.35 10.28
N ASP G 233 23.03 8.09 10.19
CA ASP G 233 21.77 7.74 9.56
C ASP G 233 20.63 8.54 10.18
N VAL G 234 20.61 8.60 11.52
CA VAL G 234 19.58 9.35 12.22
C VAL G 234 19.56 10.79 11.70
N TRP G 235 20.74 11.39 11.63
CA TRP G 235 20.87 12.75 11.10
C TRP G 235 20.21 12.84 9.74
N SER G 236 20.55 11.90 8.86
CA SER G 236 20.00 11.88 7.51
C SER G 236 18.48 11.85 7.60
N THR G 237 17.98 10.91 8.42
CA THR G 237 16.54 10.74 8.60
C THR G 237 15.93 12.07 9.03
N GLY G 238 16.61 12.73 9.97
CA GLY G 238 16.15 14.01 10.47
C GLY G 238 15.91 14.96 9.31
N VAL G 239 16.91 15.10 8.45
CA VAL G 239 16.81 15.97 7.30
C VAL G 239 15.57 15.60 6.49
N ILE G 240 15.42 14.31 6.21
CA ILE G 240 14.27 13.84 5.45
C ILE G 240 12.99 14.26 6.16
N LEU G 241 12.93 14.00 7.46
CA LEU G 241 11.76 14.35 8.25
C LEU G 241 11.49 15.84 8.11
N TYR G 242 12.57 16.62 8.20
CA TYR G 242 12.47 18.07 8.07
C TYR G 242 11.76 18.39 6.77
N ILE G 243 12.30 17.83 5.68
CA ILE G 243 11.75 18.06 4.36
C ILE G 243 10.29 17.62 4.34
N LEU G 244 10.03 16.47 4.93
CA LEU G 244 8.69 15.89 4.93
C LEU G 244 7.65 16.84 5.52
N LEU G 245 8.09 17.74 6.39
CA LEU G 245 7.16 18.64 7.05
C LEU G 245 7.17 20.04 6.45
N SER G 246 8.19 20.34 5.65
CA SER G 246 8.31 21.70 5.11
C SER G 246 8.49 21.71 3.59
N GLY G 247 8.96 20.61 3.04
CA GLY G 247 9.20 20.52 1.61
C GLY G 247 10.45 21.24 1.18
N CYS G 248 11.24 21.67 2.16
CA CYS G 248 12.50 22.36 1.90
C CYS G 248 13.63 21.79 2.75
N PRO G 249 14.84 21.74 2.18
CA PRO G 249 16.02 21.27 2.91
C PRO G 249 16.42 22.23 4.03
N PRO G 250 16.76 21.69 5.21
CA PRO G 250 17.19 22.51 6.35
C PRO G 250 18.51 23.20 6.04
N PHE G 251 19.39 22.47 5.35
CA PHE G 251 20.64 23.03 4.86
C PHE G 251 20.58 23.09 3.33
N ASN G 252 20.36 24.29 2.80
CA ASN G 252 20.09 24.43 1.37
C ASN G 252 21.10 25.35 0.69
N GLY G 253 21.33 25.13 -0.60
CA GLY G 253 22.27 25.93 -1.35
C GLY G 253 22.10 25.79 -2.85
N ALA G 254 22.72 26.70 -3.60
CA ALA G 254 22.70 26.66 -5.05
C ALA G 254 23.51 25.48 -5.58
N ASN G 255 24.66 25.23 -4.94
CA ASN G 255 25.55 24.15 -5.35
C ASN G 255 26.02 23.32 -4.17
N GLU G 256 26.81 22.28 -4.46
CA GLU G 256 27.35 21.39 -3.45
C GLU G 256 28.11 22.14 -2.36
N TYR G 257 28.86 23.16 -2.78
CA TYR G 257 29.70 23.94 -1.87
C TYR G 257 28.88 24.65 -0.79
N ASP G 258 27.81 25.32 -1.22
CA ASP G 258 26.96 26.04 -0.30
C ASP G 258 26.25 25.11 0.68
N ILE G 259 25.66 24.06 0.13
CA ILE G 259 24.96 23.05 0.92
C ILE G 259 25.88 22.42 1.97
N LEU G 260 27.08 22.03 1.55
CA LEU G 260 28.04 21.41 2.46
C LEU G 260 28.55 22.39 3.51
N LYS G 261 28.70 23.65 3.13
CA LYS G 261 29.08 24.68 4.09
C LYS G 261 28.02 24.81 5.17
N LYS G 262 26.76 24.85 4.74
CA LYS G 262 25.64 25.00 5.66
C LYS G 262 25.51 23.77 6.57
N VAL G 263 25.68 22.58 5.98
CA VAL G 263 25.58 21.33 6.71
C VAL G 263 26.68 21.23 7.75
N GLU G 264 27.89 21.65 7.37
CA GLU G 264 29.02 21.65 8.28
C GLU G 264 28.81 22.65 9.41
N LYS G 265 28.22 23.79 9.08
CA LYS G 265 27.89 24.78 10.10
C LYS G 265 26.86 24.24 11.08
N GLY G 266 26.00 23.35 10.59
CA GLY G 266 25.05 22.67 11.46
C GLY G 266 23.83 23.50 11.82
N LYS G 267 23.85 24.77 11.47
CA LYS G 267 22.77 25.68 11.83
C LYS G 267 21.57 25.55 10.90
N TYR G 268 20.38 25.63 11.49
CA TYR G 268 19.13 25.54 10.75
C TYR G 268 18.01 26.21 11.55
N THR G 269 16.88 26.49 10.90
CA THR G 269 15.77 27.15 11.58
C THR G 269 14.43 26.51 11.24
N PHE G 270 13.37 27.05 11.85
CA PHE G 270 12.00 26.67 11.54
C PHE G 270 11.21 27.90 11.15
N GLU G 271 11.92 28.87 10.56
CA GLU G 271 11.34 30.18 10.24
C GLU G 271 10.34 30.16 9.09
N LEU G 272 10.45 29.16 8.22
CA LEU G 272 9.56 29.05 7.07
C LEU G 272 8.10 28.97 7.51
N PRO G 273 7.22 29.75 6.86
CA PRO G 273 5.79 29.89 7.20
C PRO G 273 5.04 28.58 7.38
N GLN G 274 5.31 27.59 6.54
CA GLN G 274 4.59 26.32 6.63
C GLN G 274 4.83 25.63 7.97
N TRP G 275 5.95 25.94 8.60
CA TRP G 275 6.29 25.39 9.91
C TRP G 275 5.29 25.80 10.98
N LYS G 276 4.52 26.85 10.71
CA LYS G 276 3.48 27.28 11.64
C LYS G 276 2.40 26.22 11.81
N LYS G 277 2.26 25.35 10.82
CA LYS G 277 1.27 24.28 10.90
C LYS G 277 1.83 23.01 11.53
N VAL G 278 3.12 23.03 11.86
CA VAL G 278 3.77 21.84 12.39
C VAL G 278 3.83 21.88 13.91
N SER G 279 3.52 20.75 14.53
CA SER G 279 3.51 20.63 15.98
C SER G 279 4.89 20.79 16.59
N GLU G 280 4.93 21.16 17.86
CA GLU G 280 6.19 21.41 18.55
C GLU G 280 6.97 20.11 18.77
N SER G 281 6.24 19.01 18.95
CA SER G 281 6.86 17.71 19.17
C SER G 281 7.72 17.30 17.98
N ALA G 282 7.22 17.58 16.78
CA ALA G 282 7.94 17.26 15.55
C ALA G 282 9.23 18.06 15.45
N LYS G 283 9.16 19.36 15.73
CA LYS G 283 10.32 20.22 15.71
C LYS G 283 11.35 19.78 16.76
N ASP G 284 10.85 19.34 17.91
CA ASP G 284 11.71 18.84 18.98
C ASP G 284 12.46 17.58 18.56
N LEU G 285 11.72 16.63 17.98
CA LEU G 285 12.33 15.39 17.50
C LEU G 285 13.35 15.70 16.41
N ILE G 286 13.03 16.66 15.55
CA ILE G 286 13.97 17.11 14.53
C ILE G 286 15.24 17.67 15.17
N ARG G 287 15.06 18.47 16.21
CA ARG G 287 16.20 19.05 16.93
C ARG G 287 17.09 17.95 17.50
N LYS G 288 16.47 16.94 18.09
CA LYS G 288 17.21 15.83 18.66
C LYS G 288 17.92 15.02 17.58
N MET G 289 17.26 14.87 16.43
CA MET G 289 17.84 14.17 15.28
C MET G 289 18.95 15.00 14.64
N LEU G 290 18.75 16.30 14.55
CA LEU G 290 19.73 17.19 13.93
C LEU G 290 20.64 17.78 15.00
N THR G 291 21.23 16.92 15.82
CA THR G 291 22.21 17.34 16.80
C THR G 291 23.61 17.13 16.25
N TYR G 292 24.45 18.14 16.37
CA TYR G 292 25.78 18.12 15.77
C TYR G 292 26.66 17.01 16.35
N VAL G 293 26.67 16.91 17.67
CA VAL G 293 27.48 15.91 18.35
C VAL G 293 26.79 14.55 18.34
N PRO G 294 27.44 13.56 17.72
CA PRO G 294 26.89 12.21 17.52
C PRO G 294 26.43 11.55 18.82
N SER G 295 27.27 11.60 19.86
CA SER G 295 26.92 11.00 21.14
C SER G 295 25.67 11.64 21.75
N MET G 296 25.54 12.96 21.61
CA MET G 296 24.37 13.66 22.11
C MET G 296 23.14 13.45 21.22
N ARG G 297 23.37 13.02 19.99
CA ARG G 297 22.27 12.85 19.05
C ARG G 297 21.41 11.66 19.45
N ILE G 298 20.11 11.77 19.25
CA ILE G 298 19.18 10.72 19.60
C ILE G 298 19.41 9.49 18.71
N SER G 299 19.30 8.31 19.31
CA SER G 299 19.45 7.06 18.57
C SER G 299 18.17 6.73 17.81
N ALA G 300 18.25 5.75 16.92
CA ALA G 300 17.10 5.31 16.14
C ALA G 300 16.02 4.73 17.05
N ARG G 301 16.46 3.95 18.04
CA ARG G 301 15.54 3.30 18.97
C ARG G 301 14.79 4.28 19.85
N ASP G 302 15.52 5.26 20.40
CA ASP G 302 14.91 6.30 21.21
C ASP G 302 13.97 7.19 20.38
N ALA G 303 14.40 7.52 19.17
CA ALA G 303 13.59 8.34 18.27
C ALA G 303 12.32 7.61 17.87
N LEU G 304 12.41 6.29 17.77
CA LEU G 304 11.26 5.46 17.45
C LEU G 304 10.23 5.54 18.58
N ASP G 305 10.70 5.82 19.79
CA ASP G 305 9.84 5.92 20.96
C ASP G 305 9.54 7.37 21.36
N HIS G 306 9.91 8.32 20.49
CA HIS G 306 9.72 9.74 20.75
C HIS G 306 8.23 10.09 20.90
N GLU G 307 7.95 11.21 21.54
CA GLU G 307 6.57 11.65 21.78
C GLU G 307 5.77 11.91 20.50
N TRP G 308 6.41 12.58 19.54
CA TRP G 308 5.74 12.96 18.29
C TRP G 308 5.28 11.75 17.50
N ILE G 309 6.21 10.84 17.25
CA ILE G 309 5.93 9.61 16.52
C ILE G 309 4.92 8.78 17.30
N GLN G 310 5.00 8.86 18.63
CA GLN G 310 4.09 8.15 19.51
C GLN G 310 2.65 8.60 19.28
N THR G 311 2.43 9.91 19.34
CA THR G 311 1.09 10.47 19.23
C THR G 311 0.44 10.34 17.85
N TYR G 312 1.20 10.65 16.80
CA TYR G 312 0.65 10.75 15.45
C TYR G 312 0.61 9.42 14.67
N THR G 313 0.93 8.31 15.33
CA THR G 313 0.91 7.02 14.63
C THR G 313 -0.08 6.00 15.16
N LYS G 314 -1.34 6.39 15.35
CA LYS G 314 -2.35 5.43 15.76
C LYS G 314 -2.82 4.63 14.55
N VAL G 321 -5.65 17.59 12.84
CA VAL G 321 -4.48 17.27 12.02
C VAL G 321 -4.70 17.74 10.59
N PRO G 322 -4.29 18.98 10.30
CA PRO G 322 -4.42 19.65 9.00
C PRO G 322 -3.63 18.99 7.88
N SER G 323 -3.52 19.67 6.74
CA SER G 323 -2.75 19.17 5.61
C SER G 323 -1.69 20.19 5.21
N LEU G 324 -0.48 19.68 4.99
CA LEU G 324 0.67 20.53 4.70
C LEU G 324 0.83 20.79 3.20
N ASP G 325 -0.08 21.58 2.64
CA ASP G 325 -0.13 21.83 1.21
C ASP G 325 1.11 22.55 0.67
N ASN G 326 1.57 23.58 1.37
CA ASN G 326 2.77 24.29 0.95
C ASN G 326 3.96 23.36 0.97
N ALA G 327 4.00 22.50 1.98
CA ALA G 327 5.08 21.54 2.13
C ALA G 327 5.09 20.54 0.98
N ILE G 328 3.95 19.93 0.69
CA ILE G 328 3.87 18.92 -0.36
C ILE G 328 4.10 19.52 -1.75
N LEU G 329 3.66 20.76 -1.93
CA LEU G 329 3.91 21.49 -3.17
C LEU G 329 5.41 21.68 -3.33
N ASN G 330 6.06 22.13 -2.26
CA ASN G 330 7.51 22.29 -2.26
C ASN G 330 8.25 20.97 -2.43
N ILE G 331 7.62 19.86 -2.04
CA ILE G 331 8.19 18.54 -2.28
C ILE G 331 8.11 18.20 -3.76
N ARG G 332 7.00 18.54 -4.40
CA ARG G 332 6.87 18.34 -5.84
C ARG G 332 7.95 19.15 -6.56
N GLN G 333 8.20 20.36 -6.09
CA GLN G 333 9.28 21.16 -6.68
C GLN G 333 10.66 20.56 -6.43
N PHE G 334 10.90 20.15 -5.19
CA PHE G 334 12.16 19.54 -4.77
C PHE G 334 12.56 18.31 -5.58
N GLN G 335 11.58 17.46 -5.88
CA GLN G 335 11.80 16.31 -6.75
C GLN G 335 11.94 16.74 -8.19
N GLY G 336 11.95 15.77 -9.10
CA GLY G 336 11.92 16.05 -10.52
C GLY G 336 10.69 16.91 -10.76
N THR G 337 10.88 18.01 -11.47
CA THR G 337 9.83 19.02 -11.61
C THR G 337 8.54 18.42 -12.14
N GLN G 338 8.54 18.01 -13.40
CA GLN G 338 7.36 17.44 -14.05
C GLN G 338 6.18 18.38 -13.96
N LYS G 339 6.40 19.62 -14.40
CA LYS G 339 5.43 20.68 -14.24
C LYS G 339 5.47 21.62 -15.42
N LEU G 340 4.90 22.80 -15.20
CA LEU G 340 5.08 23.93 -16.10
C LEU G 340 6.52 24.44 -16.03
N ALA G 341 7.27 23.96 -15.04
CA ALA G 341 8.67 24.36 -14.88
C ALA G 341 9.54 23.95 -16.08
N GLN G 342 9.42 22.69 -16.50
CA GLN G 342 10.15 22.22 -17.66
C GLN G 342 9.73 22.94 -18.92
N ALA G 343 8.42 23.03 -19.13
CA ALA G 343 7.86 23.72 -20.29
C ALA G 343 8.37 25.16 -20.36
N ALA G 344 8.46 25.80 -19.22
CA ALA G 344 8.93 27.18 -19.13
C ALA G 344 10.41 27.27 -19.44
N LEU G 345 11.20 26.32 -18.94
CA LEU G 345 12.63 26.31 -19.20
C LEU G 345 12.95 26.06 -20.67
N LEU G 346 12.24 25.11 -21.26
CA LEU G 346 12.38 24.78 -22.68
C LEU G 346 11.93 25.93 -23.57
N TYR G 347 10.78 26.50 -23.23
CA TYR G 347 10.24 27.66 -23.93
C TYR G 347 11.26 28.80 -23.90
N MET G 348 11.84 29.01 -22.73
CA MET G 348 12.86 30.02 -22.52
C MET G 348 14.08 29.74 -23.39
N GLY G 349 14.45 28.47 -23.48
CA GLY G 349 15.60 28.07 -24.27
C GLY G 349 15.42 28.28 -25.77
N SER G 350 14.24 27.95 -26.27
CA SER G 350 13.98 27.98 -27.71
C SER G 350 13.53 29.36 -28.22
N LYS G 351 12.77 30.09 -27.41
CA LYS G 351 12.12 31.30 -27.89
C LYS G 351 12.66 32.60 -27.29
N LEU G 352 13.46 32.50 -26.23
CA LEU G 352 13.87 33.70 -25.51
C LEU G 352 15.38 33.93 -25.52
N THR G 353 16.00 33.65 -26.67
CA THR G 353 17.43 33.92 -26.83
C THR G 353 17.68 35.14 -27.72
N SER G 354 18.75 35.86 -27.42
CA SER G 354 19.20 37.00 -28.21
C SER G 354 19.79 36.52 -29.52
N GLN G 355 20.07 37.46 -30.41
CA GLN G 355 20.54 37.14 -31.75
C GLN G 355 21.86 36.38 -31.77
N ASP G 356 22.80 36.83 -30.97
CA ASP G 356 24.10 36.18 -30.88
C ASP G 356 23.94 34.76 -30.35
N GLU G 357 23.14 34.62 -29.30
CA GLU G 357 22.92 33.34 -28.68
C GLU G 357 22.27 32.33 -29.63
N THR G 358 21.18 32.73 -30.27
CA THR G 358 20.50 31.84 -31.21
C THR G 358 21.40 31.50 -32.39
N LYS G 359 22.16 32.48 -32.88
CA LYS G 359 23.07 32.26 -33.99
C LYS G 359 24.12 31.20 -33.64
N GLU G 360 24.80 31.41 -32.53
CA GLU G 360 25.86 30.50 -32.08
C GLU G 360 25.34 29.11 -31.77
N LEU G 361 24.21 29.05 -31.04
CA LEU G 361 23.62 27.77 -30.66
C LEU G 361 23.12 26.97 -31.86
N THR G 362 22.46 27.66 -32.80
CA THR G 362 21.97 27.00 -34.01
C THR G 362 23.15 26.49 -34.82
N ALA G 363 24.22 27.30 -34.89
CA ALA G 363 25.42 26.91 -35.59
C ALA G 363 26.04 25.65 -34.99
N ILE G 364 26.24 25.66 -33.68
CA ILE G 364 26.82 24.52 -32.97
C ILE G 364 25.98 23.25 -33.11
N PHE G 365 24.67 23.41 -32.96
CA PHE G 365 23.75 22.28 -33.05
C PHE G 365 23.76 21.69 -34.44
N HIS G 366 23.82 22.56 -35.45
CA HIS G 366 23.91 22.11 -36.83
C HIS G 366 25.22 21.37 -37.07
N LYS G 367 26.30 21.90 -36.50
CA LYS G 367 27.62 21.29 -36.61
C LYS G 367 27.67 19.89 -35.97
N MET G 368 26.94 19.71 -34.89
CA MET G 368 26.93 18.43 -34.17
C MET G 368 25.91 17.43 -34.73
N ASP G 369 24.88 17.93 -35.40
CA ASP G 369 23.87 17.07 -36.01
C ASP G 369 24.34 16.57 -37.38
N LYS G 370 24.99 15.41 -37.38
CA LYS G 370 25.63 14.89 -38.58
C LYS G 370 24.66 14.49 -39.69
N ASN G 371 23.59 13.79 -39.35
CA ASN G 371 22.62 13.36 -40.37
C ASN G 371 21.56 14.41 -40.65
N GLY G 372 21.53 15.47 -39.83
CA GLY G 372 20.64 16.58 -40.06
C GLY G 372 19.18 16.31 -39.77
N ASP G 373 18.90 15.29 -38.98
CA ASP G 373 17.51 14.94 -38.64
C ASP G 373 16.87 15.96 -37.71
N GLY G 374 17.70 16.78 -37.08
CA GLY G 374 17.22 17.78 -36.15
C GLY G 374 17.34 17.32 -34.71
N GLN G 375 17.98 16.17 -34.51
CA GLN G 375 18.18 15.62 -33.19
C GLN G 375 19.64 15.28 -32.95
N LEU G 376 20.07 15.39 -31.69
CA LEU G 376 21.37 14.87 -31.29
C LEU G 376 21.20 13.57 -30.54
N ASP G 377 21.95 12.55 -30.94
CA ASP G 377 21.91 11.26 -30.27
C ASP G 377 23.22 11.03 -29.52
N ARG G 378 23.39 9.84 -28.97
CA ARG G 378 24.58 9.50 -28.20
C ARG G 378 25.86 9.70 -29.01
N ALA G 379 25.89 9.15 -30.21
CA ALA G 379 27.08 9.18 -31.06
C ALA G 379 27.50 10.60 -31.44
N GLU G 380 26.55 11.39 -31.94
CA GLU G 380 26.83 12.76 -32.36
C GLU G 380 27.26 13.62 -31.17
N LEU G 381 26.61 13.41 -30.02
CA LEU G 381 26.97 14.13 -28.81
C LEU G 381 28.40 13.79 -28.40
N ILE G 382 28.76 12.52 -28.53
CA ILE G 382 30.11 12.07 -28.21
C ILE G 382 31.15 12.70 -29.14
N GLU G 383 30.89 12.65 -30.44
CA GLU G 383 31.84 13.16 -31.42
C GLU G 383 31.98 14.69 -31.38
N GLY G 384 30.91 15.38 -31.00
CA GLY G 384 30.92 16.84 -30.96
C GLY G 384 31.17 17.44 -29.59
N TYR G 385 31.27 16.58 -28.57
CA TYR G 385 31.34 17.03 -27.18
C TYR G 385 32.55 17.91 -26.89
N LYS G 386 33.74 17.40 -27.20
CA LYS G 386 34.98 18.10 -26.91
C LYS G 386 35.01 19.49 -27.53
N GLU G 387 34.42 19.61 -28.70
CA GLU G 387 34.36 20.89 -29.41
C GLU G 387 33.29 21.80 -28.81
N LEU G 388 32.21 21.21 -28.31
CA LEU G 388 31.20 21.98 -27.60
C LEU G 388 31.82 22.63 -26.35
N MET G 389 32.61 21.83 -25.64
CA MET G 389 33.33 22.34 -24.47
C MET G 389 34.41 23.33 -24.90
N ARG G 390 34.96 23.13 -26.10
CA ARG G 390 35.91 24.08 -26.67
C ARG G 390 35.22 25.42 -26.89
N MET G 391 33.93 25.37 -27.21
CA MET G 391 33.10 26.57 -27.33
C MET G 391 32.85 27.18 -25.96
N LYS G 392 32.69 26.33 -24.94
CA LYS G 392 32.35 26.81 -23.62
C LYS G 392 33.60 26.98 -22.75
N ASP G 395 36.24 24.46 -21.53
CA ASP G 395 36.52 23.56 -20.42
C ASP G 395 37.65 22.59 -20.76
N ALA G 396 38.50 23.02 -21.69
CA ALA G 396 39.67 22.27 -22.17
C ALA G 396 39.30 20.93 -22.82
N SER G 397 38.99 19.94 -21.99
CA SER G 397 38.42 18.67 -22.43
C SER G 397 39.25 17.87 -23.46
N MET G 398 40.32 18.46 -23.99
CA MET G 398 41.19 17.76 -24.92
C MET G 398 41.85 16.55 -24.26
N LEU G 399 42.11 16.65 -22.97
CA LEU G 399 42.74 15.58 -22.22
C LEU G 399 41.73 14.61 -21.62
N ASP G 400 40.86 14.06 -22.46
CA ASP G 400 39.80 13.20 -21.95
C ASP G 400 39.75 11.84 -22.66
N ALA G 401 39.80 10.75 -21.89
CA ALA G 401 39.67 9.40 -22.43
C ALA G 401 38.24 9.16 -22.95
N SER G 402 38.13 8.58 -24.13
CA SER G 402 36.83 8.42 -24.82
C SER G 402 35.72 7.78 -23.98
N ALA G 403 36.08 6.85 -23.10
CA ALA G 403 35.08 6.15 -22.29
C ALA G 403 34.38 7.05 -21.28
N VAL G 404 35.14 7.90 -20.60
CA VAL G 404 34.55 8.81 -19.64
C VAL G 404 33.78 9.87 -20.41
N GLU G 405 34.17 10.08 -21.66
CA GLU G 405 33.43 10.98 -22.54
C GLU G 405 32.04 10.41 -22.80
N HIS G 406 31.98 9.11 -23.08
CA HIS G 406 30.69 8.44 -23.26
C HIS G 406 29.86 8.52 -21.98
N GLU G 407 30.54 8.36 -20.83
CA GLU G 407 29.87 8.39 -19.54
C GLU G 407 29.23 9.75 -19.28
N VAL G 408 30.01 10.81 -19.46
CA VAL G 408 29.54 12.18 -19.29
C VAL G 408 28.42 12.47 -20.29
N ASP G 409 28.57 11.94 -21.50
CA ASP G 409 27.54 12.07 -22.52
C ASP G 409 26.23 11.46 -22.07
N GLN G 410 26.31 10.38 -21.28
CA GLN G 410 25.11 9.77 -20.72
C GLN G 410 24.53 10.60 -19.58
N VAL G 411 25.42 11.14 -18.74
CA VAL G 411 25.01 11.98 -17.63
C VAL G 411 24.23 13.19 -18.14
N LEU G 412 24.76 13.86 -19.15
CA LEU G 412 24.02 14.92 -19.83
C LEU G 412 22.80 14.38 -20.57
N ASP G 413 22.90 13.16 -21.10
CA ASP G 413 21.76 12.50 -21.74
C ASP G 413 20.60 12.30 -20.76
N ALA G 414 20.87 12.53 -19.48
CA ALA G 414 19.80 12.57 -18.48
C ALA G 414 19.06 13.92 -18.48
N VAL G 415 19.40 14.80 -19.41
CA VAL G 415 18.64 16.03 -19.61
C VAL G 415 17.62 15.83 -20.73
N ASP G 416 17.49 14.59 -21.18
CA ASP G 416 16.52 14.24 -22.19
C ASP G 416 15.16 14.15 -21.52
N PHE G 417 14.51 15.31 -21.38
CA PHE G 417 13.30 15.44 -20.56
C PHE G 417 12.19 14.47 -20.95
N ASP G 418 11.85 14.43 -22.22
CA ASP G 418 10.79 13.55 -22.71
C ASP G 418 11.24 12.10 -22.77
N LYS G 419 12.55 11.88 -22.70
CA LYS G 419 13.13 10.53 -22.74
C LYS G 419 12.77 9.77 -24.01
N ASN G 420 12.66 10.49 -25.12
CA ASN G 420 12.42 9.86 -26.42
C ASN G 420 13.69 9.19 -26.93
N GLY G 421 14.82 9.53 -26.31
CA GLY G 421 16.10 8.94 -26.65
C GLY G 421 17.02 9.86 -27.42
N TYR G 422 16.53 11.06 -27.73
CA TYR G 422 17.32 12.04 -28.46
C TYR G 422 17.29 13.40 -27.76
N ILE G 423 18.33 14.20 -27.99
CA ILE G 423 18.36 15.55 -27.46
C ILE G 423 18.10 16.58 -28.57
N GLU G 424 16.96 17.26 -28.45
CA GLU G 424 16.53 18.27 -29.40
C GLU G 424 17.33 19.56 -29.28
N TYR G 425 16.94 20.58 -30.04
CA TYR G 425 17.59 21.88 -29.96
C TYR G 425 17.33 22.57 -28.62
N SER G 426 16.06 22.58 -28.19
CA SER G 426 15.67 23.25 -26.95
C SER G 426 16.38 22.63 -25.75
N GLU G 427 16.33 21.31 -25.68
CA GLU G 427 17.06 20.57 -24.66
C GLU G 427 18.55 20.89 -24.76
N PHE G 428 19.05 20.98 -25.98
CA PHE G 428 20.46 21.30 -26.19
C PHE G 428 20.88 22.67 -25.68
N VAL G 429 20.05 23.70 -25.89
CA VAL G 429 20.39 25.03 -25.38
C VAL G 429 20.31 24.97 -23.86
N THR G 430 19.37 24.18 -23.36
CA THR G 430 19.30 23.93 -21.93
C THR G 430 20.65 23.39 -21.42
N VAL G 431 21.29 22.53 -22.22
CA VAL G 431 22.60 21.98 -21.84
C VAL G 431 23.79 22.95 -21.99
N ALA G 432 23.97 23.45 -23.21
CA ALA G 432 25.14 24.22 -23.59
C ALA G 432 25.24 25.57 -22.88
N MET G 433 24.09 26.15 -22.59
CA MET G 433 24.05 27.42 -21.88
C MET G 433 23.95 27.14 -20.40
N ASP G 434 24.89 27.66 -19.62
CA ASP G 434 24.85 27.46 -18.17
C ASP G 434 23.63 28.14 -17.57
N ARG G 435 23.14 27.59 -16.47
CA ARG G 435 21.90 28.06 -15.86
C ARG G 435 21.98 29.53 -15.45
N LYS G 436 23.20 29.99 -15.17
CA LYS G 436 23.42 31.38 -14.81
C LYS G 436 23.01 32.33 -15.93
N THR G 437 23.29 31.94 -17.17
CA THR G 437 22.93 32.76 -18.32
C THR G 437 21.52 32.48 -18.80
N LEU G 438 21.20 31.20 -19.00
CA LEU G 438 19.89 30.78 -19.49
C LEU G 438 18.77 31.24 -18.56
N LEU G 439 19.04 31.22 -17.25
CA LEU G 439 18.07 31.65 -16.26
C LEU G 439 18.56 32.88 -15.50
N SER G 440 19.06 33.87 -16.23
CA SER G 440 19.47 35.12 -15.62
C SER G 440 18.26 35.91 -15.17
N ARG G 441 18.49 36.95 -14.35
CA ARG G 441 17.42 37.78 -13.85
C ARG G 441 16.70 38.49 -15.00
N GLU G 442 17.48 38.94 -15.98
CA GLU G 442 16.94 39.65 -17.13
C GLU G 442 16.02 38.76 -17.98
N ARG G 443 16.51 37.58 -18.32
CA ARG G 443 15.74 36.66 -19.16
C ARG G 443 14.50 36.15 -18.42
N LEU G 444 14.64 35.96 -17.11
CA LEU G 444 13.50 35.55 -16.29
C LEU G 444 12.44 36.64 -16.26
N GLU G 445 12.87 37.88 -16.11
CA GLU G 445 11.96 39.01 -16.10
C GLU G 445 11.26 39.17 -17.44
N ARG G 446 12.01 39.04 -18.52
CA ARG G 446 11.45 39.12 -19.87
C ARG G 446 10.43 38.02 -20.09
N ALA G 447 10.77 36.82 -19.64
CA ALA G 447 9.88 35.67 -19.74
C ALA G 447 8.57 35.92 -19.01
N PHE G 448 8.68 36.25 -17.73
CA PHE G 448 7.51 36.49 -16.90
C PHE G 448 6.63 37.61 -17.46
N ARG G 449 7.28 38.65 -17.98
CA ARG G 449 6.56 39.76 -18.60
C ARG G 449 5.81 39.29 -19.84
N MET G 450 6.44 38.39 -20.59
CA MET G 450 5.84 37.82 -21.78
C MET G 450 4.61 36.99 -21.44
N PHE G 451 4.73 36.18 -20.38
CA PHE G 451 3.63 35.33 -19.93
C PHE G 451 2.46 36.15 -19.38
N ASP G 452 2.78 37.20 -18.64
CA ASP G 452 1.78 38.05 -18.00
C ASP G 452 1.25 39.11 -18.95
N SER G 453 0.22 38.77 -19.71
CA SER G 453 -0.30 39.63 -20.76
C SER G 453 -0.96 40.90 -20.24
N ASP G 454 -1.85 40.76 -19.25
CA ASP G 454 -2.58 41.92 -18.73
C ASP G 454 -1.73 42.76 -17.78
N ASN G 455 -0.48 42.36 -17.59
CA ASN G 455 0.48 43.10 -16.78
C ASN G 455 0.04 43.24 -15.33
N SER G 456 -0.70 42.26 -14.83
CA SER G 456 -1.20 42.28 -13.46
C SER G 456 -0.08 42.02 -12.45
N GLY G 457 0.97 41.36 -12.91
CA GLY G 457 2.08 40.99 -12.04
C GLY G 457 2.00 39.54 -11.62
N LYS G 458 0.93 38.87 -12.03
CA LYS G 458 0.76 37.44 -11.79
C LYS G 458 0.26 36.76 -13.05
N ILE G 459 0.56 35.46 -13.19
CA ILE G 459 0.14 34.70 -14.36
C ILE G 459 -1.11 33.86 -14.10
N SER G 460 -2.18 34.13 -14.83
CA SER G 460 -3.42 33.38 -14.70
C SER G 460 -3.36 32.09 -15.51
N SER G 461 -4.36 31.24 -15.33
CA SER G 461 -4.43 29.97 -16.06
C SER G 461 -4.60 30.17 -17.56
N THR G 462 -5.40 31.16 -17.94
CA THR G 462 -5.66 31.45 -19.34
C THR G 462 -4.40 31.93 -20.06
N GLU G 463 -3.52 32.62 -19.34
CA GLU G 463 -2.27 33.11 -19.92
C GLU G 463 -1.29 31.96 -20.17
N LEU G 464 -1.23 31.03 -19.22
CA LEU G 464 -0.44 29.81 -19.39
C LEU G 464 -0.97 29.03 -20.58
N ALA G 465 -2.28 28.87 -20.62
CA ALA G 465 -2.97 28.20 -21.70
C ALA G 465 -2.72 28.87 -23.05
N THR G 466 -2.50 30.18 -23.04
CA THR G 466 -2.23 30.93 -24.26
C THR G 466 -0.80 30.68 -24.72
N ILE G 467 0.12 30.70 -23.76
CA ILE G 467 1.55 30.50 -24.05
C ILE G 467 1.84 29.08 -24.54
N PHE G 468 1.30 28.06 -23.88
CA PHE G 468 1.58 26.68 -24.28
C PHE G 468 0.37 25.90 -24.72
N GLY G 469 -0.33 26.34 -25.77
CA GLY G 469 -1.59 25.69 -26.11
C GLY G 469 -2.59 26.42 -26.98
N VAL G 470 -3.73 25.76 -27.18
CA VAL G 470 -4.89 26.35 -27.85
C VAL G 470 -5.78 27.12 -26.89
N SER G 471 -5.42 27.09 -25.61
CA SER G 471 -6.10 27.83 -24.56
C SER G 471 -7.52 27.31 -24.28
N ASP G 472 -7.65 26.00 -24.15
CA ASP G 472 -8.91 25.40 -23.75
C ASP G 472 -8.88 25.06 -22.26
N VAL G 473 -9.20 26.05 -21.44
CA VAL G 473 -9.11 25.92 -19.99
C VAL G 473 -10.08 24.87 -19.45
N GLU G 476 -10.58 22.07 -15.23
CA GLU G 476 -9.56 22.98 -15.77
C GLU G 476 -8.16 22.41 -15.59
N THR G 477 -7.61 21.88 -16.68
CA THR G 477 -6.26 21.34 -16.69
C THR G 477 -5.22 22.41 -16.35
N TRP G 478 -5.28 23.53 -17.07
CA TRP G 478 -4.31 24.62 -16.88
C TRP G 478 -4.31 25.18 -15.46
N LYS G 479 -5.47 25.17 -14.82
CA LYS G 479 -5.58 25.59 -13.42
C LYS G 479 -4.83 24.60 -12.52
N SER G 480 -4.96 23.33 -12.84
CA SER G 480 -4.29 22.27 -12.10
C SER G 480 -2.76 22.34 -12.26
N VAL G 481 -2.33 22.60 -13.50
CA VAL G 481 -0.91 22.76 -13.80
C VAL G 481 -0.37 23.98 -13.06
N LEU G 482 -1.20 25.02 -12.96
CA LEU G 482 -0.81 26.25 -12.28
C LEU G 482 -0.68 26.05 -10.78
N SER G 483 -1.65 25.35 -10.18
CA SER G 483 -1.70 25.15 -8.73
C SER G 483 -0.45 24.46 -8.18
N GLU G 484 0.17 23.62 -9.00
CA GLU G 484 1.38 22.89 -8.60
C GLU G 484 2.56 23.84 -8.38
N VAL G 485 2.43 25.06 -8.89
CA VAL G 485 3.49 26.05 -8.78
C VAL G 485 3.01 27.20 -7.91
N ASP G 486 1.69 27.29 -7.77
CA ASP G 486 1.06 28.36 -6.99
C ASP G 486 1.24 28.14 -5.49
N LYS G 487 2.25 28.79 -4.93
CA LYS G 487 2.62 28.59 -3.52
C LYS G 487 1.59 29.10 -2.51
N ASN G 488 1.22 30.37 -2.62
CA ASN G 488 0.33 30.97 -1.64
C ASN G 488 -1.14 30.77 -1.99
N ASN G 489 -1.39 29.99 -3.03
CA ASN G 489 -2.73 29.57 -3.42
C ASN G 489 -3.69 30.72 -3.73
N ASP G 490 -3.17 31.79 -4.33
CA ASP G 490 -4.03 32.89 -4.77
C ASP G 490 -4.71 32.59 -6.10
N GLY G 491 -4.23 31.55 -6.78
CA GLY G 491 -4.80 31.10 -8.04
C GLY G 491 -4.06 31.57 -9.27
N GLU G 492 -2.98 32.34 -9.05
CA GLU G 492 -2.16 32.84 -10.14
C GLU G 492 -0.68 32.68 -9.79
N VAL G 493 0.20 32.99 -10.73
CA VAL G 493 1.63 32.87 -10.48
C VAL G 493 2.33 34.22 -10.52
N ASP G 494 2.71 34.71 -9.35
CA ASP G 494 3.47 35.95 -9.27
C ASP G 494 4.93 35.68 -9.62
N PHE G 495 5.72 36.74 -9.76
CA PHE G 495 7.10 36.59 -10.20
C PHE G 495 7.93 35.78 -9.21
N ASP G 496 7.60 35.90 -7.93
CA ASP G 496 8.30 35.16 -6.91
C ASP G 496 8.15 33.67 -7.14
N GLU G 497 6.93 33.20 -7.34
CA GLU G 497 6.68 31.77 -7.50
C GLU G 497 7.26 31.25 -8.82
N PHE G 498 7.26 32.11 -9.84
CA PHE G 498 7.84 31.79 -11.15
C PHE G 498 9.35 31.57 -11.04
N GLN G 499 10.04 32.56 -10.49
CA GLN G 499 11.48 32.53 -10.30
C GLN G 499 11.89 31.36 -9.40
N GLN G 500 11.16 31.21 -8.32
CA GLN G 500 11.34 30.13 -7.37
C GLN G 500 11.12 28.77 -8.02
N MET G 501 10.18 28.73 -8.97
CA MET G 501 9.87 27.51 -9.70
C MET G 501 11.03 27.09 -10.59
N LEU G 502 11.56 28.05 -11.35
CA LEU G 502 12.63 27.74 -12.28
C LEU G 502 13.98 27.56 -11.60
N LEU G 503 14.10 28.07 -10.38
CA LEU G 503 15.34 27.94 -9.63
C LEU G 503 15.13 27.07 -8.41
N LYS G 504 15.38 27.65 -7.23
CA LYS G 504 15.18 26.94 -5.97
C LYS G 504 14.40 27.85 -5.04
N LEU G 505 13.29 27.35 -4.50
CA LEU G 505 12.38 28.17 -3.72
C LEU G 505 12.91 28.37 -2.31
N CYS G 506 12.17 27.86 -1.33
CA CYS G 506 12.52 27.99 0.08
C CYS G 506 12.84 29.43 0.46
N GLN H 2 -0.59 39.55 -39.90
CA GLN H 2 -1.43 38.36 -40.00
C GLN H 2 -0.56 37.14 -40.36
N VAL H 3 -0.26 36.33 -39.36
CA VAL H 3 0.63 35.20 -39.55
C VAL H 3 -0.07 33.88 -39.22
N GLN H 4 -0.20 33.02 -40.23
CA GLN H 4 -0.91 31.76 -40.04
C GLN H 4 -0.61 30.73 -41.12
N LEU H 5 -0.98 29.49 -40.83
CA LEU H 5 -0.87 28.38 -41.77
C LEU H 5 -2.26 27.94 -42.20
N VAL H 6 -2.43 27.70 -43.49
CA VAL H 6 -3.73 27.30 -44.01
C VAL H 6 -3.64 25.89 -44.60
N GLU H 7 -4.61 25.05 -44.26
CA GLU H 7 -4.60 23.66 -44.72
C GLU H 7 -5.67 23.39 -45.76
N THR H 8 -5.32 22.58 -46.76
CA THR H 8 -6.25 22.15 -47.79
C THR H 8 -6.00 20.69 -48.13
N GLY H 9 -6.96 20.06 -48.81
CA GLY H 9 -6.81 18.68 -49.21
C GLY H 9 -7.65 17.69 -48.44
N GLY H 10 -8.48 18.19 -47.54
CA GLY H 10 -9.35 17.34 -46.75
C GLY H 10 -10.48 16.72 -47.54
N GLY H 11 -10.77 15.44 -47.26
CA GLY H 11 -11.85 14.75 -47.94
C GLY H 11 -12.19 13.38 -47.36
N LEU H 12 -13.16 12.72 -47.98
CA LEU H 12 -13.56 11.36 -47.61
C LEU H 12 -12.96 10.37 -48.58
N VAL H 13 -12.35 9.30 -48.05
CA VAL H 13 -11.67 8.32 -48.90
C VAL H 13 -11.88 6.88 -48.46
N GLN H 14 -11.82 5.97 -49.43
CA GLN H 14 -11.91 4.55 -49.17
C GLN H 14 -10.61 4.07 -48.51
N PRO H 15 -10.67 2.94 -47.78
CA PRO H 15 -9.43 2.40 -47.19
C PRO H 15 -8.39 2.03 -48.24
N GLY H 16 -7.11 2.20 -47.89
CA GLY H 16 -6.03 1.84 -48.79
C GLY H 16 -5.75 2.87 -49.88
N GLU H 17 -6.57 3.92 -49.93
CA GLU H 17 -6.37 4.97 -50.93
C GLU H 17 -5.24 5.92 -50.55
N SER H 18 -5.09 6.96 -51.36
CA SER H 18 -4.06 7.96 -51.13
C SER H 18 -4.61 9.38 -51.27
N LEU H 19 -4.08 10.30 -50.46
CA LEU H 19 -4.52 11.68 -50.49
C LEU H 19 -3.36 12.64 -50.25
N ARG H 20 -3.48 13.85 -50.76
CA ARG H 20 -2.42 14.82 -50.66
C ARG H 20 -2.89 16.10 -49.99
N LEU H 21 -2.25 16.47 -48.88
CA LEU H 21 -2.63 17.64 -48.12
C LEU H 21 -1.63 18.76 -48.32
N SER H 22 -2.11 19.99 -48.29
CA SER H 22 -1.26 21.15 -48.52
C SER H 22 -1.35 22.13 -47.35
N CYS H 23 -0.21 22.69 -46.99
CA CYS H 23 -0.15 23.72 -45.96
C CYS H 23 0.61 24.92 -46.49
N VAL H 24 -0.08 26.07 -46.55
CA VAL H 24 0.54 27.28 -47.06
C VAL H 24 0.75 28.27 -45.94
N ALA H 25 1.88 28.97 -45.96
CA ALA H 25 2.18 29.96 -44.94
C ALA H 25 1.86 31.36 -45.43
N SER H 26 0.93 32.02 -44.73
CA SER H 26 0.59 33.40 -45.07
C SER H 26 1.02 34.34 -43.95
N GLY H 27 1.74 35.39 -44.32
CA GLY H 27 2.25 36.35 -43.36
C GLY H 27 3.71 36.11 -43.05
N PHE H 28 4.20 34.93 -43.43
CA PHE H 28 5.60 34.59 -43.22
C PHE H 28 6.04 33.50 -44.19
N THR H 29 7.35 33.31 -44.30
CA THR H 29 7.90 32.29 -45.18
C THR H 29 8.38 31.08 -44.40
N LEU H 30 8.38 29.93 -45.06
CA LEU H 30 8.82 28.69 -44.43
C LEU H 30 10.33 28.49 -44.57
N ASP H 31 11.01 29.52 -45.07
CA ASP H 31 12.44 29.43 -45.39
C ASP H 31 13.28 28.99 -44.19
N HIS H 32 12.96 29.52 -43.01
CA HIS H 32 13.67 29.17 -41.79
C HIS H 32 12.77 28.41 -40.84
N SER H 33 11.68 27.87 -41.38
CA SER H 33 10.70 27.18 -40.54
C SER H 33 10.75 25.68 -40.74
N ALA H 34 10.74 24.96 -39.62
CA ALA H 34 10.49 23.54 -39.60
C ALA H 34 9.01 23.34 -39.38
N VAL H 35 8.37 22.61 -40.29
CA VAL H 35 6.92 22.47 -40.24
C VAL H 35 6.56 21.03 -39.94
N GLY H 36 5.59 20.85 -39.03
CA GLY H 36 5.16 19.53 -38.65
C GLY H 36 3.67 19.32 -38.85
N TRP H 37 3.32 18.09 -39.19
CA TRP H 37 1.93 17.69 -39.33
C TRP H 37 1.44 16.98 -38.07
N PHE H 38 0.22 17.30 -37.67
CA PHE H 38 -0.38 16.71 -36.49
C PHE H 38 -1.78 16.20 -36.84
N ARG H 39 -2.13 15.09 -36.20
CA ARG H 39 -3.47 14.51 -36.34
C ARG H 39 -4.16 14.48 -34.99
N GLN H 40 -5.38 15.00 -34.96
CA GLN H 40 -6.17 14.99 -33.73
C GLN H 40 -7.50 14.29 -33.91
N VAL H 41 -7.74 13.30 -33.07
CA VAL H 41 -9.05 12.67 -32.96
C VAL H 41 -9.83 13.38 -31.87
N PRO H 42 -11.16 13.49 -32.04
CA PRO H 42 -12.01 14.22 -31.09
C PRO H 42 -11.89 13.75 -29.65
N GLY H 43 -11.67 14.69 -28.73
CA GLY H 43 -11.55 14.38 -27.32
C GLY H 43 -10.21 13.79 -26.92
N LYS H 44 -9.22 13.92 -27.81
CA LYS H 44 -7.89 13.38 -27.54
C LYS H 44 -6.82 14.44 -27.82
N GLU H 45 -5.71 14.36 -27.09
CA GLU H 45 -4.65 15.35 -27.24
C GLU H 45 -3.93 15.15 -28.57
N ARG H 46 -3.36 16.24 -29.10
CA ARG H 46 -2.70 16.23 -30.40
C ARG H 46 -1.48 15.29 -30.48
N GLU H 47 -1.38 14.57 -31.59
CA GLU H 47 -0.33 13.59 -31.80
C GLU H 47 0.59 13.99 -32.95
N LYS H 48 1.90 13.94 -32.71
CA LYS H 48 2.89 14.22 -33.75
C LYS H 48 2.84 13.18 -34.86
N LEU H 49 2.87 13.63 -36.11
CA LEU H 49 2.92 12.72 -37.26
C LEU H 49 4.27 12.77 -37.95
N LEU H 50 4.58 13.93 -38.49
CA LEU H 50 5.82 14.11 -39.24
C LEU H 50 6.34 15.52 -39.04
N CYS H 51 7.62 15.71 -39.34
CA CYS H 51 8.22 17.02 -39.29
C CYS H 51 9.29 17.13 -40.35
N ILE H 52 9.35 18.27 -41.02
CA ILE H 52 10.47 18.54 -41.89
C ILE H 52 11.17 19.80 -41.39
N ASN H 53 12.49 19.73 -41.28
CA ASN H 53 13.28 20.87 -40.87
C ASN H 53 13.40 21.88 -41.99
N ALA H 54 14.51 22.60 -42.00
CA ALA H 54 14.89 23.38 -43.17
C ALA H 54 15.26 22.43 -44.31
N ASN H 55 15.41 21.15 -43.99
CA ASN H 55 15.84 20.15 -44.96
C ASN H 55 15.26 18.74 -44.72
N GLY H 56 15.61 18.14 -43.58
CA GLY H 56 15.36 16.73 -43.32
C GLY H 56 14.01 16.32 -42.75
N VAL H 57 13.70 15.03 -42.87
CA VAL H 57 12.40 14.48 -42.49
C VAL H 57 12.46 13.60 -41.24
N SER H 58 11.49 13.78 -40.34
CA SER H 58 11.37 12.90 -39.16
C SER H 58 9.97 12.27 -39.05
N LEU H 59 9.95 10.96 -38.77
CA LEU H 59 8.71 10.20 -38.61
C LEU H 59 8.30 10.09 -37.15
N ASP H 60 7.81 11.20 -36.59
CA ASP H 60 7.47 11.29 -35.17
C ASP H 60 6.41 10.31 -34.63
N TYR H 61 5.90 9.40 -35.45
CA TYR H 61 4.87 8.49 -34.95
C TYR H 61 5.28 7.01 -35.05
N ALA H 62 4.50 6.15 -34.41
CA ALA H 62 4.65 4.71 -34.54
C ALA H 62 4.27 4.21 -35.93
N ASP H 63 3.93 2.93 -36.02
CA ASP H 63 3.64 2.30 -37.31
C ASP H 63 2.31 2.72 -37.90
N SER H 64 1.65 3.70 -37.29
CA SER H 64 0.39 4.19 -37.82
C SER H 64 0.62 4.96 -39.12
N ILE H 65 1.74 5.69 -39.17
CA ILE H 65 2.09 6.45 -40.36
C ILE H 65 3.36 5.92 -41.04
N LYS H 66 3.97 4.91 -40.43
CA LYS H 66 5.24 4.38 -40.94
C LYS H 66 5.13 3.76 -42.33
N GLY H 67 5.94 4.27 -43.25
CA GLY H 67 6.00 3.75 -44.60
C GLY H 67 4.84 4.20 -45.46
N ARG H 68 3.87 4.86 -44.83
CA ARG H 68 2.66 5.25 -45.53
C ARG H 68 2.48 6.76 -45.69
N PHE H 69 2.98 7.53 -44.71
CA PHE H 69 2.86 8.98 -44.80
C PHE H 69 4.24 9.59 -44.99
N THR H 70 4.34 10.52 -45.94
CA THR H 70 5.60 11.22 -46.19
C THR H 70 5.36 12.72 -46.19
N ILE H 71 6.29 13.49 -45.65
CA ILE H 71 6.16 14.94 -45.67
C ILE H 71 7.12 15.57 -46.66
N SER H 72 6.63 16.54 -47.42
CA SER H 72 7.41 17.17 -48.48
C SER H 72 7.43 18.68 -48.30
N ARG H 73 8.35 19.34 -48.98
CA ARG H 73 8.60 20.76 -48.75
C ARG H 73 8.97 21.52 -50.02
N ASP H 74 8.28 22.63 -50.26
CA ASP H 74 8.58 23.51 -51.39
C ASP H 74 8.54 24.97 -50.92
N ASN H 75 9.72 25.52 -50.63
CA ASN H 75 9.84 26.88 -50.14
C ASN H 75 9.37 27.95 -51.12
N ALA H 76 9.72 27.75 -52.39
CA ALA H 76 9.35 28.70 -53.44
C ALA H 76 7.83 28.83 -53.55
N LYS H 77 7.14 27.71 -53.43
CA LYS H 77 5.69 27.71 -53.45
C LYS H 77 5.13 27.86 -52.04
N ASN H 78 6.04 28.06 -51.09
CA ASN H 78 5.68 28.35 -49.70
C ASN H 78 4.78 27.29 -49.06
N THR H 79 4.96 26.04 -49.45
CA THR H 79 4.01 25.01 -49.09
C THR H 79 4.69 23.76 -48.53
N VAL H 80 4.05 23.17 -47.53
CA VAL H 80 4.49 21.89 -46.98
C VAL H 80 3.40 20.88 -47.29
N TYR H 81 3.79 19.75 -47.84
CA TYR H 81 2.83 18.76 -48.28
C TYR H 81 2.83 17.54 -47.38
N LEU H 82 1.68 16.88 -47.30
CA LEU H 82 1.61 15.61 -46.61
C LEU H 82 0.98 14.58 -47.54
N GLN H 83 1.82 13.64 -47.98
CA GLN H 83 1.41 12.58 -48.88
C GLN H 83 1.01 11.35 -48.07
N MET H 84 -0.27 11.01 -48.16
CA MET H 84 -0.85 9.92 -47.40
C MET H 84 -1.07 8.74 -48.32
N ASN H 85 -0.42 7.62 -48.02
CA ASN H 85 -0.56 6.42 -48.83
C ASN H 85 -1.08 5.28 -47.97
N ASP H 86 -1.79 4.33 -48.58
CA ASP H 86 -2.34 3.18 -47.87
C ASP H 86 -3.17 3.62 -46.66
N LEU H 87 -4.16 4.48 -46.91
CA LEU H 87 -4.99 5.02 -45.84
C LEU H 87 -5.82 3.95 -45.13
N LYS H 88 -5.90 4.08 -43.81
CA LYS H 88 -6.63 3.13 -42.97
C LYS H 88 -7.71 3.86 -42.18
N PRO H 89 -8.71 3.11 -41.67
CA PRO H 89 -9.69 3.72 -40.77
C PRO H 89 -9.05 4.21 -39.48
N GLU H 90 -7.81 3.82 -39.25
CA GLU H 90 -7.03 4.32 -38.14
C GLU H 90 -6.65 5.78 -38.36
N ASP H 91 -6.58 6.18 -39.62
CA ASP H 91 -6.03 7.48 -40.00
C ASP H 91 -7.03 8.63 -39.97
N THR H 92 -8.32 8.31 -39.93
CA THR H 92 -9.36 9.36 -39.99
C THR H 92 -9.37 10.26 -38.75
N ALA H 93 -9.17 11.56 -39.00
CA ALA H 93 -9.14 12.57 -37.95
C ALA H 93 -8.97 13.97 -38.56
N THR H 94 -8.75 14.97 -37.71
CA THR H 94 -8.46 16.32 -38.18
C THR H 94 -6.96 16.53 -38.33
N TYR H 95 -6.53 16.95 -39.51
CA TYR H 95 -5.11 17.13 -39.78
C TYR H 95 -4.76 18.61 -39.87
N SER H 96 -3.76 19.02 -39.10
CA SER H 96 -3.33 20.41 -39.06
C SER H 96 -1.81 20.50 -39.08
N CYS H 97 -1.26 21.69 -39.27
CA CYS H 97 0.19 21.84 -39.31
C CYS H 97 0.66 23.01 -38.45
N ALA H 98 1.90 22.92 -37.99
CA ALA H 98 2.46 23.98 -37.14
C ALA H 98 3.93 24.22 -37.49
N ALA H 99 4.47 25.33 -36.97
CA ALA H 99 5.84 25.71 -37.32
C ALA H 99 6.69 26.05 -36.10
N THR H 100 7.94 25.60 -36.14
CA THR H 100 8.94 25.99 -35.15
C THR H 100 10.23 26.39 -35.86
N ARG H 101 11.11 27.13 -35.21
CA ARG H 101 12.30 27.64 -35.89
C ARG H 101 13.34 26.54 -36.15
N GLU H 102 13.71 26.41 -37.42
CA GLU H 102 14.85 25.59 -37.86
C GLU H 102 14.69 24.07 -37.64
N PHE H 103 14.49 23.63 -36.39
CA PHE H 103 14.49 22.20 -36.12
C PHE H 103 13.11 21.74 -35.67
N CYS H 104 12.61 20.65 -36.28
CA CYS H 104 11.25 20.17 -36.03
C CYS H 104 11.07 19.31 -34.78
N SER H 105 10.06 18.44 -34.84
CA SER H 105 9.72 17.48 -33.78
C SER H 105 9.34 18.20 -32.49
N ALA H 106 10.29 18.26 -31.56
CA ALA H 106 10.12 18.97 -30.29
C ALA H 106 8.95 18.51 -29.43
N TYR H 107 8.51 19.42 -28.58
CA TYR H 107 7.30 19.28 -27.77
C TYR H 107 6.18 20.07 -28.43
N VAL H 108 4.98 19.51 -28.45
CA VAL H 108 3.85 20.12 -29.16
C VAL H 108 3.61 21.59 -28.77
N PHE H 109 3.85 21.94 -27.51
CA PHE H 109 3.60 23.29 -27.05
C PHE H 109 4.64 24.27 -27.59
N LEU H 110 5.74 23.75 -28.11
CA LEU H 110 6.81 24.57 -28.68
C LEU H 110 6.44 25.11 -30.06
N TYR H 111 5.32 24.64 -30.61
CA TYR H 111 4.88 25.06 -31.93
C TYR H 111 4.03 26.32 -31.92
N GLU H 112 3.99 27.00 -33.06
CA GLU H 112 3.23 28.23 -33.23
C GLU H 112 2.50 28.24 -34.57
N HIS H 113 1.67 29.25 -34.78
CA HIS H 113 1.02 29.50 -36.07
C HIS H 113 0.15 28.33 -36.55
N TRP H 114 -0.57 27.71 -35.60
CA TRP H 114 -1.45 26.60 -35.92
C TRP H 114 -2.54 26.99 -36.92
N GLY H 115 -3.02 26.00 -37.68
CA GLY H 115 -4.08 26.22 -38.65
C GLY H 115 -5.38 25.56 -38.23
N GLN H 116 -6.48 25.97 -38.85
CA GLN H 116 -7.79 25.40 -38.56
C GLN H 116 -7.85 23.93 -38.98
N GLY H 117 -7.02 23.58 -39.97
CA GLY H 117 -6.87 22.21 -40.40
C GLY H 117 -7.95 21.70 -41.35
N THR H 118 -7.76 20.49 -41.85
CA THR H 118 -8.73 19.86 -42.73
C THR H 118 -9.11 18.47 -42.23
N GLN H 119 -10.39 18.14 -42.35
CA GLN H 119 -10.88 16.81 -41.98
C GLN H 119 -10.52 15.74 -43.00
N VAL H 120 -9.91 14.66 -42.52
CA VAL H 120 -9.66 13.50 -43.37
C VAL H 120 -10.43 12.31 -42.82
N THR H 121 -11.31 11.73 -43.63
CA THR H 121 -12.15 10.64 -43.16
C THR H 121 -11.99 9.40 -44.05
N VAL H 122 -11.62 8.29 -43.41
CA VAL H 122 -11.47 7.02 -44.11
C VAL H 122 -12.65 6.10 -43.82
N SER H 123 -13.20 5.50 -44.88
CA SER H 123 -14.38 4.66 -44.78
C SER H 123 -14.18 3.50 -43.81
N SER H 124 -15.28 3.06 -43.20
CA SER H 124 -15.24 1.97 -42.23
C SER H 124 -15.94 0.73 -42.77
CA CA I . -37.41 -4.60 -55.58
CA CA J . -28.24 -7.78 -50.11
CA CA K . -10.35 -32.55 -50.77
CA CA L . -8.72 -28.15 -40.67
CA CA M . -37.06 11.38 42.88
CA CA N . -38.04 20.43 36.50
CA CA O . -55.31 45.61 37.17
CA CA P . -53.04 44.32 26.55
CA CA Q . 55.17 -20.88 48.80
CA CA R . 53.20 -28.78 40.54
CA CA S . 68.99 -52.28 29.50
CA CA T . 63.36 -49.45 21.19
CA CA U . 20.83 13.13 -35.54
CA CA V . 14.36 14.80 -26.23
CA CA W . -2.05 38.06 -15.45
CA CA X . 0.48 33.18 -6.48
#